data_6LS5
#
_entry.id   6LS5
#
_cell.length_a   67.599
_cell.length_b   83.523
_cell.length_c   276.929
_cell.angle_alpha   90.000
_cell.angle_beta   90.000
_cell.angle_gamma   90.000
#
_symmetry.space_group_name_H-M   'P 21 21 21'
#
loop_
_entity.id
_entity.type
_entity.pdbx_description
1 polymer 'Fructose-1,6-bisphosphatase 1'
2 non-polymer 2-(ethyldisulfanyl)-1,3-benzothiazole
3 non-polymer 'ADENOSINE MONOPHOSPHATE'
4 non-polymer 'MAGNESIUM ION'
5 water water
#
_entity_poly.entity_id   1
_entity_poly.type   'polypeptide(L)'
_entity_poly.pdbx_seq_one_letter_code
;MSYYHHHHHHEGVRTMADQAPFDTDVNTLTRFVMEEGRKARGTGELTQLLNSLCTAVKAISSAVRKAGIAHLYGIAGSTN
VTGDQVKKLDVLSNDLVMNMLKSSFATCVLVSEEDKHAIIVEPEKRGKYVVCFDPLDGSSNIDCLVSVGTIFGIYRKKST
DEPSEKDALQPGRNLVAAGYALYGSATMLVLAMDCGVNCFMLDPAIGEFILVDKDVKIKKKGKIYSLNEGYAKDFDPAVT
EYIQRKKFPPDNSAPYGARYVGSMVADVHRTLVYGGIFLYPANKKSPNGKLRLLYECNPMAYVMEKAGGMATTGKEAVLD
VIPTDIHQRAPVILGSPDDVLEFLKVYEKHSAQ
;
_entity_poly.pdbx_strand_id   A,B,C,D
#
# COMPACT_ATOMS: atom_id res chain seq x y z
N ASP A 25 19.78 1.20 -17.09
CA ASP A 25 19.81 0.65 -15.73
C ASP A 25 18.94 1.47 -14.78
N VAL A 26 18.02 0.79 -14.08
CA VAL A 26 17.17 1.46 -13.10
C VAL A 26 18.03 2.16 -12.05
N ASN A 27 17.58 3.34 -11.62
CA ASN A 27 18.25 4.12 -10.59
C ASN A 27 17.22 4.55 -9.55
N THR A 28 17.60 4.44 -8.28
CA THR A 28 16.75 4.85 -7.18
C THR A 28 17.34 6.08 -6.54
N LEU A 29 16.52 6.79 -5.76
CA LEU A 29 17.07 7.93 -5.03
C LEU A 29 18.22 7.49 -4.12
N THR A 30 18.06 6.38 -3.40
CA THR A 30 19.10 5.91 -2.49
C THR A 30 20.42 5.64 -3.22
N ARG A 31 20.34 4.94 -4.35
CA ARG A 31 21.54 4.64 -5.12
C ARG A 31 22.13 5.91 -5.73
N PHE A 32 21.27 6.78 -6.26
CA PHE A 32 21.73 8.02 -6.85
C PHE A 32 22.45 8.89 -5.83
N VAL A 33 21.87 9.02 -4.63
CA VAL A 33 22.51 9.86 -3.62
C VAL A 33 23.82 9.25 -3.18
N MET A 34 23.84 7.93 -2.95
CA MET A 34 25.06 7.24 -2.53
C MET A 34 26.17 7.40 -3.56
N GLU A 35 25.85 7.27 -4.85
CA GLU A 35 26.89 7.39 -5.87
C GLU A 35 27.41 8.83 -5.99
N GLU A 36 26.54 9.83 -5.86
CA GLU A 36 27.05 11.20 -5.90
C GLU A 36 27.93 11.49 -4.69
N GLY A 37 27.56 10.96 -3.52
CA GLY A 37 28.42 11.09 -2.35
C GLY A 37 29.78 10.44 -2.53
N ARG A 38 29.82 9.25 -3.18
CA ARG A 38 31.10 8.62 -3.48
C ARG A 38 31.91 9.45 -4.48
N LYS A 39 31.27 9.92 -5.55
CA LYS A 39 31.98 10.77 -6.50
C LYS A 39 32.53 12.03 -5.85
N ALA A 40 31.88 12.52 -4.79
CA ALA A 40 32.34 13.73 -4.12
C ALA A 40 33.43 13.46 -3.10
N ARG A 41 33.69 12.19 -2.78
CA ARG A 41 34.61 11.83 -1.72
C ARG A 41 34.22 12.53 -0.41
N GLY A 42 32.91 12.57 -0.16
CA GLY A 42 32.44 13.03 1.12
C GLY A 42 32.60 11.96 2.21
N THR A 43 32.41 12.41 3.45
CA THR A 43 32.46 11.53 4.60
C THR A 43 31.20 10.68 4.75
N GLY A 44 30.15 10.97 3.97
CA GLY A 44 28.89 10.25 4.07
C GLY A 44 27.84 10.95 4.90
N GLU A 45 28.14 12.13 5.43
CA GLU A 45 27.19 12.83 6.30
C GLU A 45 26.00 13.37 5.50
N LEU A 46 26.27 14.02 4.36
CA LEU A 46 25.17 14.55 3.54
C LEU A 46 24.31 13.43 2.99
N THR A 47 24.94 12.32 2.59
CA THR A 47 24.22 11.14 2.17
C THR A 47 23.22 10.72 3.23
N GLN A 48 23.66 10.64 4.50
CA GLN A 48 22.75 10.25 5.58
C GLN A 48 21.63 11.26 5.77
N LEU A 49 21.93 12.55 5.60
CA LEU A 49 20.87 13.55 5.72
C LEU A 49 19.80 13.32 4.65
N LEU A 50 20.23 13.10 3.41
CA LEU A 50 19.29 12.94 2.31
C LEU A 50 18.52 11.62 2.41
N ASN A 51 19.17 10.54 2.88
CA ASN A 51 18.44 9.30 3.15
C ASN A 51 17.34 9.54 4.19
N SER A 52 17.68 10.28 5.25
CA SER A 52 16.70 10.60 6.29
C SER A 52 15.54 11.42 5.73
N LEU A 53 15.83 12.43 4.92
CA LEU A 53 14.77 13.26 4.33
C LEU A 53 13.85 12.43 3.44
N CYS A 54 14.43 11.52 2.65
CA CYS A 54 13.67 10.63 1.77
C CYS A 54 12.70 9.75 2.56
N THR A 55 13.17 9.09 3.62
CA THR A 55 12.26 8.34 4.48
C THR A 55 11.13 9.24 4.99
N ALA A 56 11.47 10.45 5.47
CA ALA A 56 10.44 11.34 5.98
C ALA A 56 9.41 11.66 4.90
N VAL A 57 9.87 11.89 3.66
CA VAL A 57 8.95 12.22 2.58
C VAL A 57 8.03 11.04 2.27
N LYS A 58 8.57 9.81 2.27
CA LYS A 58 7.69 8.65 2.09
C LYS A 58 6.65 8.57 3.21
N ALA A 59 7.04 8.94 4.43
CA ALA A 59 6.09 8.89 5.54
C ALA A 59 5.02 9.96 5.40
N ILE A 60 5.41 11.16 4.94
CA ILE A 60 4.42 12.20 4.70
C ILE A 60 3.48 11.78 3.58
N SER A 61 4.01 11.21 2.49
CA SER A 61 3.15 10.82 1.39
C SER A 61 2.08 9.84 1.85
N SER A 62 2.46 8.89 2.68
CA SER A 62 1.51 7.91 3.17
C SER A 62 0.42 8.59 4.00
N ALA A 63 0.80 9.50 4.91
CA ALA A 63 -0.22 10.21 5.68
C ALA A 63 -1.10 11.10 4.79
N VAL A 64 -0.49 11.79 3.82
CA VAL A 64 -1.26 12.68 2.95
C VAL A 64 -2.32 11.90 2.17
N ARG A 65 -1.97 10.71 1.69
CA ARG A 65 -2.91 9.84 0.98
C ARG A 65 -3.93 9.18 1.92
N LYS A 66 -3.86 9.48 3.21
CA LYS A 66 -4.88 9.12 4.21
C LYS A 66 -4.86 7.64 4.57
N ALA A 67 -3.68 7.03 4.59
CA ALA A 67 -3.55 5.68 5.13
C ALA A 67 -4.04 5.63 6.56
N GLY A 68 -4.87 4.63 6.87
CA GLY A 68 -5.34 4.46 8.24
C GLY A 68 -6.49 5.37 8.63
N ILE A 69 -7.06 6.13 7.69
CA ILE A 69 -8.16 7.03 8.02
C ILE A 69 -9.39 6.25 8.50
N ALA A 70 -9.52 4.98 8.09
CA ALA A 70 -10.64 4.17 8.60
C ALA A 70 -10.59 4.06 10.11
N HIS A 71 -9.39 3.92 10.68
CA HIS A 71 -9.29 3.86 12.13
C HIS A 71 -9.74 5.16 12.77
N LEU A 72 -9.53 6.30 12.09
CA LEU A 72 -9.99 7.57 12.64
C LEU A 72 -11.51 7.65 12.67
N TYR A 73 -12.18 7.01 11.71
CA TYR A 73 -13.63 7.05 11.62
C TYR A 73 -14.30 5.84 12.26
N GLY A 74 -13.60 5.13 13.14
CA GLY A 74 -14.23 4.20 14.05
C GLY A 74 -14.29 2.76 13.61
N ILE A 75 -13.44 2.34 12.67
CA ILE A 75 -13.53 0.98 12.12
C ILE A 75 -13.33 -0.07 13.20
N ALA A 76 -12.53 0.24 14.23
CA ALA A 76 -12.31 -0.66 15.35
C ALA A 76 -13.09 -0.23 16.59
N GLY A 77 -14.13 0.59 16.43
CA GLY A 77 -14.98 1.01 17.51
C GLY A 77 -14.55 2.25 18.26
N SER A 78 -13.52 2.96 17.81
CA SER A 78 -12.90 4.00 18.63
C SER A 78 -12.77 5.34 17.90
N THR A 79 -12.75 6.39 18.72
CA THR A 79 -12.41 7.79 18.44
C THR A 79 -13.42 8.55 17.61
N ASN A 80 -13.54 9.83 17.95
CA ASN A 80 -14.12 10.87 17.12
C ASN A 80 -12.98 11.62 16.42
N VAL A 81 -13.35 12.51 15.50
CA VAL A 81 -12.37 13.11 14.60
C VAL A 81 -11.69 14.32 15.24
N THR A 82 -12.47 15.23 15.82
CA THR A 82 -12.03 16.29 16.74
C THR A 82 -10.94 17.24 16.21
N GLY A 83 -11.26 18.53 16.12
CA GLY A 83 -10.26 19.52 15.77
C GLY A 83 -10.05 19.65 14.27
N ASP A 84 -8.83 20.05 13.90
CA ASP A 84 -8.48 20.41 12.52
C ASP A 84 -7.52 19.35 11.98
N GLN A 85 -8.03 18.49 11.14
CA GLN A 85 -7.24 17.42 10.53
C GLN A 85 -6.15 17.93 9.59
N VAL A 86 -6.44 18.97 8.84
CA VAL A 86 -5.42 19.58 7.99
C VAL A 86 -4.27 20.11 8.84
N LYS A 87 -4.59 20.81 9.95
CA LYS A 87 -3.53 21.29 10.84
C LYS A 87 -2.74 20.13 11.42
N LYS A 88 -3.42 19.07 11.86
CA LYS A 88 -2.72 17.92 12.44
C LYS A 88 -1.79 17.28 11.43
N LEU A 89 -2.20 17.24 10.15
CA LEU A 89 -1.34 16.73 9.08
C LEU A 89 -0.08 17.57 8.95
N ASP A 90 -0.22 18.90 8.95
CA ASP A 90 0.96 19.76 8.90
C ASP A 90 1.89 19.49 10.09
N VAL A 91 1.32 19.44 11.30
CA VAL A 91 2.13 19.18 12.49
C VAL A 91 2.81 17.80 12.42
N LEU A 92 2.06 16.78 11.99
CA LEU A 92 2.64 15.45 11.88
C LEU A 92 3.79 15.42 10.87
N SER A 93 3.61 16.11 9.73
CA SER A 93 4.68 16.22 8.73
C SER A 93 5.90 16.91 9.31
N ASN A 94 5.69 17.98 10.08
CA ASN A 94 6.79 18.67 10.76
C ASN A 94 7.52 17.72 11.72
N ASP A 95 6.77 16.93 12.50
CA ASP A 95 7.42 16.01 13.42
C ASP A 95 8.19 14.91 12.68
N LEU A 96 7.70 14.47 11.52
CA LEU A 96 8.42 13.46 10.75
C LEU A 96 9.75 14.01 10.24
N VAL A 97 9.75 15.23 9.70
CA VAL A 97 10.99 15.79 9.18
C VAL A 97 11.95 16.11 10.33
N MET A 98 11.45 16.76 11.38
CA MET A 98 12.29 17.09 12.54
C MET A 98 13.00 15.85 13.08
N ASN A 99 12.23 14.78 13.30
CA ASN A 99 12.79 13.62 13.98
C ASN A 99 13.76 12.85 13.09
N MET A 100 13.46 12.70 11.80
CA MET A 100 14.39 12.02 10.89
C MET A 100 15.67 12.83 10.71
N LEU A 101 15.56 14.16 10.66
CA LEU A 101 16.75 14.99 10.48
C LEU A 101 17.59 15.00 11.77
N LYS A 102 16.94 15.06 12.92
CA LYS A 102 17.67 15.00 14.19
C LYS A 102 18.45 13.70 14.32
N SER A 103 17.79 12.59 13.99
CA SER A 103 18.36 11.26 14.15
C SER A 103 19.32 10.90 13.02
N SER A 104 19.49 11.77 12.03
CA SER A 104 20.49 11.56 10.98
C SER A 104 21.92 11.76 11.48
N PHE A 105 22.12 12.51 12.57
CA PHE A 105 23.44 12.96 13.05
C PHE A 105 24.16 13.83 12.03
N ALA A 106 23.41 14.45 11.11
CA ALA A 106 24.02 15.31 10.11
C ALA A 106 23.58 16.76 10.22
N THR A 107 22.79 17.14 11.21
CA THR A 107 22.27 18.51 11.27
C THR A 107 22.60 19.12 12.62
N CYS A 108 22.63 20.47 12.65
CA CYS A 108 22.75 21.18 13.91
C CYS A 108 21.65 22.22 14.10
N VAL A 109 21.18 22.82 13.02
CA VAL A 109 20.13 23.84 13.09
C VAL A 109 19.04 23.50 12.09
N LEU A 110 17.78 23.57 12.55
CA LEU A 110 16.60 23.27 11.72
C LEU A 110 15.67 24.46 11.77
N VAL A 111 15.38 25.04 10.62
CA VAL A 111 14.43 26.15 10.48
C VAL A 111 13.22 25.61 9.74
N SER A 112 12.04 25.70 10.37
CA SER A 112 10.81 25.18 9.77
C SER A 112 9.72 26.26 9.72
N GLU A 113 8.98 26.29 8.61
CA GLU A 113 7.81 27.17 8.52
C GLU A 113 6.82 26.96 9.67
N GLU A 114 6.82 25.79 10.31
CA GLU A 114 5.86 25.49 11.38
C GLU A 114 6.31 25.95 12.77
N ASP A 115 7.54 26.47 12.93
CA ASP A 115 8.05 26.81 14.26
C ASP A 115 8.56 28.24 14.32
N LYS A 116 8.25 28.90 15.44
CA LYS A 116 8.59 30.32 15.61
C LYS A 116 10.10 30.54 15.62
N HIS A 117 10.82 29.74 16.40
CA HIS A 117 12.27 29.85 16.53
C HIS A 117 12.97 28.70 15.81
N ALA A 118 14.24 28.92 15.50
CA ALA A 118 15.05 27.82 14.98
C ALA A 118 15.21 26.76 16.05
N ILE A 119 15.10 25.50 15.64
CA ILE A 119 15.33 24.34 16.51
C ILE A 119 16.83 24.02 16.47
N ILE A 120 17.45 24.00 17.65
CA ILE A 120 18.87 23.68 17.80
C ILE A 120 18.97 22.19 18.17
N VAL A 121 19.66 21.41 17.35
CA VAL A 121 19.82 19.98 17.60
C VAL A 121 20.68 19.77 18.85
N GLU A 122 20.27 18.82 19.68
CA GLU A 122 20.98 18.57 20.93
C GLU A 122 22.44 18.17 20.66
N PRO A 123 23.35 18.51 21.58
CA PRO A 123 24.80 18.30 21.32
C PRO A 123 25.19 16.91 20.82
N GLU A 124 24.59 15.86 21.38
CA GLU A 124 24.99 14.49 21.07
C GLU A 124 24.72 14.11 19.62
N LYS A 125 23.76 14.77 18.95
CA LYS A 125 23.35 14.38 17.61
C LYS A 125 23.69 15.44 16.55
N ARG A 126 24.57 16.38 16.90
CA ARG A 126 24.83 17.51 16.00
C ARG A 126 25.71 17.10 14.84
N GLY A 127 25.32 17.51 13.64
CA GLY A 127 26.13 17.31 12.46
C GLY A 127 26.44 18.67 11.87
N LYS A 128 26.90 18.74 10.64
CA LYS A 128 27.43 19.97 10.09
C LYS A 128 26.45 20.74 9.21
N TYR A 129 25.22 20.24 9.01
CA TYR A 129 24.34 20.85 8.03
C TYR A 129 23.17 21.59 8.68
N VAL A 130 22.75 22.65 7.99
CA VAL A 130 21.63 23.48 8.39
C VAL A 130 20.53 23.22 7.38
N VAL A 131 19.31 22.96 7.86
CA VAL A 131 18.19 22.61 6.98
C VAL A 131 17.03 23.58 7.25
N CYS A 132 16.57 24.26 6.21
CA CYS A 132 15.38 25.08 6.22
C CYS A 132 14.30 24.36 5.42
N PHE A 133 13.10 24.24 5.97
CA PHE A 133 12.09 23.47 5.27
C PHE A 133 10.70 23.96 5.61
N ASP A 134 9.79 23.67 4.69
CA ASP A 134 8.37 23.80 4.93
C ASP A 134 7.81 22.39 4.80
N PRO A 135 7.47 21.71 5.91
CA PRO A 135 7.19 20.27 5.80
C PRO A 135 5.92 19.95 5.06
N LEU A 136 4.95 20.86 5.05
CA LEU A 136 3.69 20.70 4.33
C LEU A 136 2.97 22.04 4.34
N ASP A 137 2.16 22.26 3.31
CA ASP A 137 1.43 23.53 3.16
C ASP A 137 -0.08 23.30 3.19
N GLY A 138 -0.55 22.41 4.08
CA GLY A 138 -1.97 22.13 4.12
C GLY A 138 -2.77 23.33 4.57
N SER A 139 -2.37 23.94 5.70
CA SER A 139 -3.18 24.99 6.29
C SER A 139 -3.14 26.27 5.46
N SER A 140 -2.02 26.54 4.79
CA SER A 140 -1.88 27.79 4.08
C SER A 140 -2.52 27.77 2.70
N ASN A 141 -3.50 26.89 2.43
CA ASN A 141 -4.09 26.84 1.09
C ASN A 141 -5.45 26.15 1.16
N ILE A 142 -6.52 26.94 1.11
CA ILE A 142 -7.85 26.36 1.00
C ILE A 142 -8.05 25.91 -0.44
N ASP A 143 -7.72 24.64 -0.70
CA ASP A 143 -7.95 23.99 -1.98
C ASP A 143 -8.52 22.59 -1.83
N CYS A 144 -8.49 22.02 -0.61
CA CYS A 144 -8.96 20.70 -0.21
C CYS A 144 -8.73 19.57 -1.21
N LEU A 145 -7.83 18.67 -0.86
CA LEU A 145 -7.49 17.44 -1.55
C LEU A 145 -6.78 17.68 -2.87
N VAL A 146 -6.67 18.92 -3.32
CA VAL A 146 -5.78 19.15 -4.45
C VAL A 146 -4.40 19.32 -3.82
N SER A 147 -3.36 19.28 -4.63
CA SER A 147 -1.98 19.02 -4.23
C SER A 147 -1.44 19.69 -2.99
N VAL A 148 -0.46 19.03 -2.38
CA VAL A 148 0.28 19.55 -1.25
C VAL A 148 1.74 19.20 -1.48
N GLY A 149 2.64 19.86 -0.75
CA GLY A 149 4.06 19.72 -1.04
C GLY A 149 4.95 19.99 0.16
N THR A 150 6.19 19.52 0.06
CA THR A 150 7.26 19.76 1.02
C THR A 150 8.43 20.43 0.31
N ILE A 151 9.04 21.44 0.93
CA ILE A 151 10.16 22.16 0.33
C ILE A 151 11.32 22.15 1.32
N PHE A 152 12.54 22.05 0.82
CA PHE A 152 13.69 21.98 1.72
C PHE A 152 14.91 22.64 1.07
N GLY A 153 15.73 23.27 1.91
CA GLY A 153 17.04 23.73 1.48
C GLY A 153 18.09 23.37 2.52
N ILE A 154 19.26 22.93 2.03
CA ILE A 154 20.32 22.41 2.89
C ILE A 154 21.56 23.29 2.75
N TYR A 155 22.07 23.76 3.88
CA TYR A 155 23.28 24.57 3.92
C TYR A 155 24.33 23.91 4.81
N ARG A 156 25.59 24.20 4.53
CA ARG A 156 26.68 23.85 5.43
C ARG A 156 26.84 24.96 6.46
N LYS A 157 26.90 24.60 7.74
CA LYS A 157 27.19 25.59 8.79
C LYS A 157 28.49 26.31 8.47
N LYS A 158 28.47 27.64 8.55
CA LYS A 158 29.61 28.43 8.08
C LYS A 158 30.62 28.73 9.17
N SER A 159 30.20 28.79 10.43
CA SER A 159 31.07 29.17 11.54
C SER A 159 31.11 28.05 12.59
N THR A 160 32.14 28.12 13.45
CA THR A 160 32.27 27.18 14.55
C THR A 160 31.62 27.69 15.84
N ASP A 161 30.98 28.87 15.79
CA ASP A 161 30.18 29.33 16.93
C ASP A 161 29.16 28.27 17.35
N GLU A 162 28.82 28.28 18.64
CA GLU A 162 27.70 27.48 19.11
C GLU A 162 26.48 27.73 18.22
N PRO A 163 25.74 26.69 17.84
CA PRO A 163 24.70 26.86 16.82
C PRO A 163 23.57 27.78 17.26
N SER A 164 23.05 28.55 16.31
CA SER A 164 21.96 29.49 16.58
C SER A 164 21.23 29.75 15.26
N GLU A 165 20.16 30.56 15.35
CA GLU A 165 19.41 30.94 14.15
C GLU A 165 20.28 31.68 13.14
N LYS A 166 21.46 32.17 13.54
CA LYS A 166 22.28 32.93 12.59
C LYS A 166 22.86 32.03 11.51
N ASP A 167 23.08 30.75 11.84
CA ASP A 167 23.62 29.80 10.87
C ASP A 167 22.69 29.53 9.70
N ALA A 168 21.41 29.88 9.81
CA ALA A 168 20.48 29.74 8.70
C ALA A 168 20.30 31.05 7.93
N LEU A 169 20.90 32.14 8.41
CA LEU A 169 20.89 33.43 7.70
C LEU A 169 21.99 33.47 6.63
N GLN A 170 21.87 32.57 5.67
CA GLN A 170 22.78 32.51 4.54
C GLN A 170 22.03 32.84 3.25
N PRO A 171 22.69 33.48 2.29
CA PRO A 171 22.05 33.68 0.99
C PRO A 171 21.85 32.35 0.28
N GLY A 172 20.76 32.27 -0.48
CA GLY A 172 20.46 31.09 -1.30
C GLY A 172 21.62 30.55 -2.13
N ARG A 173 22.58 31.41 -2.48
CA ARG A 173 23.75 30.98 -3.25
C ARG A 173 24.59 29.95 -2.51
N ASN A 174 24.53 29.94 -1.17
CA ASN A 174 25.31 29.02 -0.35
C ASN A 174 24.71 27.62 -0.27
N LEU A 175 23.53 27.38 -0.84
CA LEU A 175 22.90 26.07 -0.75
C LEU A 175 23.78 24.97 -1.34
N VAL A 176 23.88 23.82 -0.64
CA VAL A 176 24.53 22.63 -1.21
C VAL A 176 23.51 21.73 -1.90
N ALA A 177 22.26 21.75 -1.48
CA ALA A 177 21.23 20.93 -2.08
C ALA A 177 19.89 21.54 -1.72
N ALA A 178 18.90 21.40 -2.60
CA ALA A 178 17.55 21.87 -2.30
C ALA A 178 16.57 21.09 -3.15
N GLY A 179 15.30 21.20 -2.79
CA GLY A 179 14.30 20.56 -3.63
C GLY A 179 12.94 20.50 -2.96
N TYR A 180 12.09 19.62 -3.50
CA TYR A 180 10.72 19.55 -3.02
C TYR A 180 10.15 18.18 -3.34
N ALA A 181 9.12 17.81 -2.59
CA ALA A 181 8.27 16.67 -2.90
C ALA A 181 6.87 17.19 -3.21
N LEU A 182 6.29 16.72 -4.30
CA LEU A 182 4.92 17.06 -4.65
C LEU A 182 4.06 15.83 -4.38
N TYR A 183 3.04 15.99 -3.53
CA TYR A 183 2.06 14.93 -3.27
C TYR A 183 0.85 15.22 -4.15
N GLY A 184 0.97 14.85 -5.43
CA GLY A 184 -0.10 15.13 -6.38
C GLY A 184 -0.84 13.87 -6.80
N SER A 185 -1.12 13.74 -8.10
CA SER A 185 -1.69 12.48 -8.58
C SER A 185 -0.75 11.31 -8.29
N ALA A 186 0.57 11.54 -8.41
CA ALA A 186 1.61 10.68 -7.85
C ALA A 186 2.52 11.54 -6.96
N THR A 187 3.40 10.87 -6.23
CA THR A 187 4.34 11.58 -5.37
C THR A 187 5.68 11.65 -6.08
N MET A 188 6.20 12.86 -6.23
CA MET A 188 7.44 13.08 -6.95
C MET A 188 8.39 13.86 -6.07
N LEU A 189 9.68 13.50 -6.12
CA LEU A 189 10.70 14.23 -5.40
C LEU A 189 11.63 14.88 -6.43
N VAL A 190 11.78 16.20 -6.38
CA VAL A 190 12.74 16.89 -7.23
C VAL A 190 13.93 17.31 -6.38
N LEU A 191 15.13 16.84 -6.74
CA LEU A 191 16.34 17.15 -6.00
C LEU A 191 17.33 17.91 -6.88
N ALA A 192 17.79 19.05 -6.39
CA ALA A 192 18.76 19.88 -7.11
C ALA A 192 20.05 19.90 -6.32
N MET A 193 21.15 19.59 -7.00
CA MET A 193 22.45 19.76 -6.41
C MET A 193 23.37 20.35 -7.47
N ASP A 194 24.66 20.43 -7.17
CA ASP A 194 25.58 20.97 -8.16
C ASP A 194 25.58 20.16 -9.44
N CYS A 195 25.24 18.88 -9.37
CA CYS A 195 25.20 18.06 -10.57
C CYS A 195 23.94 18.28 -11.41
N GLY A 196 23.06 19.20 -11.04
CA GLY A 196 21.84 19.50 -11.77
C GLY A 196 20.58 19.10 -11.02
N VAL A 197 19.48 19.01 -11.78
CA VAL A 197 18.16 18.70 -11.25
C VAL A 197 17.75 17.31 -11.71
N ASN A 198 17.32 16.46 -10.76
CA ASN A 198 16.83 15.13 -11.09
C ASN A 198 15.50 14.85 -10.39
N CYS A 199 14.61 14.17 -11.09
CA CYS A 199 13.22 13.97 -10.67
C CYS A 199 12.97 12.48 -10.41
N PHE A 200 12.42 12.16 -9.24
CA PHE A 200 12.27 10.78 -8.81
C PHE A 200 10.78 10.53 -8.51
N MET A 201 10.24 9.42 -9.04
CA MET A 201 8.84 9.07 -8.81
C MET A 201 8.72 7.99 -7.74
N LEU A 202 7.91 8.26 -6.71
CA LEU A 202 7.69 7.28 -5.65
C LEU A 202 6.78 6.14 -6.15
N ASP A 203 7.29 4.91 -6.07
CA ASP A 203 6.53 3.71 -6.38
C ASP A 203 5.99 3.17 -5.07
N PRO A 204 4.71 3.37 -4.74
CA PRO A 204 4.22 3.03 -3.40
C PRO A 204 4.17 1.53 -3.14
N ALA A 205 4.26 0.71 -4.18
CA ALA A 205 4.25 -0.73 -3.99
C ALA A 205 5.51 -1.21 -3.27
N ILE A 206 6.60 -0.45 -3.37
CA ILE A 206 7.88 -0.86 -2.81
C ILE A 206 8.59 0.23 -2.02
N GLY A 207 8.01 1.42 -1.91
CA GLY A 207 8.70 2.48 -1.19
C GLY A 207 10.05 2.86 -1.77
N GLU A 208 10.14 2.97 -3.09
CA GLU A 208 11.37 3.46 -3.73
C GLU A 208 11.05 4.63 -4.62
N PHE A 209 11.90 5.65 -4.55
CA PHE A 209 11.87 6.77 -5.49
C PHE A 209 12.63 6.36 -6.74
N ILE A 210 11.94 6.30 -7.87
CA ILE A 210 12.56 5.83 -9.11
C ILE A 210 12.99 7.05 -9.91
N LEU A 211 14.21 7.01 -10.44
CA LEU A 211 14.72 8.13 -11.23
C LEU A 211 14.02 8.15 -12.59
N VAL A 212 13.31 9.24 -12.91
CA VAL A 212 12.52 9.25 -14.13
C VAL A 212 12.87 10.41 -15.07
N ASP A 213 13.39 11.53 -14.54
CA ASP A 213 13.88 12.62 -15.39
C ASP A 213 15.27 13.03 -14.91
N LYS A 214 16.28 12.87 -15.78
CA LYS A 214 17.68 13.13 -15.48
C LYS A 214 18.11 14.52 -15.96
N ASP A 215 18.81 15.26 -15.09
CA ASP A 215 19.48 16.50 -15.50
C ASP A 215 18.51 17.44 -16.23
N VAL A 216 17.42 17.76 -15.54
CA VAL A 216 16.30 18.45 -16.15
C VAL A 216 16.67 19.89 -16.44
N LYS A 217 16.19 20.42 -17.57
CA LYS A 217 16.32 21.83 -17.92
C LYS A 217 14.97 22.38 -18.35
N ILE A 218 14.71 23.62 -17.92
CA ILE A 218 13.47 24.31 -18.27
C ILE A 218 13.59 24.87 -19.68
N LYS A 219 12.47 24.97 -20.39
CA LYS A 219 12.55 25.57 -21.71
C LYS A 219 12.69 27.09 -21.61
N LYS A 220 13.33 27.69 -22.64
CA LYS A 220 13.74 29.09 -22.51
C LYS A 220 12.54 30.03 -22.51
N LYS A 221 11.45 29.65 -23.16
CA LYS A 221 10.24 30.46 -23.14
C LYS A 221 9.04 29.53 -23.09
N GLY A 222 8.10 29.81 -22.20
CA GLY A 222 6.89 29.03 -22.06
C GLY A 222 5.65 29.77 -22.52
N LYS A 223 4.49 29.16 -22.22
CA LYS A 223 3.21 29.67 -22.72
C LYS A 223 2.14 29.70 -21.62
N ILE A 224 2.54 29.72 -20.35
CA ILE A 224 1.63 29.68 -19.22
C ILE A 224 2.11 30.70 -18.19
N TYR A 225 1.18 31.45 -17.60
CA TYR A 225 1.49 32.31 -16.47
C TYR A 225 0.67 31.89 -15.27
N SER A 226 1.22 32.12 -14.08
CA SER A 226 0.64 31.59 -12.85
C SER A 226 0.79 32.63 -11.75
N LEU A 227 -0.33 33.14 -11.28
CA LEU A 227 -0.41 34.02 -10.12
C LEU A 227 -1.88 34.11 -9.73
N ASN A 228 -2.13 34.68 -8.54
CA ASN A 228 -3.50 34.85 -8.03
C ASN A 228 -4.04 36.17 -8.54
N GLU A 229 -4.92 36.11 -9.54
CA GLU A 229 -5.46 37.33 -10.11
C GLU A 229 -6.60 37.91 -9.30
N GLY A 230 -7.00 37.26 -8.20
CA GLY A 230 -7.93 37.89 -7.29
C GLY A 230 -7.36 39.15 -6.67
N TYR A 231 -6.09 39.12 -6.35
CA TYR A 231 -5.39 40.29 -5.84
C TYR A 231 -5.24 41.42 -6.88
N ALA A 232 -5.87 41.34 -8.06
CA ALA A 232 -5.57 42.25 -9.16
C ALA A 232 -5.62 43.71 -8.75
N LYS A 233 -6.55 44.07 -7.86
CA LYS A 233 -6.74 45.46 -7.47
C LYS A 233 -5.52 46.01 -6.74
N ASP A 234 -4.79 45.16 -6.02
CA ASP A 234 -3.61 45.59 -5.29
C ASP A 234 -2.32 45.42 -6.08
N PHE A 235 -2.41 44.98 -7.34
CA PHE A 235 -1.21 44.76 -8.15
C PHE A 235 -0.37 46.02 -8.28
N ASP A 236 0.94 45.86 -8.20
CA ASP A 236 1.85 46.88 -8.68
C ASP A 236 1.59 47.15 -10.17
N PRO A 237 1.67 48.40 -10.61
CA PRO A 237 1.36 48.72 -12.02
C PRO A 237 2.10 47.89 -13.07
N ALA A 238 3.33 47.45 -12.75
CA ALA A 238 4.08 46.61 -13.70
C ALA A 238 3.50 45.21 -13.79
N VAL A 239 3.00 44.66 -12.68
CA VAL A 239 2.41 43.33 -12.78
C VAL A 239 1.14 43.39 -13.63
N THR A 240 0.34 44.44 -13.44
CA THR A 240 -0.83 44.63 -14.29
C THR A 240 -0.46 44.68 -15.77
N GLU A 241 0.59 45.45 -16.12
CA GLU A 241 0.92 45.57 -17.54
C GLU A 241 1.46 44.26 -18.09
N TYR A 242 2.36 43.60 -17.34
CA TYR A 242 2.87 42.31 -17.77
C TYR A 242 1.72 41.32 -18.03
N ILE A 243 0.83 41.16 -17.05
CA ILE A 243 -0.24 40.16 -17.20
C ILE A 243 -1.14 40.55 -18.37
N GLN A 244 -1.52 41.83 -18.46
CA GLN A 244 -2.29 42.31 -19.61
C GLN A 244 -1.60 41.94 -20.92
N ARG A 245 -0.27 41.98 -20.95
CA ARG A 245 0.44 41.61 -22.18
C ARG A 245 0.41 40.12 -22.43
N LYS A 246 0.27 39.29 -21.38
CA LYS A 246 0.11 37.86 -21.61
C LYS A 246 -1.29 37.55 -22.14
N LYS A 247 -2.30 38.33 -21.73
CA LYS A 247 -3.66 38.07 -22.15
C LYS A 247 -4.02 38.79 -23.45
N PHE A 248 -3.36 39.90 -23.73
CA PHE A 248 -3.55 40.65 -24.97
C PHE A 248 -2.18 40.93 -25.57
N PRO A 249 -1.56 39.94 -26.22
CA PRO A 249 -0.21 40.14 -26.77
C PRO A 249 -0.20 41.26 -27.78
N PRO A 250 0.74 42.21 -27.67
CA PRO A 250 0.69 43.38 -28.55
C PRO A 250 0.95 43.02 -30.00
N ASP A 251 1.73 41.97 -30.25
CA ASP A 251 2.02 41.46 -31.59
C ASP A 251 0.99 40.45 -32.09
N ASN A 252 -0.15 40.33 -31.41
CA ASN A 252 -1.22 39.41 -31.79
C ASN A 252 -0.76 37.96 -31.90
N SER A 253 0.31 37.59 -31.18
CA SER A 253 0.58 36.18 -30.97
C SER A 253 -0.50 35.59 -30.07
N ALA A 254 -0.43 34.28 -29.84
CA ALA A 254 -1.47 33.65 -29.05
C ALA A 254 -1.32 34.03 -27.57
N PRO A 255 -2.40 34.37 -26.89
CA PRO A 255 -2.33 34.58 -25.44
C PRO A 255 -1.78 33.36 -24.73
N TYR A 256 -1.05 33.61 -23.63
CA TYR A 256 -0.64 32.55 -22.72
C TYR A 256 -1.86 31.94 -22.03
N GLY A 257 -1.73 30.65 -21.64
CA GLY A 257 -2.68 30.06 -20.72
C GLY A 257 -2.40 30.45 -19.27
N ALA A 258 -3.44 30.38 -18.44
CA ALA A 258 -3.36 30.67 -17.01
C ALA A 258 -3.64 29.42 -16.18
N ARG A 259 -2.84 29.22 -15.14
CA ARG A 259 -3.02 28.17 -14.14
C ARG A 259 -2.60 28.71 -12.78
N TYR A 260 -3.41 28.49 -11.75
CA TYR A 260 -3.04 28.91 -10.39
C TYR A 260 -3.63 27.92 -9.39
N VAL A 261 -2.78 27.06 -8.86
CA VAL A 261 -3.23 26.05 -7.90
C VAL A 261 -3.33 26.62 -6.49
N GLY A 262 -2.40 27.48 -6.10
CA GLY A 262 -2.34 27.93 -4.73
C GLY A 262 -1.38 27.15 -3.85
N SER A 263 -0.72 26.12 -4.38
CA SER A 263 0.34 25.42 -3.67
C SER A 263 1.63 25.71 -4.42
N MET A 264 2.64 26.21 -3.70
CA MET A 264 3.84 26.67 -4.40
C MET A 264 4.54 25.51 -5.09
N VAL A 265 4.60 24.34 -4.44
CA VAL A 265 5.23 23.17 -5.06
C VAL A 265 4.53 22.83 -6.38
N ALA A 266 3.20 22.80 -6.38
CA ALA A 266 2.47 22.45 -7.60
C ALA A 266 2.69 23.49 -8.71
N ASP A 267 2.58 24.78 -8.38
CA ASP A 267 2.74 25.82 -9.40
C ASP A 267 4.18 25.90 -9.90
N VAL A 268 5.16 25.74 -9.00
CA VAL A 268 6.54 25.77 -9.44
C VAL A 268 6.86 24.52 -10.27
N HIS A 269 6.33 23.36 -9.88
CA HIS A 269 6.66 22.16 -10.64
C HIS A 269 6.14 22.23 -12.06
N ARG A 270 4.91 22.72 -12.24
CA ARG A 270 4.36 22.86 -13.59
C ARG A 270 5.22 23.79 -14.43
N THR A 271 5.69 24.89 -13.82
CA THR A 271 6.59 25.81 -14.51
C THR A 271 7.86 25.10 -14.96
N LEU A 272 8.43 24.26 -14.08
CA LEU A 272 9.62 23.50 -14.43
C LEU A 272 9.35 22.56 -15.60
N VAL A 273 8.22 21.85 -15.56
CA VAL A 273 7.94 20.81 -16.53
C VAL A 273 7.54 21.40 -17.88
N TYR A 274 6.69 22.43 -17.85
CA TYR A 274 6.08 22.96 -19.06
C TYR A 274 6.66 24.30 -19.50
N GLY A 275 7.47 24.96 -18.67
CA GLY A 275 7.95 26.29 -18.97
C GLY A 275 6.90 27.33 -18.61
N GLY A 276 7.31 28.59 -18.65
CA GLY A 276 6.40 29.68 -18.34
C GLY A 276 6.91 30.47 -17.15
N ILE A 277 5.98 31.11 -16.45
CA ILE A 277 6.35 32.03 -15.39
C ILE A 277 5.39 31.86 -14.21
N PHE A 278 5.96 31.92 -13.01
CA PHE A 278 5.20 31.92 -11.76
C PHE A 278 5.54 33.22 -11.04
N LEU A 279 4.51 33.95 -10.56
CA LEU A 279 4.71 35.23 -9.89
C LEU A 279 4.02 35.26 -8.53
N TYR A 280 4.77 35.63 -7.50
CA TYR A 280 4.22 36.14 -6.24
C TYR A 280 4.99 37.42 -5.92
N PRO A 281 4.62 38.52 -6.57
CA PRO A 281 5.46 39.72 -6.55
C PRO A 281 5.08 40.67 -5.43
N ALA A 282 5.98 41.62 -5.19
CA ALA A 282 5.74 42.66 -4.22
C ALA A 282 4.63 43.60 -4.73
N ASN A 283 4.02 44.32 -3.78
CA ASN A 283 3.06 45.37 -4.10
C ASN A 283 2.99 46.33 -2.91
N LYS A 284 2.16 47.38 -3.06
CA LYS A 284 2.13 48.47 -2.08
C LYS A 284 1.94 47.94 -0.66
N LYS A 285 0.91 47.11 -0.46
CA LYS A 285 0.59 46.66 0.88
C LYS A 285 1.49 45.52 1.37
N SER A 286 2.20 44.86 0.46
CA SER A 286 3.15 43.79 0.80
C SER A 286 4.45 44.10 0.08
N PRO A 287 5.23 45.06 0.56
CA PRO A 287 6.42 45.50 -0.19
C PRO A 287 7.53 44.47 -0.25
N ASN A 288 7.46 43.40 0.55
CA ASN A 288 8.45 42.33 0.51
C ASN A 288 7.86 41.02 0.00
N GLY A 289 6.72 41.07 -0.66
CA GLY A 289 6.08 39.85 -1.08
C GLY A 289 5.38 39.19 0.09
N LYS A 290 4.91 37.97 -0.15
CA LYS A 290 4.27 37.21 0.91
C LYS A 290 5.00 35.92 1.25
N LEU A 291 5.54 35.24 0.23
CA LEU A 291 6.24 33.98 0.41
C LEU A 291 7.51 34.18 1.23
N ARG A 292 7.96 33.11 1.88
CA ARG A 292 9.07 33.19 2.82
C ARG A 292 10.38 32.83 2.13
N LEU A 293 11.44 33.60 2.42
CA LEU A 293 12.69 33.46 1.68
C LEU A 293 13.40 32.13 1.96
N LEU A 294 13.50 31.72 3.24
CA LEU A 294 14.43 30.64 3.60
C LEU A 294 13.94 29.26 3.15
N TYR A 295 12.64 28.99 3.26
CA TYR A 295 12.12 27.66 2.98
C TYR A 295 11.06 27.65 1.90
N GLU A 296 10.84 28.76 1.19
CA GLU A 296 9.99 28.74 0.01
C GLU A 296 10.72 29.32 -1.20
N CYS A 297 11.18 30.58 -1.13
CA CYS A 297 11.77 31.23 -2.30
C CYS A 297 13.15 30.68 -2.65
N ASN A 298 14.04 30.63 -1.66
CA ASN A 298 15.41 30.17 -1.90
C ASN A 298 15.49 28.76 -2.49
N PRO A 299 14.88 27.72 -1.88
CA PRO A 299 14.93 26.39 -2.52
C PRO A 299 14.36 26.38 -3.93
N MET A 300 13.25 27.07 -4.17
CA MET A 300 12.75 27.07 -5.54
C MET A 300 13.65 27.86 -6.47
N ALA A 301 14.28 28.93 -5.97
CA ALA A 301 15.17 29.69 -6.85
C ALA A 301 16.37 28.84 -7.24
N TYR A 302 16.85 28.02 -6.30
CA TYR A 302 17.98 27.14 -6.57
C TYR A 302 17.64 26.07 -7.59
N VAL A 303 16.46 25.44 -7.47
CA VAL A 303 16.00 24.47 -8.47
C VAL A 303 15.91 25.12 -9.84
N MET A 304 15.35 26.33 -9.89
CA MET A 304 15.21 27.03 -11.16
C MET A 304 16.57 27.30 -11.81
N GLU A 305 17.51 27.85 -11.04
CA GLU A 305 18.78 28.22 -11.66
C GLU A 305 19.56 26.97 -12.09
N LYS A 306 19.50 25.90 -11.31
CA LYS A 306 20.17 24.66 -11.71
C LYS A 306 19.52 24.05 -12.96
N ALA A 307 18.23 24.32 -13.17
CA ALA A 307 17.50 23.93 -14.37
C ALA A 307 17.72 24.89 -15.53
N GLY A 308 18.53 25.93 -15.34
CA GLY A 308 18.69 26.94 -16.38
C GLY A 308 17.58 27.95 -16.45
N GLY A 309 16.87 28.19 -15.34
CA GLY A 309 15.85 29.21 -15.28
C GLY A 309 16.33 30.41 -14.47
N MET A 310 15.37 31.28 -14.15
CA MET A 310 15.68 32.51 -13.44
C MET A 310 14.73 32.66 -12.27
N ALA A 311 15.19 33.42 -11.26
CA ALA A 311 14.38 33.68 -10.09
C ALA A 311 14.80 35.02 -9.54
N THR A 312 13.91 36.01 -9.62
CA THR A 312 14.23 37.38 -9.24
C THR A 312 13.21 37.87 -8.24
N THR A 313 13.63 38.86 -7.42
CA THR A 313 12.69 39.62 -6.62
C THR A 313 12.14 40.84 -7.37
N GLY A 314 12.61 41.09 -8.58
CA GLY A 314 12.38 42.36 -9.23
C GLY A 314 13.62 43.24 -9.13
N LYS A 315 14.19 43.33 -7.93
CA LYS A 315 15.41 44.11 -7.73
C LYS A 315 16.68 43.30 -7.86
N GLU A 316 16.66 42.01 -7.51
CA GLU A 316 17.86 41.18 -7.56
C GLU A 316 17.49 39.71 -7.65
N ALA A 317 18.50 38.88 -7.86
CA ALA A 317 18.29 37.43 -7.82
C ALA A 317 17.91 37.02 -6.40
N VAL A 318 16.96 36.09 -6.30
CA VAL A 318 16.52 35.58 -5.00
C VAL A 318 17.71 35.06 -4.22
N LEU A 319 18.56 34.27 -4.88
CA LEU A 319 19.69 33.62 -4.23
C LEU A 319 20.76 34.58 -3.73
N ASP A 320 20.68 35.87 -4.07
CA ASP A 320 21.64 36.87 -3.61
C ASP A 320 21.17 37.64 -2.39
N VAL A 321 19.88 37.55 -2.03
CA VAL A 321 19.38 38.19 -0.82
C VAL A 321 20.06 37.57 0.39
N ILE A 322 20.61 38.42 1.26
CA ILE A 322 21.20 37.94 2.51
C ILE A 322 20.17 38.15 3.61
N PRO A 323 19.63 37.10 4.22
CA PRO A 323 18.52 37.26 5.17
C PRO A 323 19.01 37.83 6.49
N THR A 324 18.09 38.52 7.17
CA THR A 324 18.30 38.99 8.53
C THR A 324 17.32 38.43 9.54
N ASP A 325 16.20 37.83 9.09
CA ASP A 325 15.27 37.09 9.95
C ASP A 325 14.93 35.76 9.26
N ILE A 326 14.80 34.69 10.06
CA ILE A 326 14.58 33.36 9.48
C ILE A 326 13.21 33.20 8.82
N HIS A 327 12.22 34.00 9.22
CA HIS A 327 10.91 33.96 8.57
C HIS A 327 10.68 35.13 7.63
N GLN A 328 11.74 35.74 7.11
CA GLN A 328 11.55 36.96 6.32
C GLN A 328 10.94 36.63 4.96
N ARG A 329 10.16 37.57 4.44
CA ARG A 329 9.54 37.38 3.14
C ARG A 329 10.46 37.86 2.01
N ALA A 330 10.11 37.46 0.79
CA ALA A 330 10.77 37.89 -0.44
C ALA A 330 9.73 37.85 -1.56
N PRO A 331 9.71 38.86 -2.44
CA PRO A 331 8.98 38.71 -3.70
C PRO A 331 9.70 37.68 -4.56
N VAL A 332 8.94 36.99 -5.41
CA VAL A 332 9.57 35.99 -6.27
C VAL A 332 8.85 35.93 -7.60
N ILE A 333 9.62 36.06 -8.67
CA ILE A 333 9.15 35.82 -10.03
C ILE A 333 10.15 34.87 -10.65
N LEU A 334 9.69 33.73 -11.14
CA LEU A 334 10.62 32.69 -11.54
C LEU A 334 10.07 31.90 -12.72
N GLY A 335 10.98 31.20 -13.40
CA GLY A 335 10.57 30.37 -14.50
C GLY A 335 11.48 30.43 -15.72
N SER A 336 10.90 30.27 -16.89
CA SER A 336 11.69 30.30 -18.11
C SER A 336 12.41 31.65 -18.23
N PRO A 337 13.67 31.64 -18.65
CA PRO A 337 14.46 32.88 -18.61
C PRO A 337 13.92 33.98 -19.51
N ASP A 338 13.37 33.64 -20.67
CA ASP A 338 12.87 34.67 -21.56
C ASP A 338 11.65 35.38 -20.98
N ASP A 339 10.83 34.63 -20.22
CA ASP A 339 9.65 35.23 -19.58
C ASP A 339 10.03 36.10 -18.39
N VAL A 340 10.95 35.61 -17.55
CA VAL A 340 11.41 36.39 -16.42
C VAL A 340 12.09 37.68 -16.90
N LEU A 341 12.93 37.58 -17.95
CA LEU A 341 13.52 38.79 -18.51
C LEU A 341 12.47 39.73 -19.05
N GLU A 342 11.40 39.20 -19.65
CA GLU A 342 10.36 40.08 -20.18
C GLU A 342 9.63 40.79 -19.05
N PHE A 343 9.36 40.08 -17.95
CA PHE A 343 8.76 40.75 -16.80
C PHE A 343 9.68 41.83 -16.26
N LEU A 344 10.99 41.54 -16.18
CA LEU A 344 11.92 42.54 -15.67
C LEU A 344 11.99 43.75 -16.58
N LYS A 345 11.84 43.56 -17.89
CA LYS A 345 11.75 44.70 -18.79
C LYS A 345 10.55 45.59 -18.43
N VAL A 346 9.39 44.97 -18.13
CA VAL A 346 8.20 45.74 -17.76
C VAL A 346 8.36 46.35 -16.36
N TYR A 347 8.96 45.59 -15.45
CA TYR A 347 9.19 46.09 -14.10
C TYR A 347 10.08 47.33 -14.10
N GLU A 348 11.10 47.35 -14.94
CA GLU A 348 11.98 48.51 -14.98
C GLU A 348 11.32 49.68 -15.71
N LYS A 349 10.41 49.41 -16.63
CA LYS A 349 9.65 50.49 -17.26
C LYS A 349 8.89 51.33 -16.24
N HIS A 350 8.45 50.72 -15.13
CA HIS A 350 7.70 51.44 -14.12
C HIS A 350 8.54 51.88 -12.93
N SER A 351 9.87 51.77 -13.00
CA SER A 351 10.72 52.25 -11.92
C SER A 351 10.71 53.79 -11.86
N ASP B 25 -21.39 5.33 13.81
CA ASP B 25 -20.98 4.09 13.15
C ASP B 25 -20.16 4.37 11.90
N VAL B 26 -19.01 3.72 11.77
CA VAL B 26 -18.26 3.78 10.51
C VAL B 26 -19.18 3.35 9.38
N ASN B 27 -19.04 4.01 8.23
CA ASN B 27 -19.80 3.67 7.03
C ASN B 27 -18.81 3.60 5.87
N THR B 28 -19.06 2.69 4.94
CA THR B 28 -18.24 2.52 3.74
C THR B 28 -19.14 2.59 2.51
N LEU B 29 -18.53 2.93 1.36
CA LEU B 29 -19.26 3.00 0.11
C LEU B 29 -20.06 1.72 -0.16
N THR B 30 -19.42 0.56 0.02
CA THR B 30 -20.12 -0.71 -0.20
C THR B 30 -21.36 -0.81 0.68
N ARG B 31 -21.21 -0.53 1.98
CA ARG B 31 -22.36 -0.61 2.88
C ARG B 31 -23.40 0.46 2.55
N PHE B 32 -22.95 1.69 2.29
CA PHE B 32 -23.87 2.78 1.98
C PHE B 32 -24.70 2.47 0.75
N VAL B 33 -24.04 2.01 -0.32
CA VAL B 33 -24.75 1.71 -1.56
C VAL B 33 -25.69 0.52 -1.38
N MET B 34 -25.24 -0.52 -0.67
CA MET B 34 -26.12 -1.67 -0.44
C MET B 34 -27.38 -1.27 0.32
N GLU B 35 -27.23 -0.39 1.32
CA GLU B 35 -28.38 0.00 2.12
C GLU B 35 -29.31 0.96 1.38
N GLU B 36 -28.78 1.85 0.53
CA GLU B 36 -29.67 2.68 -0.27
C GLU B 36 -30.51 1.82 -1.22
N GLY B 37 -29.88 0.77 -1.79
CA GLY B 37 -30.58 -0.12 -2.69
C GLY B 37 -31.60 -1.00 -1.99
N ARG B 38 -31.31 -1.42 -0.76
CA ARG B 38 -32.35 -2.06 0.05
C ARG B 38 -33.50 -1.10 0.30
N LYS B 39 -33.19 0.16 0.64
CA LYS B 39 -34.22 1.16 0.86
C LYS B 39 -35.02 1.46 -0.42
N ALA B 40 -34.44 1.20 -1.59
CA ALA B 40 -35.07 1.52 -2.87
C ALA B 40 -35.89 0.39 -3.45
N ARG B 41 -35.93 -0.77 -2.79
CA ARG B 41 -36.68 -1.94 -3.26
C ARG B 41 -36.19 -2.43 -4.62
N GLY B 42 -35.04 -1.95 -5.07
CA GLY B 42 -34.51 -2.38 -6.35
C GLY B 42 -34.00 -3.80 -6.32
N THR B 43 -33.65 -4.28 -7.51
CA THR B 43 -33.28 -5.67 -7.74
C THR B 43 -31.81 -5.96 -7.47
N GLY B 44 -31.01 -4.94 -7.17
CA GLY B 44 -29.58 -5.11 -7.02
C GLY B 44 -28.77 -4.83 -8.26
N GLU B 45 -29.42 -4.48 -9.38
CA GLU B 45 -28.68 -4.21 -10.61
C GLU B 45 -27.86 -2.92 -10.48
N LEU B 46 -28.48 -1.83 -10.01
CA LEU B 46 -27.71 -0.61 -9.83
C LEU B 46 -26.67 -0.75 -8.74
N THR B 47 -26.97 -1.51 -7.69
CA THR B 47 -25.99 -1.77 -6.65
C THR B 47 -24.75 -2.45 -7.24
N GLN B 48 -24.96 -3.47 -8.06
CA GLN B 48 -23.83 -4.16 -8.69
C GLN B 48 -23.07 -3.22 -9.61
N LEU B 49 -23.78 -2.34 -10.31
CA LEU B 49 -23.10 -1.36 -11.15
C LEU B 49 -22.20 -0.45 -10.33
N LEU B 50 -22.76 0.17 -9.26
CA LEU B 50 -21.96 1.05 -8.41
C LEU B 50 -20.82 0.30 -7.71
N ASN B 51 -21.08 -0.95 -7.29
CA ASN B 51 -20.03 -1.82 -6.79
C ASN B 51 -18.88 -1.94 -7.77
N SER B 52 -19.21 -2.21 -9.04
CA SER B 52 -18.16 -2.39 -10.05
C SER B 52 -17.41 -1.09 -10.30
N LEU B 53 -18.10 0.04 -10.25
CA LEU B 53 -17.45 1.32 -10.49
C LEU B 53 -16.44 1.63 -9.39
N CYS B 54 -16.81 1.35 -8.13
CA CYS B 54 -15.89 1.51 -7.00
C CYS B 54 -14.61 0.75 -7.22
N THR B 55 -14.73 -0.52 -7.61
CA THR B 55 -13.54 -1.33 -7.85
C THR B 55 -12.66 -0.67 -8.90
N ALA B 56 -13.28 -0.22 -10.00
CA ALA B 56 -12.52 0.41 -11.08
C ALA B 56 -11.81 1.68 -10.59
N VAL B 57 -12.48 2.50 -9.78
CA VAL B 57 -11.87 3.73 -9.27
C VAL B 57 -10.69 3.40 -8.37
N LYS B 58 -10.81 2.37 -7.53
CA LYS B 58 -9.67 1.96 -6.70
C LYS B 58 -8.51 1.49 -7.57
N ALA B 59 -8.81 0.76 -8.65
CA ALA B 59 -7.73 0.31 -9.53
C ALA B 59 -7.12 1.47 -10.32
N ILE B 60 -7.95 2.44 -10.73
CA ILE B 60 -7.39 3.63 -11.38
C ILE B 60 -6.48 4.38 -10.42
N SER B 61 -6.95 4.60 -9.17
CA SER B 61 -6.17 5.34 -8.19
C SER B 61 -4.79 4.71 -8.00
N SER B 62 -4.76 3.39 -7.83
CA SER B 62 -3.49 2.67 -7.69
C SER B 62 -2.55 2.98 -8.84
N ALA B 63 -3.03 2.88 -10.08
CA ALA B 63 -2.16 3.14 -11.23
C ALA B 63 -1.78 4.62 -11.33
N VAL B 64 -2.71 5.52 -11.02
CA VAL B 64 -2.42 6.95 -11.07
C VAL B 64 -1.31 7.32 -10.08
N ARG B 65 -1.32 6.70 -8.90
CA ARG B 65 -0.26 6.89 -7.90
C ARG B 65 1.03 6.18 -8.27
N LYS B 66 1.05 5.45 -9.39
CA LYS B 66 2.25 4.88 -10.00
C LYS B 66 2.72 3.62 -9.29
N ALA B 67 1.81 2.88 -8.68
CA ALA B 67 2.17 1.57 -8.17
C ALA B 67 2.74 0.74 -9.31
N GLY B 68 3.93 0.17 -9.11
CA GLY B 68 4.52 -0.69 -10.10
C GLY B 68 5.38 -0.01 -11.15
N ILE B 69 5.55 1.31 -11.09
CA ILE B 69 6.37 2.01 -12.08
C ILE B 69 7.82 1.54 -12.08
N ALA B 70 8.30 0.98 -10.96
CA ALA B 70 9.66 0.45 -10.93
C ALA B 70 9.88 -0.60 -12.01
N HIS B 71 8.86 -1.43 -12.27
CA HIS B 71 8.95 -2.46 -13.30
C HIS B 71 9.03 -1.86 -14.69
N LEU B 72 8.37 -0.71 -14.92
CA LEU B 72 8.47 -0.03 -16.19
C LEU B 72 9.87 0.50 -16.45
N TYR B 73 10.61 0.82 -15.39
CA TYR B 73 11.94 1.39 -15.53
C TYR B 73 13.04 0.37 -15.28
N GLY B 74 12.74 -0.91 -15.38
CA GLY B 74 13.77 -1.92 -15.50
C GLY B 74 14.19 -2.64 -14.23
N ILE B 75 13.42 -2.55 -13.14
CA ILE B 75 13.86 -3.13 -11.88
C ILE B 75 14.14 -4.63 -12.01
N ALA B 76 13.39 -5.35 -12.85
CA ALA B 76 13.63 -6.78 -13.02
C ALA B 76 14.39 -7.08 -14.31
N GLY B 77 14.99 -6.06 -14.94
CA GLY B 77 15.70 -6.21 -16.19
C GLY B 77 14.91 -5.82 -17.42
N SER B 78 13.60 -5.54 -17.30
CA SER B 78 12.71 -5.28 -18.43
C SER B 78 12.36 -3.80 -18.52
N THR B 79 12.52 -3.22 -19.70
CA THR B 79 12.05 -1.85 -19.89
C THR B 79 10.53 -1.83 -19.95
N ASP B 84 3.54 9.28 -24.30
CA ASP B 84 2.77 8.05 -24.39
C ASP B 84 2.49 7.43 -23.01
N GLN B 85 3.16 7.91 -21.98
CA GLN B 85 2.91 7.39 -20.65
C GLN B 85 1.58 7.92 -20.13
N VAL B 86 1.37 9.21 -20.33
CA VAL B 86 0.07 9.80 -19.98
C VAL B 86 -1.04 9.19 -20.80
N LYS B 87 -0.78 8.99 -22.11
CA LYS B 87 -1.76 8.34 -22.97
C LYS B 87 -2.13 6.97 -22.43
N LYS B 88 -1.14 6.10 -22.21
CA LYS B 88 -1.44 4.73 -21.81
C LYS B 88 -2.22 4.68 -20.50
N LEU B 89 -1.97 5.60 -19.58
CA LEU B 89 -2.74 5.62 -18.34
C LEU B 89 -4.21 5.95 -18.58
N ASP B 90 -4.52 6.80 -19.56
CA ASP B 90 -5.94 7.03 -19.77
C ASP B 90 -6.58 5.89 -20.55
N VAL B 91 -5.80 5.20 -21.40
CA VAL B 91 -6.29 3.99 -22.05
C VAL B 91 -6.57 2.89 -21.03
N LEU B 92 -5.61 2.65 -20.12
CA LEU B 92 -5.80 1.67 -19.06
C LEU B 92 -7.01 2.01 -18.19
N SER B 93 -7.12 3.27 -17.80
CA SER B 93 -8.26 3.68 -16.98
C SER B 93 -9.57 3.45 -17.72
N ASN B 94 -9.59 3.71 -19.03
CA ASN B 94 -10.76 3.36 -19.83
C ASN B 94 -11.03 1.86 -19.78
N ASP B 95 -10.00 1.04 -19.98
CA ASP B 95 -10.20 -0.42 -20.00
C ASP B 95 -10.75 -0.92 -18.67
N LEU B 96 -10.29 -0.34 -17.56
CA LEU B 96 -10.76 -0.78 -16.25
C LEU B 96 -12.25 -0.50 -16.07
N VAL B 97 -12.67 0.72 -16.43
CA VAL B 97 -14.08 1.07 -16.30
C VAL B 97 -14.93 0.24 -17.26
N MET B 98 -14.53 0.18 -18.52
CA MET B 98 -15.29 -0.58 -19.51
C MET B 98 -15.46 -2.02 -19.06
N ASN B 99 -14.36 -2.68 -18.69
CA ASN B 99 -14.43 -4.08 -18.26
C ASN B 99 -15.27 -4.26 -17.00
N MET B 100 -15.07 -3.41 -15.99
CA MET B 100 -15.82 -3.59 -14.75
C MET B 100 -17.32 -3.38 -14.97
N LEU B 101 -17.69 -2.43 -15.83
CA LEU B 101 -19.10 -2.16 -16.09
C LEU B 101 -19.73 -3.26 -16.95
N LYS B 102 -19.04 -3.70 -18.00
CA LYS B 102 -19.50 -4.82 -18.82
C LYS B 102 -19.81 -6.03 -17.96
N SER B 103 -18.83 -6.50 -17.19
CA SER B 103 -19.02 -7.68 -16.36
C SER B 103 -19.98 -7.47 -15.20
N SER B 104 -20.43 -6.24 -14.94
CA SER B 104 -21.44 -6.00 -13.93
C SER B 104 -22.79 -6.61 -14.32
N PHE B 105 -23.00 -6.89 -15.60
CA PHE B 105 -24.30 -7.29 -16.14
C PHE B 105 -25.38 -6.23 -15.88
N ALA B 106 -24.97 -4.98 -15.60
CA ALA B 106 -25.94 -3.92 -15.32
C ALA B 106 -26.10 -2.89 -16.44
N THR B 107 -25.28 -2.92 -17.48
CA THR B 107 -25.24 -1.87 -18.49
C THR B 107 -25.59 -2.42 -19.87
N CYS B 108 -26.03 -1.53 -20.76
CA CYS B 108 -26.26 -1.89 -22.17
C CYS B 108 -25.54 -0.95 -23.12
N VAL B 109 -25.34 0.31 -22.73
CA VAL B 109 -24.63 1.29 -23.55
C VAL B 109 -23.62 2.04 -22.70
N LEU B 110 -22.39 2.16 -23.18
CA LEU B 110 -21.35 2.91 -22.48
C LEU B 110 -20.77 3.97 -23.41
N VAL B 111 -20.78 5.22 -22.95
CA VAL B 111 -20.16 6.33 -23.66
C VAL B 111 -18.96 6.79 -22.87
N SER B 112 -17.81 6.83 -23.52
CA SER B 112 -16.55 7.23 -22.91
C SER B 112 -15.86 8.32 -23.70
N GLU B 113 -15.28 9.28 -22.98
CA GLU B 113 -14.45 10.31 -23.61
C GLU B 113 -13.35 9.69 -24.46
N GLU B 114 -12.88 8.49 -24.11
CA GLU B 114 -11.77 7.89 -24.82
C GLU B 114 -12.20 7.20 -26.12
N ASP B 115 -13.50 7.03 -26.34
CA ASP B 115 -14.01 6.24 -27.45
C ASP B 115 -14.86 7.07 -28.40
N LYS B 116 -14.53 7.02 -29.70
CA LYS B 116 -15.27 7.82 -30.67
C LYS B 116 -16.74 7.46 -30.69
N HIS B 117 -17.06 6.17 -30.67
CA HIS B 117 -18.44 5.73 -30.74
C HIS B 117 -18.90 5.15 -29.40
N ALA B 118 -20.21 5.12 -29.21
CA ALA B 118 -20.77 4.46 -28.05
C ALA B 118 -20.48 2.97 -28.13
N ILE B 119 -20.20 2.35 -26.98
CA ILE B 119 -19.94 0.92 -26.90
C ILE B 119 -21.23 0.23 -26.54
N ILE B 120 -21.57 -0.82 -27.27
CA ILE B 120 -22.79 -1.57 -27.06
C ILE B 120 -22.42 -2.88 -26.37
N VAL B 121 -22.92 -3.06 -25.15
CA VAL B 121 -22.60 -4.25 -24.39
C VAL B 121 -23.14 -5.49 -25.10
N GLU B 122 -22.35 -6.55 -25.13
CA GLU B 122 -22.78 -7.77 -25.80
C GLU B 122 -24.06 -8.30 -25.14
N PRO B 123 -24.93 -8.94 -25.92
CA PRO B 123 -26.28 -9.26 -25.43
C PRO B 123 -26.33 -10.03 -24.12
N GLU B 124 -25.46 -11.03 -23.94
CA GLU B 124 -25.52 -11.87 -22.76
C GLU B 124 -25.00 -11.18 -21.50
N LYS B 125 -24.54 -9.94 -21.58
CA LYS B 125 -24.15 -9.18 -20.39
C LYS B 125 -24.97 -7.91 -20.22
N ARG B 126 -26.03 -7.73 -20.99
CA ARG B 126 -26.78 -6.48 -21.01
C ARG B 126 -27.64 -6.30 -19.76
N GLY B 127 -27.62 -5.08 -19.22
CA GLY B 127 -28.57 -4.66 -18.20
C GLY B 127 -29.29 -3.37 -18.57
N LYS B 128 -29.92 -2.71 -17.60
CA LYS B 128 -30.86 -1.63 -17.89
C LYS B 128 -30.24 -0.24 -17.98
N TYR B 129 -28.95 -0.08 -17.68
CA TYR B 129 -28.38 1.23 -17.45
C TYR B 129 -27.44 1.66 -18.58
N VAL B 130 -27.42 2.96 -18.83
CA VAL B 130 -26.47 3.63 -19.73
C VAL B 130 -25.48 4.39 -18.85
N VAL B 131 -24.18 4.30 -19.16
CA VAL B 131 -23.16 4.99 -18.36
C VAL B 131 -22.29 5.87 -19.26
N CYS B 132 -22.25 7.16 -18.95
CA CYS B 132 -21.41 8.13 -19.63
C CYS B 132 -20.27 8.50 -18.68
N PHE B 133 -19.03 8.41 -19.14
CA PHE B 133 -17.94 8.64 -18.20
C PHE B 133 -16.71 9.18 -18.93
N ASP B 134 -15.90 9.94 -18.19
CA ASP B 134 -14.54 10.26 -18.57
C ASP B 134 -13.64 9.50 -17.61
N PRO B 135 -12.94 8.44 -18.05
CA PRO B 135 -12.22 7.60 -17.09
C PRO B 135 -11.03 8.27 -16.45
N LEU B 136 -10.38 9.22 -17.14
CA LEU B 136 -9.28 9.97 -16.53
C LEU B 136 -9.32 11.39 -17.11
N ASP B 137 -10.03 12.27 -16.41
CA ASP B 137 -10.20 13.66 -16.82
C ASP B 137 -8.98 14.47 -16.46
N GLY B 138 -8.62 15.41 -17.34
CA GLY B 138 -7.41 16.16 -17.12
C GLY B 138 -6.17 15.33 -17.30
N SER B 139 -6.31 14.13 -17.89
CA SER B 139 -5.21 13.21 -18.05
C SER B 139 -4.00 13.85 -18.73
N SER B 140 -4.23 14.61 -19.81
CA SER B 140 -3.13 15.12 -20.64
C SER B 140 -2.15 16.02 -19.89
N ASN B 141 -2.50 16.54 -18.72
CA ASN B 141 -1.55 17.19 -17.82
C ASN B 141 -1.06 16.25 -16.72
N ILE B 142 -0.84 14.98 -17.03
CA ILE B 142 -0.18 14.08 -16.08
C ILE B 142 1.31 14.38 -16.00
N ASP B 143 1.88 14.99 -17.04
CA ASP B 143 3.30 15.27 -17.05
C ASP B 143 3.70 16.16 -15.87
N CYS B 144 2.78 17.01 -15.40
CA CYS B 144 3.02 17.83 -14.22
C CYS B 144 2.45 17.23 -12.94
N LEU B 145 1.82 16.06 -13.01
CA LEU B 145 1.27 15.39 -11.85
C LEU B 145 0.20 16.24 -11.16
N VAL B 146 -0.45 17.11 -11.94
CA VAL B 146 -1.64 17.77 -11.48
C VAL B 146 -2.70 16.72 -11.09
N SER B 147 -3.61 17.12 -10.22
CA SER B 147 -4.80 16.30 -9.96
C SER B 147 -5.42 15.82 -11.27
N VAL B 148 -5.82 14.56 -11.27
CA VAL B 148 -6.65 14.02 -12.34
C VAL B 148 -7.88 13.41 -11.66
N GLY B 149 -8.85 12.98 -12.49
CA GLY B 149 -10.07 12.46 -11.90
C GLY B 149 -10.90 11.70 -12.88
N THR B 150 -11.92 11.01 -12.34
CA THR B 150 -12.90 10.25 -13.09
C THR B 150 -14.27 10.88 -12.86
N ILE B 151 -15.07 11.01 -13.93
CA ILE B 151 -16.43 11.54 -13.85
C ILE B 151 -17.38 10.53 -14.47
N PHE B 152 -18.54 10.30 -13.83
CA PHE B 152 -19.51 9.35 -14.39
C PHE B 152 -20.93 9.87 -14.20
N GLY B 153 -21.81 9.43 -15.11
CA GLY B 153 -23.23 9.69 -15.03
C GLY B 153 -24.00 8.46 -15.44
N ILE B 154 -25.07 8.12 -14.71
CA ILE B 154 -25.80 6.87 -14.87
C ILE B 154 -27.26 7.19 -15.19
N TYR B 155 -27.74 6.63 -16.30
CA TYR B 155 -29.13 6.75 -16.73
C TYR B 155 -29.78 5.37 -16.81
N ARG B 156 -31.08 5.32 -16.51
CA ARG B 156 -31.90 4.21 -16.94
C ARG B 156 -32.11 4.33 -18.45
N LYS B 157 -31.82 3.27 -19.20
CA LYS B 157 -32.15 3.26 -20.62
C LYS B 157 -33.64 3.54 -20.78
N LYS B 158 -33.97 4.48 -21.66
CA LYS B 158 -35.34 4.96 -21.74
C LYS B 158 -36.11 4.36 -22.92
N SER B 159 -35.45 4.18 -24.05
CA SER B 159 -36.13 3.60 -25.21
C SER B 159 -36.17 2.07 -25.12
N THR B 160 -37.18 1.50 -25.76
CA THR B 160 -37.26 0.06 -25.90
C THR B 160 -36.59 -0.44 -27.17
N ASP B 161 -35.96 0.44 -27.96
CA ASP B 161 -35.33 -0.01 -29.18
C ASP B 161 -34.05 -0.79 -28.86
N GLU B 162 -33.53 -1.52 -29.85
CA GLU B 162 -32.22 -2.14 -29.71
C GLU B 162 -31.20 -1.09 -29.27
N PRO B 163 -30.34 -1.40 -28.30
CA PRO B 163 -29.44 -0.37 -27.76
C PRO B 163 -28.56 0.24 -28.83
N SER B 164 -28.20 1.49 -28.63
CA SER B 164 -27.41 2.26 -29.60
C SER B 164 -27.04 3.57 -28.92
N GLU B 165 -26.27 4.40 -29.64
CA GLU B 165 -25.81 5.67 -29.07
C GLU B 165 -26.96 6.58 -28.67
N LYS B 166 -28.13 6.42 -29.29
CA LYS B 166 -29.31 7.23 -28.97
C LYS B 166 -29.71 7.13 -27.51
N ASP B 167 -29.47 5.98 -26.89
CA ASP B 167 -29.85 5.78 -25.50
C ASP B 167 -29.08 6.69 -24.55
N ALA B 168 -27.93 7.21 -24.98
CA ALA B 168 -27.15 8.11 -24.16
C ALA B 168 -27.53 9.57 -24.36
N LEU B 169 -28.40 9.85 -25.32
CA LEU B 169 -28.84 11.21 -25.62
C LEU B 169 -30.04 11.58 -24.77
N GLN B 170 -29.87 11.51 -23.45
CA GLN B 170 -30.94 11.96 -22.59
C GLN B 170 -30.52 13.23 -21.86
N PRO B 171 -31.47 14.11 -21.53
CA PRO B 171 -31.10 15.31 -20.75
C PRO B 171 -30.63 14.92 -19.36
N GLY B 172 -29.73 15.75 -18.81
CA GLY B 172 -29.16 15.44 -17.51
C GLY B 172 -30.19 15.27 -16.41
N ARG B 173 -31.35 15.94 -16.54
CA ARG B 173 -32.44 15.78 -15.57
C ARG B 173 -32.81 14.32 -15.35
N ASN B 174 -32.56 13.46 -16.32
CA ASN B 174 -32.88 12.04 -16.19
C ASN B 174 -31.84 11.23 -15.41
N LEU B 175 -30.74 11.84 -14.95
CA LEU B 175 -29.72 11.10 -14.23
C LEU B 175 -30.28 10.40 -13.00
N VAL B 176 -29.87 9.13 -12.82
CA VAL B 176 -30.20 8.34 -11.63
C VAL B 176 -29.10 8.43 -10.59
N ALA B 177 -27.84 8.43 -11.02
CA ALA B 177 -26.70 8.64 -10.14
C ALA B 177 -25.60 9.32 -10.93
N ALA B 178 -24.75 10.08 -10.23
CA ALA B 178 -23.59 10.67 -10.88
C ALA B 178 -22.56 11.04 -9.85
N GLY B 179 -21.32 11.16 -10.30
CA GLY B 179 -20.28 11.63 -9.41
C GLY B 179 -18.92 11.56 -10.05
N TYR B 180 -17.91 11.53 -9.19
CA TYR B 180 -16.55 11.67 -9.66
C TYR B 180 -15.60 11.13 -8.62
N ALA B 181 -14.41 10.75 -9.08
CA ALA B 181 -13.29 10.46 -8.20
C ALA B 181 -12.24 11.52 -8.43
N LEU B 182 -11.71 12.05 -7.34
CA LEU B 182 -10.56 12.94 -7.42
C LEU B 182 -9.34 12.17 -6.93
N TYR B 183 -8.34 12.05 -7.80
CA TYR B 183 -7.02 11.51 -7.43
C TYR B 183 -6.11 12.71 -7.15
N GLY B 184 -6.26 13.27 -5.94
CA GLY B 184 -5.51 14.45 -5.55
C GLY B 184 -4.54 14.12 -4.43
N SER B 185 -4.41 14.99 -3.42
CA SER B 185 -3.51 14.63 -2.32
C SER B 185 -3.97 13.33 -1.65
N ALA B 186 -5.28 13.09 -1.61
CA ALA B 186 -5.85 11.78 -1.34
C ALA B 186 -6.88 11.49 -2.42
N THR B 187 -7.40 10.27 -2.42
CA THR B 187 -8.42 9.85 -3.40
C THR B 187 -9.78 9.94 -2.73
N MET B 188 -10.68 10.71 -3.34
CA MET B 188 -12.02 10.90 -2.80
C MET B 188 -13.04 10.59 -3.90
N LEU B 189 -14.13 9.97 -3.49
CA LEU B 189 -15.24 9.68 -4.40
C LEU B 189 -16.45 10.45 -3.90
N VAL B 190 -17.06 11.22 -4.79
CA VAL B 190 -18.27 11.95 -4.50
C VAL B 190 -19.39 11.30 -5.31
N LEU B 191 -20.43 10.87 -4.63
CA LEU B 191 -21.54 10.15 -5.25
C LEU B 191 -22.82 10.92 -4.97
N ALA B 192 -23.53 11.33 -6.03
CA ALA B 192 -24.79 12.04 -5.92
C ALA B 192 -25.94 11.17 -6.43
N MET B 193 -26.99 11.06 -5.62
CA MET B 193 -28.19 10.32 -5.98
C MET B 193 -29.40 11.12 -5.51
N ASP B 194 -30.58 10.52 -5.65
CA ASP B 194 -31.80 11.16 -5.15
C ASP B 194 -31.67 11.54 -3.68
N CYS B 195 -30.94 10.75 -2.89
CA CYS B 195 -30.82 10.97 -1.46
C CYS B 195 -29.88 12.12 -1.09
N GLY B 196 -29.16 12.70 -2.05
CA GLY B 196 -28.23 13.78 -1.78
C GLY B 196 -26.82 13.42 -2.18
N VAL B 197 -25.87 14.24 -1.75
CA VAL B 197 -24.46 14.12 -2.10
C VAL B 197 -23.69 13.64 -0.89
N ASN B 198 -22.86 12.61 -1.09
CA ASN B 198 -22.05 12.01 -0.03
C ASN B 198 -20.64 11.80 -0.54
N CYS B 199 -19.64 12.10 0.31
CA CYS B 199 -18.23 12.05 -0.04
C CYS B 199 -17.51 10.98 0.75
N PHE B 200 -16.67 10.22 0.07
CA PHE B 200 -16.02 9.04 0.62
C PHE B 200 -14.52 9.16 0.37
N MET B 201 -13.73 8.91 1.39
CA MET B 201 -12.27 8.95 1.25
C MET B 201 -11.74 7.54 1.14
N LEU B 202 -10.87 7.30 0.15
CA LEU B 202 -10.21 6.00 0.01
C LEU B 202 -9.08 5.87 1.04
N ASP B 203 -9.16 4.80 1.84
CA ASP B 203 -8.08 4.41 2.74
C ASP B 203 -7.24 3.38 2.03
N PRO B 204 -6.08 3.75 1.51
CA PRO B 204 -5.32 2.79 0.69
C PRO B 204 -4.77 1.62 1.48
N ALA B 205 -4.74 1.71 2.81
CA ALA B 205 -4.25 0.60 3.61
C ALA B 205 -5.15 -0.61 3.51
N ILE B 206 -6.44 -0.40 3.26
CA ILE B 206 -7.42 -1.48 3.27
C ILE B 206 -8.30 -1.49 2.04
N GLY B 207 -8.09 -0.57 1.09
CA GLY B 207 -8.93 -0.51 -0.09
C GLY B 207 -10.41 -0.33 0.20
N GLU B 208 -10.75 0.59 1.11
CA GLU B 208 -12.14 0.90 1.42
C GLU B 208 -12.37 2.39 1.28
N PHE B 209 -13.49 2.76 0.67
CA PHE B 209 -13.95 4.15 0.64
C PHE B 209 -14.74 4.44 1.91
N ILE B 210 -14.22 5.33 2.75
CA ILE B 210 -14.82 5.64 4.04
C ILE B 210 -15.69 6.88 3.91
N LEU B 211 -16.93 6.80 4.40
CA LEU B 211 -17.84 7.94 4.34
C LEU B 211 -17.37 9.04 5.30
N VAL B 212 -17.09 10.22 4.77
CA VAL B 212 -16.49 11.28 5.57
C VAL B 212 -17.29 12.58 5.58
N ASP B 213 -18.13 12.85 4.57
CA ASP B 213 -19.01 14.02 4.58
C ASP B 213 -20.37 13.57 4.05
N LYS B 214 -21.39 13.65 4.90
CA LYS B 214 -22.71 13.15 4.57
C LYS B 214 -23.64 14.28 4.14
N ASP B 215 -24.49 14.02 3.14
CA ASP B 215 -25.53 14.96 2.69
C ASP B 215 -24.95 16.37 2.51
N VAL B 216 -23.88 16.47 1.74
CA VAL B 216 -23.15 17.73 1.57
C VAL B 216 -24.06 18.78 0.94
N LYS B 217 -23.93 20.03 1.39
CA LYS B 217 -24.63 21.16 0.78
C LYS B 217 -23.62 22.27 0.53
N ILE B 218 -23.66 22.85 -0.67
CA ILE B 218 -22.74 23.95 -0.98
C ILE B 218 -23.22 25.21 -0.24
N LYS B 219 -22.30 26.11 0.09
CA LYS B 219 -22.74 27.35 0.74
C LYS B 219 -23.42 28.26 -0.27
N LYS B 220 -24.35 29.09 0.23
CA LYS B 220 -25.16 29.91 -0.67
C LYS B 220 -24.29 30.86 -1.46
N LYS B 221 -23.24 31.39 -0.85
CA LYS B 221 -22.33 32.31 -1.53
C LYS B 221 -20.89 32.06 -1.09
N GLY B 222 -19.96 32.10 -2.06
CA GLY B 222 -18.55 31.87 -1.82
C GLY B 222 -17.71 33.12 -2.06
N LYS B 223 -16.39 32.93 -1.94
CA LYS B 223 -15.38 33.98 -2.10
C LYS B 223 -14.29 33.60 -3.11
N ILE B 224 -14.55 32.64 -3.98
CA ILE B 224 -13.55 32.15 -4.94
C ILE B 224 -14.20 31.97 -6.31
N TYR B 225 -13.51 32.44 -7.34
CA TYR B 225 -13.93 32.21 -8.72
C TYR B 225 -12.81 31.49 -9.45
N SER B 226 -13.20 30.67 -10.41
CA SER B 226 -12.29 29.73 -11.04
C SER B 226 -12.60 29.69 -12.53
N LEU B 227 -11.62 30.09 -13.36
CA LEU B 227 -11.73 29.99 -14.81
C LEU B 227 -10.39 30.34 -15.43
N ASN B 228 -10.16 29.85 -16.66
CA ASN B 228 -8.95 30.15 -17.40
C ASN B 228 -9.03 31.56 -17.96
N GLU B 229 -8.35 32.50 -17.30
CA GLU B 229 -8.38 33.90 -17.72
C GLU B 229 -7.47 34.20 -18.91
N GLY B 230 -6.68 33.23 -19.37
CA GLY B 230 -5.95 33.41 -20.62
C GLY B 230 -6.85 33.62 -21.83
N TYR B 231 -8.11 33.22 -21.75
CA TYR B 231 -9.06 33.47 -22.83
C TYR B 231 -9.73 34.84 -22.70
N ALA B 232 -9.23 35.70 -21.82
CA ALA B 232 -9.85 37.00 -21.59
C ALA B 232 -10.11 37.75 -22.89
N LYS B 233 -9.23 37.59 -23.89
CA LYS B 233 -9.43 38.27 -25.15
C LYS B 233 -10.72 37.79 -25.84
N ASP B 234 -11.03 36.50 -25.70
CA ASP B 234 -12.18 35.90 -26.36
C ASP B 234 -13.44 35.92 -25.52
N PHE B 235 -13.40 36.53 -24.33
CA PHE B 235 -14.54 36.43 -23.41
C PHE B 235 -15.73 37.24 -23.91
N ASP B 236 -16.91 36.66 -23.74
CA ASP B 236 -18.17 37.39 -23.85
C ASP B 236 -18.14 38.59 -22.93
N PRO B 237 -18.80 39.70 -23.30
CA PRO B 237 -18.84 40.86 -22.40
C PRO B 237 -19.58 40.60 -21.10
N ALA B 238 -20.50 39.63 -21.07
CA ALA B 238 -21.10 39.24 -19.78
C ALA B 238 -20.03 38.69 -18.84
N VAL B 239 -19.23 37.74 -19.33
CA VAL B 239 -18.17 37.15 -18.52
C VAL B 239 -17.19 38.22 -18.04
N THR B 240 -16.69 39.05 -18.98
CA THR B 240 -15.73 40.10 -18.64
C THR B 240 -16.27 40.99 -17.54
N GLU B 241 -17.53 41.43 -17.67
CA GLU B 241 -18.13 42.26 -16.62
C GLU B 241 -18.21 41.50 -15.30
N TYR B 242 -18.74 40.28 -15.30
CA TYR B 242 -18.89 39.53 -14.05
C TYR B 242 -17.56 39.40 -13.33
N ILE B 243 -16.53 38.98 -14.05
CA ILE B 243 -15.19 38.78 -13.48
C ILE B 243 -14.59 40.11 -13.03
N GLN B 244 -14.94 41.22 -13.70
CA GLN B 244 -14.49 42.53 -13.24
C GLN B 244 -15.05 42.85 -11.87
N ARG B 245 -16.32 42.49 -11.65
CA ARG B 245 -16.95 42.71 -10.36
C ARG B 245 -16.35 41.83 -9.27
N LYS B 246 -15.80 40.67 -9.64
CA LYS B 246 -15.15 39.84 -8.61
C LYS B 246 -13.81 40.41 -8.18
N LYS B 247 -13.08 41.06 -9.10
CA LYS B 247 -11.77 41.64 -8.80
C LYS B 247 -11.89 43.05 -8.25
N PHE B 248 -12.86 43.81 -8.74
CA PHE B 248 -13.10 45.20 -8.33
C PHE B 248 -14.57 45.27 -7.92
N PRO B 249 -14.89 44.88 -6.69
CA PRO B 249 -16.29 44.86 -6.25
C PRO B 249 -16.87 46.26 -6.22
N PRO B 250 -18.00 46.49 -6.88
CA PRO B 250 -18.54 47.85 -6.94
C PRO B 250 -18.93 48.39 -5.58
N ASP B 251 -19.20 47.52 -4.61
CA ASP B 251 -19.49 47.95 -3.24
C ASP B 251 -18.26 47.97 -2.36
N ASN B 252 -17.07 47.77 -2.93
CA ASN B 252 -15.79 47.83 -2.21
C ASN B 252 -15.67 46.77 -1.13
N SER B 253 -16.42 45.67 -1.24
CA SER B 253 -16.16 44.50 -0.40
C SER B 253 -14.85 43.85 -0.84
N ALA B 254 -14.47 42.77 -0.16
CA ALA B 254 -13.21 42.09 -0.44
C ALA B 254 -13.28 41.44 -1.82
N PRO B 255 -12.24 41.60 -2.64
CA PRO B 255 -12.20 40.85 -3.91
C PRO B 255 -12.21 39.34 -3.67
N TYR B 256 -12.81 38.61 -4.62
CA TYR B 256 -12.76 37.14 -4.58
C TYR B 256 -11.35 36.65 -4.87
N GLY B 257 -10.95 35.57 -4.19
CA GLY B 257 -9.73 34.86 -4.57
C GLY B 257 -9.91 34.03 -5.83
N ALA B 258 -8.80 33.76 -6.52
CA ALA B 258 -8.83 33.04 -7.78
C ALA B 258 -8.07 31.73 -7.66
N ARG B 259 -8.62 30.67 -8.26
CA ARG B 259 -7.97 29.38 -8.34
C ARG B 259 -8.36 28.74 -9.66
N TYR B 260 -7.40 28.13 -10.35
CA TYR B 260 -7.70 27.37 -11.57
C TYR B 260 -6.63 26.31 -11.75
N VAL B 261 -7.00 25.05 -11.51
CA VAL B 261 -6.12 23.91 -11.71
C VAL B 261 -6.12 23.49 -13.18
N GLY B 262 -7.21 23.75 -13.89
CA GLY B 262 -7.34 23.29 -15.25
C GLY B 262 -7.76 21.84 -15.39
N SER B 263 -8.16 21.20 -14.30
CA SER B 263 -8.76 19.87 -14.34
C SER B 263 -10.14 20.00 -13.70
N MET B 264 -11.17 19.59 -14.43
CA MET B 264 -12.54 19.90 -14.02
C MET B 264 -12.88 19.32 -12.66
N VAL B 265 -12.42 18.09 -12.38
CA VAL B 265 -12.77 17.47 -11.10
C VAL B 265 -12.18 18.25 -9.94
N ALA B 266 -10.91 18.64 -10.05
CA ALA B 266 -10.30 19.43 -8.98
C ALA B 266 -11.04 20.75 -8.79
N ASP B 267 -11.35 21.44 -9.90
CA ASP B 267 -11.93 22.79 -9.79
C ASP B 267 -13.38 22.74 -9.30
N VAL B 268 -14.16 21.76 -9.76
CA VAL B 268 -15.55 21.67 -9.30
C VAL B 268 -15.62 21.21 -7.85
N HIS B 269 -14.78 20.25 -7.47
CA HIS B 269 -14.81 19.80 -6.08
C HIS B 269 -14.42 20.92 -5.12
N ARG B 270 -13.41 21.72 -5.47
CA ARG B 270 -13.07 22.86 -4.60
C ARG B 270 -14.25 23.81 -4.47
N THR B 271 -15.01 23.97 -5.56
CA THR B 271 -16.21 24.83 -5.53
C THR B 271 -17.28 24.23 -4.63
N LEU B 272 -17.47 22.91 -4.71
CA LEU B 272 -18.40 22.21 -3.83
C LEU B 272 -18.03 22.39 -2.36
N VAL B 273 -16.74 22.24 -2.02
CA VAL B 273 -16.31 22.17 -0.64
C VAL B 273 -16.25 23.55 0.01
N TYR B 274 -15.80 24.56 -0.73
CA TYR B 274 -15.60 25.91 -0.20
C TYR B 274 -16.63 26.92 -0.67
N GLY B 275 -17.39 26.62 -1.73
CA GLY B 275 -18.28 27.59 -2.30
C GLY B 275 -17.55 28.49 -3.29
N GLY B 276 -18.34 29.26 -4.04
CA GLY B 276 -17.79 30.06 -5.12
C GLY B 276 -18.36 29.64 -6.45
N ILE B 277 -17.65 29.96 -7.52
CA ILE B 277 -18.17 29.78 -8.88
C ILE B 277 -17.05 29.29 -9.78
N PHE B 278 -17.39 28.35 -10.65
CA PHE B 278 -16.51 27.85 -11.70
C PHE B 278 -17.14 28.18 -13.05
N LEU B 279 -16.33 28.69 -13.98
CA LEU B 279 -16.80 29.03 -15.31
C LEU B 279 -15.90 28.39 -16.36
N TYR B 280 -16.50 27.76 -17.37
CA TYR B 280 -15.81 27.49 -18.63
C TYR B 280 -16.75 27.93 -19.73
N PRO B 281 -16.76 29.22 -20.06
CA PRO B 281 -17.71 29.72 -21.04
C PRO B 281 -17.18 29.48 -22.45
N ALA B 282 -18.05 29.72 -23.44
CA ALA B 282 -17.61 29.68 -24.82
C ALA B 282 -16.52 30.71 -25.06
N ASN B 283 -15.64 30.40 -26.01
CA ASN B 283 -14.69 31.35 -26.55
C ASN B 283 -14.57 31.06 -28.05
N LYS B 284 -13.75 31.83 -28.75
CA LYS B 284 -13.77 31.71 -30.19
C LYS B 284 -12.98 30.50 -30.71
N LYS B 285 -12.14 29.89 -29.87
CA LYS B 285 -11.67 28.55 -30.17
C LYS B 285 -12.69 27.48 -29.81
N SER B 286 -13.74 27.83 -29.06
CA SER B 286 -14.76 26.86 -28.63
C SER B 286 -16.10 27.56 -28.52
N PRO B 287 -16.73 27.88 -29.66
CA PRO B 287 -17.95 28.69 -29.61
C PRO B 287 -19.14 27.94 -29.02
N ASN B 288 -19.09 26.62 -28.88
CA ASN B 288 -20.12 25.84 -28.21
C ASN B 288 -19.73 25.48 -26.78
N GLY B 289 -18.60 25.97 -26.31
CA GLY B 289 -18.05 25.52 -25.06
C GLY B 289 -16.88 24.56 -25.27
N LYS B 290 -16.09 24.39 -24.23
CA LYS B 290 -15.02 23.42 -24.28
C LYS B 290 -15.41 22.09 -23.65
N LEU B 291 -16.06 22.13 -22.49
CA LEU B 291 -16.35 20.90 -21.76
C LEU B 291 -17.42 20.10 -22.51
N ARG B 292 -17.46 18.80 -22.23
CA ARG B 292 -18.38 17.90 -22.92
C ARG B 292 -19.63 17.73 -22.07
N LEU B 293 -20.79 17.78 -22.71
CA LEU B 293 -22.06 17.78 -21.98
C LEU B 293 -22.32 16.45 -21.28
N LEU B 294 -22.06 15.31 -21.95
CA LEU B 294 -22.58 14.05 -21.44
C LEU B 294 -21.79 13.50 -20.24
N TYR B 295 -20.47 13.61 -20.22
CA TYR B 295 -19.70 12.98 -19.16
C TYR B 295 -18.82 13.96 -18.40
N GLU B 296 -18.96 15.28 -18.66
CA GLU B 296 -18.35 16.33 -17.84
C GLU B 296 -19.40 17.24 -17.24
N CYS B 297 -20.16 17.98 -18.06
CA CYS B 297 -21.07 19.00 -17.53
C CYS B 297 -22.25 18.38 -16.81
N ASN B 298 -22.89 17.37 -17.42
CA ASN B 298 -24.12 16.84 -16.82
C ASN B 298 -23.86 16.23 -15.44
N PRO B 299 -22.87 15.35 -15.26
CA PRO B 299 -22.65 14.83 -13.91
C PRO B 299 -22.33 15.90 -12.89
N MET B 300 -21.51 16.89 -13.26
CA MET B 300 -21.16 17.95 -12.31
C MET B 300 -22.36 18.84 -12.00
N ALA B 301 -23.21 19.11 -13.01
CA ALA B 301 -24.43 19.89 -12.73
C ALA B 301 -25.33 19.15 -11.76
N TYR B 302 -25.41 17.83 -11.91
CA TYR B 302 -26.28 17.01 -11.06
C TYR B 302 -25.80 17.03 -9.62
N VAL B 303 -24.49 16.88 -9.41
CA VAL B 303 -23.91 16.98 -8.08
C VAL B 303 -24.18 18.35 -7.49
N MET B 304 -23.96 19.40 -8.30
CA MET B 304 -24.24 20.76 -7.85
C MET B 304 -25.69 20.91 -7.41
N GLU B 305 -26.64 20.53 -8.26
CA GLU B 305 -28.05 20.72 -7.92
C GLU B 305 -28.46 19.88 -6.71
N LYS B 306 -27.96 18.65 -6.60
CA LYS B 306 -28.25 17.87 -5.40
C LYS B 306 -27.62 18.49 -4.16
N ALA B 307 -26.52 19.24 -4.33
CA ALA B 307 -25.88 19.93 -3.21
C ALA B 307 -26.52 21.29 -2.94
N GLY B 308 -27.61 21.62 -3.61
CA GLY B 308 -28.19 22.94 -3.47
C GLY B 308 -27.50 24.01 -4.27
N GLY B 309 -26.66 23.62 -5.24
CA GLY B 309 -26.02 24.56 -6.12
C GLY B 309 -26.73 24.71 -7.45
N MET B 310 -26.11 25.46 -8.35
CA MET B 310 -26.66 25.75 -9.65
C MET B 310 -25.67 25.43 -10.76
N ALA B 311 -26.22 25.19 -11.95
CA ALA B 311 -25.40 24.93 -13.13
C ALA B 311 -26.17 25.40 -14.34
N THR B 312 -25.63 26.39 -15.03
CA THR B 312 -26.28 27.00 -16.17
C THR B 312 -25.33 27.04 -17.34
N THR B 313 -25.91 27.05 -18.54
CA THR B 313 -25.13 27.38 -19.72
C THR B 313 -25.14 28.86 -20.01
N GLY B 314 -25.93 29.63 -19.26
CA GLY B 314 -26.26 31.00 -19.58
C GLY B 314 -27.67 31.06 -20.14
N LYS B 315 -27.95 30.21 -21.13
CA LYS B 315 -29.28 30.19 -21.74
C LYS B 315 -30.26 29.34 -20.93
N GLU B 316 -29.83 28.16 -20.49
CA GLU B 316 -30.70 27.25 -19.77
C GLU B 316 -29.88 26.51 -18.72
N ALA B 317 -30.57 25.78 -17.85
CA ALA B 317 -29.89 24.86 -16.95
C ALA B 317 -29.25 23.74 -17.75
N VAL B 318 -28.01 23.39 -17.38
CA VAL B 318 -27.29 22.31 -18.06
C VAL B 318 -28.15 21.05 -18.11
N LEU B 319 -28.77 20.71 -16.98
CA LEU B 319 -29.53 19.47 -16.89
C LEU B 319 -30.71 19.44 -17.85
N ASP B 320 -31.10 20.58 -18.41
CA ASP B 320 -32.23 20.63 -19.33
C ASP B 320 -31.81 20.62 -20.80
N VAL B 321 -30.52 20.75 -21.11
CA VAL B 321 -30.08 20.64 -22.49
C VAL B 321 -30.39 19.24 -23.01
N ILE B 322 -30.99 19.15 -24.19
CA ILE B 322 -31.30 17.87 -24.83
C ILE B 322 -30.15 17.57 -25.79
N PRO B 323 -29.31 16.59 -25.50
CA PRO B 323 -28.17 16.31 -26.39
C PRO B 323 -28.61 15.74 -27.73
N THR B 324 -27.83 16.04 -28.77
CA THR B 324 -28.00 15.43 -30.07
C THR B 324 -26.78 14.64 -30.54
N ASP B 325 -25.61 14.85 -29.93
CA ASP B 325 -24.40 14.12 -30.28
C ASP B 325 -23.64 13.77 -29.01
N ILE B 326 -23.06 12.56 -28.95
CA ILE B 326 -22.60 12.06 -27.66
C ILE B 326 -21.36 12.78 -27.15
N HIS B 327 -20.57 13.39 -28.02
CA HIS B 327 -19.39 14.14 -27.62
C HIS B 327 -19.58 15.64 -27.76
N GLN B 328 -20.82 16.11 -27.79
CA GLN B 328 -21.05 17.54 -27.99
C GLN B 328 -20.61 18.33 -26.77
N ARG B 329 -20.25 19.59 -27.01
CA ARG B 329 -19.73 20.46 -25.96
C ARG B 329 -20.82 21.41 -25.44
N ALA B 330 -20.62 21.94 -24.23
CA ALA B 330 -21.53 22.94 -23.68
C ALA B 330 -20.76 23.97 -22.86
N PRO B 331 -21.22 25.20 -22.84
CA PRO B 331 -20.68 26.15 -21.85
C PRO B 331 -21.27 25.85 -20.49
N VAL B 332 -20.50 26.13 -19.45
CA VAL B 332 -20.96 25.80 -18.10
C VAL B 332 -20.49 26.89 -17.14
N ILE B 333 -21.42 27.31 -16.28
CA ILE B 333 -21.16 28.14 -15.10
C ILE B 333 -21.87 27.43 -13.95
N LEU B 334 -21.13 27.16 -12.86
CA LEU B 334 -21.75 26.39 -11.78
C LEU B 334 -21.18 26.79 -10.43
N GLY B 335 -21.92 26.43 -9.38
CA GLY B 335 -21.49 26.61 -8.01
C GLY B 335 -22.54 27.21 -7.10
N SER B 336 -22.09 28.08 -6.21
CA SER B 336 -22.96 28.62 -5.17
C SER B 336 -24.10 29.42 -5.80
N PRO B 337 -25.33 29.25 -5.33
CA PRO B 337 -26.48 29.80 -6.07
C PRO B 337 -26.46 31.32 -6.17
N ASP B 338 -26.01 32.01 -5.12
CA ASP B 338 -25.98 33.47 -5.17
C ASP B 338 -24.94 33.96 -6.15
N ASP B 339 -23.85 33.20 -6.33
CA ASP B 339 -22.84 33.57 -7.31
C ASP B 339 -23.32 33.29 -8.74
N VAL B 340 -23.96 32.14 -8.95
CA VAL B 340 -24.49 31.86 -10.29
C VAL B 340 -25.64 32.80 -10.61
N LEU B 341 -26.54 33.04 -9.65
CA LEU B 341 -27.59 34.06 -9.86
C LEU B 341 -26.98 35.42 -10.19
N GLU B 342 -25.93 35.81 -9.47
CA GLU B 342 -25.27 37.08 -9.76
C GLU B 342 -24.71 37.11 -11.17
N PHE B 343 -24.13 35.99 -11.63
CA PHE B 343 -23.66 35.94 -13.00
C PHE B 343 -24.83 36.07 -13.98
N LEU B 344 -25.95 35.41 -13.68
CA LEU B 344 -27.08 35.37 -14.61
C LEU B 344 -27.77 36.73 -14.71
N LYS B 345 -27.72 37.52 -13.63
CA LYS B 345 -28.21 38.89 -13.69
C LYS B 345 -27.34 39.73 -14.63
N VAL B 346 -26.02 39.58 -14.55
CA VAL B 346 -25.15 40.27 -15.49
C VAL B 346 -25.35 39.75 -16.91
N TYR B 347 -25.77 38.49 -17.05
CA TYR B 347 -25.89 37.90 -18.39
C TYR B 347 -27.12 38.43 -19.11
N GLU B 348 -28.25 38.55 -18.41
CA GLU B 348 -29.44 39.05 -19.08
C GLU B 348 -29.34 40.55 -19.36
N LYS B 349 -28.56 41.29 -18.56
CA LYS B 349 -28.25 42.67 -18.90
C LYS B 349 -27.57 42.79 -20.26
N HIS B 350 -26.93 41.73 -20.74
CA HIS B 350 -26.29 41.74 -22.06
C HIS B 350 -27.08 40.93 -23.08
N SER B 351 -28.40 40.85 -22.93
CA SER B 351 -29.28 40.14 -23.86
C SER B 351 -29.08 40.56 -25.31
N ASP C 25 15.30 6.37 19.44
CA ASP C 25 15.73 6.90 18.14
C ASP C 25 15.53 5.85 17.03
N VAL C 26 14.58 6.13 16.14
CA VAL C 26 14.28 5.19 15.07
C VAL C 26 15.49 4.99 14.16
N ASN C 27 15.60 3.79 13.62
CA ASN C 27 16.62 3.51 12.62
C ASN C 27 16.01 2.69 11.49
N THR C 28 16.52 2.92 10.29
CA THR C 28 16.12 2.20 9.09
C THR C 28 17.28 1.34 8.62
N LEU C 29 16.96 0.34 7.78
CA LEU C 29 18.01 -0.47 7.17
C LEU C 29 18.99 0.40 6.40
N THR C 30 18.48 1.34 5.58
CA THR C 30 19.34 2.22 4.80
C THR C 30 20.34 2.95 5.67
N ARG C 31 19.87 3.48 6.81
CA ARG C 31 20.72 4.28 7.68
C ARG C 31 21.67 3.41 8.49
N PHE C 32 21.20 2.24 8.94
CA PHE C 32 22.06 1.31 9.65
C PHE C 32 23.21 0.82 8.76
N VAL C 33 22.91 0.40 7.53
CA VAL C 33 23.93 -0.12 6.63
C VAL C 33 24.94 0.98 6.30
N MET C 34 24.44 2.18 6.00
CA MET C 34 25.33 3.27 5.65
C MET C 34 26.25 3.62 6.82
N GLU C 35 25.72 3.58 8.04
CA GLU C 35 26.54 3.91 9.21
C GLU C 35 27.58 2.84 9.48
N GLU C 36 27.25 1.56 9.26
CA GLU C 36 28.26 0.51 9.41
C GLU C 36 29.37 0.66 8.37
N GLY C 37 28.99 0.96 7.12
CA GLY C 37 30.00 1.27 6.10
C GLY C 37 30.91 2.42 6.49
N ARG C 38 30.36 3.46 7.12
CA ARG C 38 31.20 4.57 7.54
C ARG C 38 32.20 4.11 8.61
N LYS C 39 31.75 3.34 9.58
CA LYS C 39 32.64 2.83 10.64
C LYS C 39 33.73 1.94 10.06
N ALA C 40 33.38 1.06 9.12
CA ALA C 40 34.36 0.22 8.46
C ALA C 40 35.37 1.01 7.64
N ARG C 41 35.11 2.29 7.38
CA ARG C 41 35.88 3.08 6.42
C ARG C 41 35.94 2.38 5.06
N GLY C 42 34.86 1.68 4.68
CA GLY C 42 34.78 1.11 3.34
C GLY C 42 34.64 2.20 2.28
N THR C 43 34.82 1.79 1.02
CA THR C 43 34.69 2.73 -0.07
C THR C 43 33.24 3.01 -0.46
N GLY C 44 32.27 2.31 0.12
CA GLY C 44 30.88 2.42 -0.25
C GLY C 44 30.34 1.29 -1.10
N GLU C 45 31.21 0.38 -1.57
CA GLU C 45 30.77 -0.64 -2.51
C GLU C 45 29.82 -1.64 -1.85
N LEU C 46 30.18 -2.17 -0.68
CA LEU C 46 29.31 -3.13 -0.01
C LEU C 46 28.01 -2.48 0.45
N THR C 47 28.06 -1.19 0.83
CA THR C 47 26.83 -0.46 1.13
C THR C 47 25.91 -0.39 -0.07
N GLN C 48 26.46 -0.13 -1.27
CA GLN C 48 25.64 -0.13 -2.48
C GLN C 48 25.09 -1.51 -2.79
N LEU C 49 25.89 -2.56 -2.59
CA LEU C 49 25.37 -3.92 -2.72
C LEU C 49 24.18 -4.14 -1.80
N LEU C 50 24.34 -3.78 -0.52
CA LEU C 50 23.27 -4.06 0.43
C LEU C 50 22.03 -3.18 0.18
N ASN C 51 22.24 -1.92 -0.23
CA ASN C 51 21.09 -1.09 -0.66
C ASN C 51 20.33 -1.75 -1.79
N SER C 52 21.06 -2.35 -2.72
CA SER C 52 20.47 -2.93 -3.91
C SER C 52 19.67 -4.19 -3.58
N LEU C 53 20.18 -5.01 -2.66
CA LEU C 53 19.43 -6.16 -2.20
C LEU C 53 18.17 -5.74 -1.46
N CYS C 54 18.25 -4.68 -0.65
CA CYS C 54 17.09 -4.19 0.10
C CYS C 54 15.95 -3.83 -0.83
N THR C 55 16.25 -3.11 -1.92
CA THR C 55 15.24 -2.78 -2.92
C THR C 55 14.63 -4.03 -3.56
N ALA C 56 15.49 -4.98 -3.97
CA ALA C 56 14.98 -6.21 -4.57
C ALA C 56 14.03 -6.95 -3.62
N VAL C 57 14.38 -6.99 -2.33
CA VAL C 57 13.56 -7.75 -1.39
C VAL C 57 12.22 -7.07 -1.17
N LYS C 58 12.19 -5.74 -1.17
CA LYS C 58 10.90 -5.05 -1.10
C LYS C 58 10.03 -5.37 -2.31
N ALA C 59 10.66 -5.52 -3.48
CA ALA C 59 9.87 -5.81 -4.67
C ALA C 59 9.45 -7.27 -4.69
N ILE C 60 10.29 -8.18 -4.20
CA ILE C 60 9.84 -9.57 -4.06
C ILE C 60 8.65 -9.65 -3.13
N SER C 61 8.72 -8.96 -1.99
CA SER C 61 7.64 -8.98 -1.01
C SER C 61 6.33 -8.51 -1.65
N SER C 62 6.40 -7.43 -2.43
CA SER C 62 5.20 -6.89 -3.06
C SER C 62 4.55 -7.92 -3.99
N ALA C 63 5.36 -8.64 -4.76
CA ALA C 63 4.83 -9.66 -5.66
C ALA C 63 4.38 -10.91 -4.89
N VAL C 64 5.12 -11.30 -3.84
CA VAL C 64 4.71 -12.48 -3.06
C VAL C 64 3.34 -12.25 -2.42
N ARG C 65 3.08 -11.03 -1.92
CA ARG C 65 1.76 -10.68 -1.37
C ARG C 65 0.70 -10.46 -2.46
N LYS C 66 1.03 -10.66 -3.75
CA LYS C 66 0.06 -10.70 -4.85
C LYS C 66 -0.50 -9.33 -5.23
N ALA C 67 0.25 -8.27 -4.99
CA ALA C 67 -0.14 -6.97 -5.55
C ALA C 67 -0.23 -7.09 -7.07
N GLY C 68 -1.35 -6.65 -7.62
CA GLY C 68 -1.55 -6.71 -9.04
C GLY C 68 -2.18 -7.99 -9.54
N ILE C 69 -2.60 -8.90 -8.65
CA ILE C 69 -3.18 -10.15 -9.13
C ILE C 69 -4.50 -9.89 -9.83
N ALA C 70 -5.17 -8.79 -9.51
CA ALA C 70 -6.39 -8.44 -10.22
C ALA C 70 -6.17 -8.35 -11.73
N HIS C 71 -4.98 -7.91 -12.16
CA HIS C 71 -4.73 -7.75 -13.58
C HIS C 71 -4.52 -9.09 -14.25
N LEU C 72 -3.91 -10.03 -13.52
CA LEU C 72 -3.79 -11.41 -13.97
C LEU C 72 -5.15 -12.01 -14.26
N TYR C 73 -6.16 -11.63 -13.49
CA TYR C 73 -7.45 -12.27 -13.58
C TYR C 73 -8.45 -11.43 -14.38
N GLY C 74 -7.94 -10.45 -15.13
CA GLY C 74 -8.74 -9.79 -16.14
C GLY C 74 -9.49 -8.55 -15.70
N ILE C 75 -9.00 -7.82 -14.70
CA ILE C 75 -9.75 -6.66 -14.25
C ILE C 75 -9.83 -5.60 -15.34
N ALA C 76 -8.80 -5.46 -16.16
CA ALA C 76 -8.82 -4.55 -17.30
C ALA C 76 -9.02 -5.29 -18.63
N GLY C 77 -9.55 -6.50 -18.59
CA GLY C 77 -9.86 -7.23 -19.81
C GLY C 77 -8.79 -8.22 -20.22
N SER C 78 -7.52 -7.84 -20.10
CA SER C 78 -6.40 -8.66 -20.54
C SER C 78 -5.07 -7.99 -20.20
N VAL C 86 3.09 -12.37 -16.01
CA VAL C 86 2.71 -13.79 -15.98
C VAL C 86 3.97 -14.62 -15.71
N LYS C 87 5.07 -13.95 -15.40
CA LYS C 87 6.25 -14.65 -14.91
C LYS C 87 5.93 -15.35 -13.59
N LYS C 88 6.35 -16.61 -13.47
CA LYS C 88 6.30 -17.33 -12.20
C LYS C 88 6.98 -16.52 -11.11
N LEU C 89 6.57 -16.74 -9.85
CA LEU C 89 7.12 -15.94 -8.77
C LEU C 89 8.61 -16.19 -8.59
N ASP C 90 9.04 -17.45 -8.71
CA ASP C 90 10.46 -17.71 -8.49
C ASP C 90 11.30 -17.10 -9.59
N VAL C 91 10.81 -17.14 -10.84
CA VAL C 91 11.53 -16.52 -11.95
C VAL C 91 11.62 -15.02 -11.76
N LEU C 92 10.49 -14.38 -11.45
CA LEU C 92 10.50 -12.94 -11.20
C LEU C 92 11.48 -12.59 -10.08
N SER C 93 11.46 -13.36 -8.99
CA SER C 93 12.34 -13.07 -7.86
C SER C 93 13.81 -13.20 -8.25
N ASN C 94 14.15 -14.21 -9.05
CA ASN C 94 15.52 -14.34 -9.49
C ASN C 94 15.93 -13.13 -10.33
N ASP C 95 15.01 -12.66 -11.18
CA ASP C 95 15.28 -11.51 -12.04
C ASP C 95 15.50 -10.25 -11.24
N LEU C 96 14.72 -10.07 -10.18
CA LEU C 96 14.85 -8.89 -9.32
C LEU C 96 16.23 -8.84 -8.66
N VAL C 97 16.61 -9.92 -7.97
CA VAL C 97 17.90 -9.96 -7.27
C VAL C 97 19.05 -9.80 -8.26
N MET C 98 19.00 -10.57 -9.35
CA MET C 98 20.07 -10.54 -10.36
C MET C 98 20.22 -9.15 -10.95
N ASN C 99 19.11 -8.51 -11.32
CA ASN C 99 19.30 -7.19 -11.93
C ASN C 99 19.71 -6.15 -10.89
N MET C 100 19.15 -6.21 -9.68
CA MET C 100 19.56 -5.21 -8.68
C MET C 100 21.03 -5.39 -8.32
N LEU C 101 21.50 -6.64 -8.16
CA LEU C 101 22.91 -6.84 -7.82
C LEU C 101 23.83 -6.41 -8.97
N LYS C 102 23.52 -6.82 -10.20
CA LYS C 102 24.32 -6.40 -11.36
C LYS C 102 24.44 -4.88 -11.40
N SER C 103 23.32 -4.17 -11.26
CA SER C 103 23.35 -2.73 -11.42
C SER C 103 23.95 -2.02 -10.23
N SER C 104 24.29 -2.74 -9.15
CA SER C 104 24.96 -2.13 -8.00
C SER C 104 26.41 -1.80 -8.27
N PHE C 105 27.00 -2.39 -9.30
CA PHE C 105 28.43 -2.24 -9.63
C PHE C 105 29.33 -2.79 -8.53
N ALA C 106 28.78 -3.61 -7.64
CA ALA C 106 29.47 -4.12 -6.48
C ALA C 106 29.79 -5.62 -6.55
N THR C 107 29.32 -6.31 -7.59
CA THR C 107 29.41 -7.77 -7.63
C THR C 107 30.20 -8.22 -8.87
N CYS C 108 30.70 -9.46 -8.81
CA CYS C 108 31.41 -10.03 -9.97
C CYS C 108 30.98 -11.46 -10.31
N VAL C 109 30.51 -12.22 -9.32
CA VAL C 109 30.02 -13.59 -9.51
C VAL C 109 28.74 -13.75 -8.70
N LEU C 110 27.67 -14.24 -9.35
CA LEU C 110 26.39 -14.46 -8.68
C LEU C 110 25.98 -15.92 -8.84
N VAL C 111 25.70 -16.58 -7.72
CA VAL C 111 25.26 -17.96 -7.75
C VAL C 111 23.83 -18.01 -7.23
N SER C 112 22.92 -18.55 -8.04
CA SER C 112 21.52 -18.60 -7.66
C SER C 112 21.03 -20.03 -7.75
N GLU C 113 20.10 -20.38 -6.86
CA GLU C 113 19.51 -21.71 -6.95
C GLU C 113 18.82 -21.94 -8.28
N GLU C 114 18.43 -20.87 -8.97
CA GLU C 114 17.66 -21.01 -10.20
C GLU C 114 18.54 -21.18 -11.43
N ASP C 115 19.85 -21.01 -11.32
CA ASP C 115 20.72 -21.06 -12.48
C ASP C 115 21.74 -22.18 -12.32
N LYS C 116 21.85 -23.03 -13.35
CA LYS C 116 22.75 -24.18 -13.28
C LYS C 116 24.20 -23.74 -13.13
N HIS C 117 24.61 -22.67 -13.82
CA HIS C 117 25.96 -22.16 -13.73
C HIS C 117 26.00 -20.80 -13.06
N ALA C 118 27.17 -20.46 -12.52
CA ALA C 118 27.37 -19.14 -11.95
C ALA C 118 27.25 -18.07 -13.03
N ILE C 119 26.62 -16.94 -12.69
CA ILE C 119 26.55 -15.81 -13.60
C ILE C 119 27.78 -14.94 -13.35
N ILE C 120 28.50 -14.61 -14.41
CA ILE C 120 29.65 -13.72 -14.33
C ILE C 120 29.19 -12.36 -14.81
N VAL C 121 29.46 -11.32 -14.01
CA VAL C 121 29.03 -9.96 -14.32
C VAL C 121 29.97 -9.37 -15.37
N GLU C 122 29.40 -8.61 -16.31
CA GLU C 122 30.19 -8.06 -17.40
C GLU C 122 31.22 -7.06 -16.87
N PRO C 123 32.35 -6.88 -17.56
CA PRO C 123 33.42 -6.05 -16.99
C PRO C 123 32.97 -4.66 -16.57
N GLU C 124 32.06 -4.05 -17.34
CA GLU C 124 31.64 -2.68 -17.08
C GLU C 124 30.82 -2.52 -15.80
N LYS C 125 30.29 -3.61 -15.24
CA LYS C 125 29.44 -3.52 -14.05
C LYS C 125 30.04 -4.25 -12.86
N ARG C 126 31.36 -4.53 -12.91
CA ARG C 126 32.00 -5.45 -11.97
C ARG C 126 32.45 -4.75 -10.69
N GLY C 127 32.13 -5.37 -9.55
CA GLY C 127 32.67 -5.04 -8.25
C GLY C 127 33.44 -6.24 -7.75
N LYS C 128 33.75 -6.29 -6.45
CA LYS C 128 34.59 -7.37 -5.95
C LYS C 128 33.87 -8.40 -5.11
N TYR C 129 32.55 -8.32 -4.97
CA TYR C 129 31.81 -9.23 -4.09
C TYR C 129 31.13 -10.35 -4.85
N VAL C 130 31.15 -11.54 -4.27
CA VAL C 130 30.50 -12.75 -4.77
C VAL C 130 29.22 -12.98 -3.97
N VAL C 131 28.07 -13.05 -4.63
CA VAL C 131 26.80 -13.21 -3.92
C VAL C 131 26.16 -14.54 -4.31
N CYS C 132 25.82 -15.34 -3.30
CA CYS C 132 25.13 -16.62 -3.48
C CYS C 132 23.77 -16.48 -2.83
N PHE C 133 22.70 -16.85 -3.54
CA PHE C 133 21.39 -16.58 -2.96
C PHE C 133 20.36 -17.57 -3.44
N ASP C 134 19.33 -17.76 -2.62
CA ASP C 134 18.11 -18.43 -3.02
C ASP C 134 17.04 -17.36 -3.17
N PRO C 135 16.59 -17.02 -4.38
CA PRO C 135 15.64 -15.89 -4.53
C PRO C 135 14.31 -16.11 -3.85
N LEU C 136 13.79 -17.33 -3.82
CA LEU C 136 12.51 -17.54 -3.17
C LEU C 136 12.40 -18.96 -2.65
N ASP C 137 13.01 -19.19 -1.49
CA ASP C 137 12.99 -20.51 -0.89
C ASP C 137 11.62 -20.83 -0.33
N GLY C 138 11.22 -22.10 -0.47
CA GLY C 138 9.89 -22.55 -0.08
C GLY C 138 8.85 -22.41 -1.16
N SER C 139 9.14 -21.70 -2.26
CA SER C 139 8.16 -21.53 -3.33
C SER C 139 7.74 -22.87 -3.92
N SER C 140 8.47 -23.93 -3.63
CA SER C 140 7.99 -25.32 -3.67
C SER C 140 6.47 -25.34 -3.55
N ASN C 141 5.99 -24.87 -2.41
CA ASN C 141 4.58 -24.96 -2.04
C ASN C 141 3.99 -23.58 -1.72
N ILE C 142 4.19 -22.62 -2.63
CA ILE C 142 3.52 -21.33 -2.50
C ILE C 142 2.04 -21.44 -2.84
N ASP C 143 1.64 -22.52 -3.51
CA ASP C 143 0.22 -22.75 -3.81
C ASP C 143 -0.63 -22.78 -2.54
N CYS C 144 -0.03 -23.10 -1.40
CA CYS C 144 -0.78 -23.12 -0.15
C CYS C 144 -0.49 -21.91 0.72
N LEU C 145 0.22 -20.90 0.20
CA LEU C 145 0.43 -19.61 0.87
C LEU C 145 1.24 -19.75 2.14
N VAL C 146 2.09 -20.78 2.20
CA VAL C 146 3.05 -20.91 3.27
C VAL C 146 4.05 -19.78 3.17
N SER C 147 4.64 -19.44 4.32
CA SER C 147 5.80 -18.55 4.36
C SER C 147 6.85 -18.98 3.36
N VAL C 148 7.46 -17.99 2.70
CA VAL C 148 8.59 -18.21 1.81
C VAL C 148 9.61 -17.12 2.14
N GLY C 149 10.81 -17.26 1.58
CA GLY C 149 11.86 -16.34 1.94
C GLY C 149 12.92 -16.22 0.87
N THR C 150 13.80 -15.23 1.07
CA THR C 150 15.00 -15.05 0.26
C THR C 150 16.19 -15.23 1.18
N ILE C 151 17.26 -15.89 0.71
CA ILE C 151 18.45 -16.15 1.50
C ILE C 151 19.66 -15.68 0.73
N PHE C 152 20.59 -15.00 1.41
CA PHE C 152 21.78 -14.52 0.70
C PHE C 152 23.03 -14.66 1.56
N GLY C 153 24.16 -14.90 0.88
CA GLY C 153 25.50 -14.93 1.44
C GLY C 153 26.44 -14.14 0.55
N ILE C 154 27.23 -13.26 1.15
CA ILE C 154 28.10 -12.34 0.41
C ILE C 154 29.55 -12.60 0.80
N TYR C 155 30.39 -12.88 -0.20
CA TYR C 155 31.82 -13.08 -0.02
C TYR C 155 32.59 -12.01 -0.77
N ARG C 156 33.78 -11.70 -0.29
CA ARG C 156 34.68 -10.84 -1.04
C ARG C 156 35.57 -11.70 -1.92
N LYS C 157 35.79 -11.27 -3.17
CA LYS C 157 36.66 -12.03 -4.05
C LYS C 157 38.11 -11.82 -3.65
N LYS C 158 38.84 -12.93 -3.44
CA LYS C 158 40.22 -12.86 -3.03
C LYS C 158 41.14 -12.64 -4.23
N SER C 159 40.99 -13.48 -5.25
CA SER C 159 41.87 -13.54 -6.41
C SER C 159 42.11 -12.19 -7.08
N THR C 160 43.18 -12.12 -7.85
CA THR C 160 43.45 -11.00 -8.74
C THR C 160 43.05 -11.29 -10.18
N ASP C 161 42.59 -12.50 -10.46
CA ASP C 161 42.36 -12.94 -11.82
C ASP C 161 40.91 -12.76 -12.24
N GLU C 162 40.59 -13.18 -13.46
CA GLU C 162 39.24 -13.06 -13.97
C GLU C 162 38.26 -13.78 -13.06
N PRO C 163 37.09 -13.18 -12.78
CA PRO C 163 36.09 -13.88 -11.97
C PRO C 163 35.57 -15.12 -12.69
N SER C 164 35.38 -16.19 -11.92
CA SER C 164 34.87 -17.45 -12.45
C SER C 164 34.04 -18.12 -11.37
N GLU C 165 33.42 -19.25 -11.76
CA GLU C 165 32.61 -20.02 -10.83
C GLU C 165 33.42 -20.43 -9.60
N LYS C 166 34.71 -20.59 -9.77
CA LYS C 166 35.55 -21.08 -8.68
C LYS C 166 35.57 -20.10 -7.53
N ASP C 167 35.43 -18.80 -7.82
CA ASP C 167 35.43 -17.78 -6.78
C ASP C 167 34.30 -17.97 -5.79
N ALA C 168 33.23 -18.66 -6.18
CA ALA C 168 32.14 -18.92 -5.26
C ALA C 168 32.39 -20.12 -4.36
N LEU C 169 33.45 -20.88 -4.60
CA LEU C 169 33.73 -22.08 -3.82
C LEU C 169 34.56 -21.66 -2.60
N GLN C 170 33.86 -21.12 -1.59
CA GLN C 170 34.50 -20.68 -0.36
C GLN C 170 33.78 -21.27 0.85
N PRO C 171 34.51 -21.53 1.94
CA PRO C 171 33.84 -21.92 3.17
C PRO C 171 33.07 -20.75 3.74
N GLY C 172 31.97 -21.06 4.45
CA GLY C 172 31.15 -20.01 5.04
C GLY C 172 31.91 -19.08 5.97
N ARG C 173 33.00 -19.58 6.57
CA ARG C 173 33.86 -18.75 7.41
C ARG C 173 34.30 -17.47 6.74
N ASN C 174 34.36 -17.45 5.41
CA ASN C 174 34.82 -16.27 4.67
C ASN C 174 33.72 -15.25 4.43
N LEU C 175 32.49 -15.52 4.85
CA LEU C 175 31.39 -14.62 4.59
C LEU C 175 31.62 -13.25 5.21
N VAL C 176 31.32 -12.20 4.44
CA VAL C 176 31.34 -10.84 4.96
C VAL C 176 29.97 -10.44 5.51
N ALA C 177 28.90 -11.07 5.05
CA ALA C 177 27.55 -10.66 5.41
C ALA C 177 26.61 -11.73 4.92
N ALA C 178 25.55 -12.00 5.70
CA ALA C 178 24.57 -12.98 5.26
C ALA C 178 23.26 -12.68 5.95
N GLY C 179 22.20 -13.23 5.38
CA GLY C 179 20.91 -13.17 6.04
C GLY C 179 19.79 -13.66 5.15
N TYR C 180 18.59 -13.22 5.49
CA TYR C 180 17.41 -13.66 4.77
C TYR C 180 16.32 -12.64 4.98
N ALA C 181 15.34 -12.69 4.08
CA ALA C 181 14.08 -11.99 4.25
C ALA C 181 13.00 -13.04 4.35
N LEU C 182 12.19 -12.97 5.38
CA LEU C 182 11.08 -13.87 5.54
C LEU C 182 9.81 -13.13 5.12
N TYR C 183 9.05 -13.75 4.20
CA TYR C 183 7.75 -13.22 3.79
C TYR C 183 6.67 -14.03 4.51
N GLY C 184 6.50 -13.74 5.79
CA GLY C 184 5.54 -14.46 6.62
C GLY C 184 4.27 -13.67 6.83
N SER C 185 3.79 -13.65 8.08
CA SER C 185 2.65 -12.79 8.42
C SER C 185 3.00 -11.32 8.18
N ALA C 186 4.26 -10.95 8.42
CA ALA C 186 4.84 -9.69 7.97
C ALA C 186 6.19 -9.98 7.33
N THR C 187 6.80 -8.96 6.72
CA THR C 187 8.08 -9.15 6.05
C THR C 187 9.20 -8.63 6.94
N MET C 188 10.17 -9.51 7.21
CA MET C 188 11.31 -9.14 8.02
C MET C 188 12.58 -9.51 7.27
N LEU C 189 13.56 -8.62 7.36
CA LEU C 189 14.92 -8.85 6.90
C LEU C 189 15.82 -9.02 8.11
N VAL C 190 16.54 -10.14 8.15
CA VAL C 190 17.55 -10.43 9.17
C VAL C 190 18.92 -10.32 8.50
N LEU C 191 19.76 -9.43 9.01
CA LEU C 191 21.09 -9.21 8.45
C LEU C 191 22.13 -9.54 9.50
N ALA C 192 23.04 -10.43 9.15
CA ALA C 192 24.18 -10.78 9.98
C ALA C 192 25.46 -10.26 9.34
N MET C 193 26.31 -9.65 10.17
CA MET C 193 27.61 -9.14 9.77
C MET C 193 28.55 -9.28 10.97
N ASP C 194 29.79 -8.80 10.79
CA ASP C 194 30.75 -8.76 11.89
C ASP C 194 30.09 -8.22 13.16
N CYS C 195 29.37 -7.10 13.05
CA CYS C 195 28.80 -6.43 14.21
C CYS C 195 27.68 -7.22 14.89
N GLY C 196 27.27 -8.38 14.39
CA GLY C 196 26.17 -9.15 14.95
C GLY C 196 24.96 -9.25 14.05
N VAL C 197 23.85 -9.68 14.63
CA VAL C 197 22.60 -9.90 13.90
C VAL C 197 21.60 -8.80 14.22
N ASN C 198 20.96 -8.25 13.19
CA ASN C 198 19.98 -7.18 13.36
C ASN C 198 18.75 -7.47 12.51
N CYS C 199 17.57 -7.20 13.06
CA CYS C 199 16.31 -7.57 12.43
C CYS C 199 15.52 -6.31 12.07
N PHE C 200 15.06 -6.25 10.82
CA PHE C 200 14.33 -5.11 10.29
C PHE C 200 12.97 -5.56 9.79
N MET C 201 11.91 -4.84 10.21
CA MET C 201 10.53 -5.10 9.81
C MET C 201 10.14 -4.14 8.67
N LEU C 202 9.57 -4.69 7.61
CA LEU C 202 9.14 -3.87 6.48
C LEU C 202 7.81 -3.19 6.83
N ASP C 203 7.83 -1.87 6.84
CA ASP C 203 6.57 -1.15 7.03
C ASP C 203 5.98 -0.93 5.65
N PRO C 204 4.93 -1.67 5.28
CA PRO C 204 4.37 -1.53 3.92
C PRO C 204 3.75 -0.17 3.65
N ALA C 205 3.30 0.54 4.69
CA ALA C 205 2.74 1.86 4.43
C ALA C 205 3.77 2.77 3.77
N ILE C 206 5.03 2.68 4.16
CA ILE C 206 6.06 3.57 3.67
C ILE C 206 7.17 2.86 2.91
N GLY C 207 7.14 1.54 2.82
CA GLY C 207 8.16 0.86 2.05
C GLY C 207 9.55 0.97 2.66
N GLU C 208 9.65 0.84 3.97
CA GLU C 208 10.88 1.09 4.69
C GLU C 208 11.11 -0.04 5.69
N PHE C 209 12.34 -0.56 5.73
CA PHE C 209 12.72 -1.53 6.76
C PHE C 209 13.08 -0.77 8.03
N ILE C 210 12.42 -1.11 9.13
CA ILE C 210 12.61 -0.45 10.42
C ILE C 210 13.35 -1.43 11.33
N LEU C 211 14.47 -0.99 11.89
CA LEU C 211 15.21 -1.79 12.85
C LEU C 211 14.36 -2.04 14.10
N VAL C 212 13.97 -3.29 14.35
CA VAL C 212 13.10 -3.60 15.47
C VAL C 212 13.77 -4.47 16.54
N ASP C 213 14.80 -5.25 16.19
CA ASP C 213 15.50 -6.06 17.18
C ASP C 213 17.00 -5.95 16.91
N LYS C 214 17.74 -5.49 17.90
CA LYS C 214 19.14 -5.14 17.71
C LYS C 214 20.04 -6.17 18.38
N ASP C 215 21.18 -6.46 17.73
CA ASP C 215 22.24 -7.29 18.30
C ASP C 215 21.68 -8.56 18.93
N VAL C 216 20.95 -9.30 18.10
CA VAL C 216 20.09 -10.39 18.54
C VAL C 216 20.94 -11.62 18.91
N LYS C 217 20.58 -12.25 20.03
CA LYS C 217 21.21 -13.50 20.46
C LYS C 217 20.14 -14.53 20.73
N ILE C 218 20.40 -15.75 20.26
CA ILE C 218 19.46 -16.85 20.43
C ILE C 218 19.53 -17.35 21.87
N LYS C 219 18.41 -17.93 22.33
CA LYS C 219 18.34 -18.58 23.64
C LYS C 219 19.37 -19.70 23.73
N LYS C 220 19.92 -19.89 24.93
CA LYS C 220 20.93 -20.93 25.12
C LYS C 220 20.35 -22.31 24.83
N LYS C 221 19.08 -22.51 25.18
CA LYS C 221 18.42 -23.79 24.99
C LYS C 221 16.94 -23.50 24.75
N GLY C 222 16.34 -24.27 23.83
CA GLY C 222 14.96 -24.09 23.46
C GLY C 222 14.07 -25.23 23.92
N LYS C 223 12.83 -25.20 23.41
CA LYS C 223 11.82 -26.21 23.73
C LYS C 223 11.07 -26.69 22.48
N ILE C 224 11.64 -26.46 21.30
CA ILE C 224 11.03 -26.85 20.03
C ILE C 224 12.08 -27.54 19.17
N TYR C 225 11.71 -28.65 18.53
CA TYR C 225 12.56 -29.30 17.53
C TYR C 225 11.83 -29.32 16.20
N SER C 226 12.58 -29.16 15.11
CA SER C 226 12.01 -28.94 13.79
C SER C 226 12.68 -29.86 12.78
N LEU C 227 11.91 -30.82 12.25
CA LEU C 227 12.40 -31.66 11.17
C LEU C 227 11.23 -32.43 10.59
N ASN C 228 11.41 -32.94 9.37
CA ASN C 228 10.38 -33.73 8.69
C ASN C 228 10.45 -35.16 9.18
N GLU C 229 9.58 -35.52 10.12
CA GLU C 229 9.62 -36.87 10.66
C GLU C 229 9.04 -37.89 9.70
N GLY C 230 8.57 -37.46 8.52
CA GLY C 230 8.16 -38.40 7.49
C GLY C 230 9.30 -39.28 6.98
N TYR C 231 10.55 -38.86 7.17
CA TYR C 231 11.70 -39.66 6.81
C TYR C 231 12.20 -40.54 7.96
N ALA C 232 11.34 -40.84 8.95
CA ALA C 232 11.77 -41.59 10.12
C ALA C 232 12.44 -42.91 9.76
N LYS C 233 11.92 -43.58 8.72
CA LYS C 233 12.48 -44.87 8.31
C LYS C 233 13.91 -44.78 7.80
N ASP C 234 14.34 -43.59 7.36
CA ASP C 234 15.67 -43.39 6.80
C ASP C 234 16.62 -42.69 7.77
N PHE C 235 16.15 -42.32 8.96
CA PHE C 235 17.00 -41.56 9.87
C PHE C 235 18.23 -42.35 10.26
N ASP C 236 19.38 -41.67 10.30
CA ASP C 236 20.52 -42.24 10.97
C ASP C 236 20.14 -42.51 12.43
N PRO C 237 20.73 -43.54 13.04
CA PRO C 237 20.36 -43.85 14.44
C PRO C 237 20.71 -42.73 15.42
N ALA C 238 21.65 -41.84 15.09
CA ALA C 238 21.86 -40.68 15.93
C ALA C 238 20.62 -39.79 15.96
N VAL C 239 20.01 -39.55 14.80
CA VAL C 239 18.84 -38.67 14.74
C VAL C 239 17.64 -39.31 15.44
N THR C 240 17.41 -40.60 15.19
CA THR C 240 16.31 -41.30 15.86
C THR C 240 16.45 -41.20 17.37
N GLU C 241 17.66 -41.47 17.90
CA GLU C 241 17.85 -41.41 19.34
C GLU C 241 17.72 -39.99 19.88
N TYR C 242 18.26 -38.99 19.16
CA TYR C 242 18.08 -37.62 19.60
C TYR C 242 16.62 -37.22 19.60
N ILE C 243 15.87 -37.60 18.57
CA ILE C 243 14.45 -37.25 18.54
C ILE C 243 13.72 -37.93 19.70
N GLN C 244 14.10 -39.16 20.00
CA GLN C 244 13.48 -39.86 21.13
C GLN C 244 13.76 -39.14 22.44
N ARG C 245 14.97 -38.59 22.60
CA ARG C 245 15.25 -37.77 23.77
C ARG C 245 14.32 -36.57 23.88
N LYS C 246 13.84 -36.05 22.74
CA LYS C 246 12.97 -34.87 22.78
C LYS C 246 11.55 -35.20 23.19
N LYS C 247 11.06 -36.39 22.84
CA LYS C 247 9.70 -36.78 23.22
C LYS C 247 9.62 -37.46 24.58
N PHE C 248 10.72 -38.09 25.03
CA PHE C 248 10.77 -38.77 26.33
C PHE C 248 12.06 -38.33 27.01
N PRO C 249 12.04 -37.16 27.65
CA PRO C 249 13.30 -36.51 28.08
C PRO C 249 14.01 -37.32 29.17
N PRO C 250 15.34 -37.38 29.11
CA PRO C 250 16.09 -38.27 30.03
C PRO C 250 16.27 -37.70 31.42
N ASP C 251 16.34 -36.36 31.54
CA ASP C 251 16.17 -35.70 32.82
C ASP C 251 14.71 -35.52 33.16
N ASN C 252 13.83 -35.96 32.26
CA ASN C 252 12.38 -35.99 32.45
C ASN C 252 11.86 -34.63 32.90
N SER C 253 12.35 -33.61 32.18
CA SER C 253 11.69 -32.33 32.03
C SER C 253 10.55 -32.52 31.03
N ALA C 254 9.86 -31.44 30.66
CA ALA C 254 8.73 -31.55 29.74
C ALA C 254 9.21 -31.84 28.32
N PRO C 255 8.48 -32.68 27.56
CA PRO C 255 8.85 -32.89 26.16
C PRO C 255 8.83 -31.61 25.35
N TYR C 256 9.78 -31.49 24.44
CA TYR C 256 9.77 -30.43 23.43
C TYR C 256 8.51 -30.53 22.57
N GLY C 257 7.96 -29.37 22.19
CA GLY C 257 7.00 -29.36 21.10
C GLY C 257 7.68 -29.44 19.76
N ALA C 258 6.92 -29.80 18.73
CA ALA C 258 7.45 -29.92 17.39
C ALA C 258 6.76 -28.92 16.46
N ARG C 259 7.55 -28.30 15.59
CA ARG C 259 7.07 -27.49 14.48
C ARG C 259 7.90 -27.82 13.25
N TYR C 260 7.23 -27.93 12.10
CA TYR C 260 7.91 -28.06 10.81
C TYR C 260 7.04 -27.37 9.77
N VAL C 261 7.40 -26.12 9.46
CA VAL C 261 6.70 -25.38 8.42
C VAL C 261 6.91 -26.02 7.06
N GLY C 262 8.13 -26.50 6.78
CA GLY C 262 8.48 -26.98 5.46
C GLY C 262 9.12 -25.93 4.59
N SER C 263 9.22 -24.69 5.08
CA SER C 263 9.98 -23.62 4.46
C SER C 263 11.17 -23.33 5.35
N MET C 264 12.38 -23.43 4.78
CA MET C 264 13.56 -23.32 5.63
C MET C 264 13.64 -21.96 6.33
N VAL C 265 13.29 -20.89 5.62
CA VAL C 265 13.39 -19.56 6.20
C VAL C 265 12.48 -19.42 7.41
N ALA C 266 11.24 -19.92 7.29
CA ALA C 266 10.30 -19.83 8.41
C ALA C 266 10.76 -20.67 9.60
N ASP C 267 11.19 -21.91 9.35
CA ASP C 267 11.61 -22.76 10.47
C ASP C 267 12.88 -22.24 11.13
N VAL C 268 13.83 -21.73 10.35
CA VAL C 268 15.05 -21.20 10.94
C VAL C 268 14.76 -19.91 11.71
N HIS C 269 13.86 -19.07 11.20
CA HIS C 269 13.59 -17.80 11.88
C HIS C 269 12.92 -18.03 13.22
N ARG C 270 11.89 -18.88 13.27
CA ARG C 270 11.33 -19.31 14.55
C ARG C 270 12.41 -19.84 15.49
N THR C 271 13.33 -20.67 14.97
CA THR C 271 14.44 -21.15 15.80
C THR C 271 15.24 -19.98 16.38
N LEU C 272 15.46 -18.91 15.60
CA LEU C 272 16.19 -17.75 16.10
C LEU C 272 15.37 -16.98 17.12
N VAL C 273 14.05 -16.89 16.92
CA VAL C 273 13.21 -16.09 17.82
C VAL C 273 12.92 -16.83 19.13
N TYR C 274 12.62 -18.12 19.06
CA TYR C 274 12.18 -18.88 20.23
C TYR C 274 13.24 -19.84 20.77
N GLY C 275 14.39 -19.94 20.11
CA GLY C 275 15.34 -20.98 20.44
C GLY C 275 14.85 -22.35 19.99
N GLY C 276 15.72 -23.35 20.18
CA GLY C 276 15.43 -24.71 19.81
C GLY C 276 16.38 -25.22 18.73
N ILE C 277 15.90 -26.17 17.95
CA ILE C 277 16.75 -26.88 17.00
C ILE C 277 15.97 -27.19 15.73
N PHE C 278 16.67 -27.09 14.60
CA PHE C 278 16.16 -27.40 13.27
C PHE C 278 17.15 -28.39 12.65
N LEU C 279 16.62 -29.46 12.05
CA LEU C 279 17.42 -30.51 11.43
C LEU C 279 16.89 -30.82 10.04
N TYR C 280 17.78 -30.79 9.03
CA TYR C 280 17.53 -31.52 7.79
C TYR C 280 18.71 -32.46 7.62
N PRO C 281 18.60 -33.69 8.17
CA PRO C 281 19.70 -34.66 8.08
C PRO C 281 19.62 -35.49 6.81
N ALA C 282 20.56 -36.41 6.63
CA ALA C 282 20.56 -37.27 5.44
C ALA C 282 19.38 -38.23 5.44
N ASN C 283 18.73 -38.37 4.29
CA ASN C 283 17.80 -39.49 4.04
C ASN C 283 18.18 -40.13 2.71
N LYS C 284 17.35 -41.06 2.21
CA LYS C 284 17.80 -41.89 1.10
C LYS C 284 17.48 -41.31 -0.29
N LYS C 285 16.55 -40.36 -0.38
CA LYS C 285 16.46 -39.53 -1.59
C LYS C 285 17.40 -38.33 -1.54
N SER C 286 17.92 -38.01 -0.35
CA SER C 286 18.91 -36.93 -0.17
C SER C 286 20.03 -37.45 0.74
N PRO C 287 20.96 -38.24 0.20
CA PRO C 287 21.95 -38.91 1.06
C PRO C 287 22.99 -37.96 1.66
N ASN C 288 23.18 -36.76 1.10
CA ASN C 288 24.05 -35.75 1.70
C ASN C 288 23.26 -34.55 2.22
N GLY C 289 22.02 -34.79 2.64
CA GLY C 289 21.10 -33.72 2.94
C GLY C 289 20.47 -33.15 1.68
N LYS C 290 19.33 -32.48 1.87
CA LYS C 290 18.65 -31.83 0.75
C LYS C 290 19.03 -30.36 0.61
N LEU C 291 19.34 -29.67 1.70
CA LEU C 291 19.59 -28.23 1.61
C LEU C 291 20.94 -27.94 0.99
N ARG C 292 21.01 -26.83 0.27
CA ARG C 292 22.20 -26.47 -0.50
C ARG C 292 23.18 -25.67 0.34
N LEU C 293 24.46 -26.06 0.27
CA LEU C 293 25.48 -25.51 1.16
C LEU C 293 25.69 -24.01 0.95
N LEU C 294 25.85 -23.57 -0.30
CA LEU C 294 26.33 -22.20 -0.53
C LEU C 294 25.27 -21.14 -0.20
N TYR C 295 24.00 -21.40 -0.50
CA TYR C 295 22.99 -20.35 -0.43
C TYR C 295 21.80 -20.72 0.45
N GLU C 296 21.88 -21.81 1.19
CA GLU C 296 20.88 -22.12 2.20
C GLU C 296 21.59 -22.37 3.52
N CYS C 297 22.46 -23.38 3.56
CA CYS C 297 23.11 -23.77 4.81
C CYS C 297 24.08 -22.72 5.31
N ASN C 298 25.01 -22.27 4.46
CA ASN C 298 26.03 -21.35 4.92
C ASN C 298 25.45 -20.03 5.42
N PRO C 299 24.53 -19.36 4.70
CA PRO C 299 23.98 -18.11 5.26
C PRO C 299 23.26 -18.32 6.59
N MET C 300 22.52 -19.42 6.72
CA MET C 300 21.81 -19.68 7.98
C MET C 300 22.79 -20.06 9.09
N ALA C 301 23.83 -20.83 8.77
CA ALA C 301 24.85 -21.12 9.78
C ALA C 301 25.49 -19.84 10.28
N TYR C 302 25.67 -18.87 9.40
CA TYR C 302 26.38 -17.65 9.75
C TYR C 302 25.52 -16.73 10.60
N VAL C 303 24.21 -16.64 10.29
CA VAL C 303 23.28 -15.97 11.19
C VAL C 303 23.32 -16.61 12.57
N MET C 304 23.16 -17.94 12.61
CA MET C 304 23.18 -18.66 13.89
C MET C 304 24.43 -18.32 14.69
N GLU C 305 25.62 -18.46 14.08
CA GLU C 305 26.85 -18.25 14.84
C GLU C 305 26.98 -16.81 15.31
N LYS C 306 26.64 -15.83 14.46
CA LYS C 306 26.69 -14.44 14.91
C LYS C 306 25.65 -14.15 15.99
N ALA C 307 24.63 -14.98 16.12
CA ALA C 307 23.66 -14.84 17.19
C ALA C 307 23.99 -15.71 18.39
N GLY C 308 25.21 -16.27 18.44
CA GLY C 308 25.58 -17.15 19.54
C GLY C 308 24.98 -18.53 19.48
N GLY C 309 24.53 -18.99 18.32
CA GLY C 309 24.09 -20.36 18.15
C GLY C 309 25.14 -21.17 17.42
N MET C 310 24.73 -22.34 16.94
CA MET C 310 25.64 -23.26 16.27
C MET C 310 24.96 -23.89 15.05
N ALA C 311 25.79 -24.42 14.16
CA ALA C 311 25.30 -25.14 12.96
C ALA C 311 26.34 -26.17 12.55
N THR C 312 25.92 -27.42 12.48
CA THR C 312 26.82 -28.53 12.23
C THR C 312 26.21 -29.42 11.14
N THR C 313 27.09 -30.02 10.34
CA THR C 313 26.71 -31.17 9.52
C THR C 313 26.59 -32.43 10.36
N GLY C 314 27.10 -32.41 11.59
CA GLY C 314 27.24 -33.62 12.37
C GLY C 314 28.71 -34.01 12.44
N LYS C 315 29.40 -33.89 11.31
CA LYS C 315 30.82 -34.17 11.27
C LYS C 315 31.67 -32.93 11.47
N GLU C 316 31.15 -31.74 11.18
CA GLU C 316 31.92 -30.51 11.30
C GLU C 316 30.97 -29.33 11.25
N ALA C 317 31.52 -28.16 11.57
CA ALA C 317 30.75 -26.93 11.46
C ALA C 317 30.43 -26.66 10.00
N VAL C 318 29.16 -26.34 9.72
CA VAL C 318 28.75 -25.96 8.36
C VAL C 318 29.73 -24.95 7.77
N LEU C 319 30.08 -23.93 8.56
CA LEU C 319 30.93 -22.86 8.03
C LEU C 319 32.35 -23.33 7.73
N ASP C 320 32.74 -24.56 8.12
CA ASP C 320 34.07 -25.07 7.81
C ASP C 320 34.10 -25.98 6.59
N VAL C 321 32.95 -26.39 6.07
CA VAL C 321 32.91 -27.21 4.87
C VAL C 321 33.47 -26.42 3.70
N ILE C 322 34.45 -27.00 3.01
CA ILE C 322 35.01 -26.43 1.79
C ILE C 322 34.27 -27.06 0.62
N PRO C 323 33.52 -26.29 -0.16
CA PRO C 323 32.70 -26.89 -1.21
C PRO C 323 33.49 -27.04 -2.49
N THR C 324 33.11 -28.07 -3.27
CA THR C 324 33.69 -28.32 -4.57
C THR C 324 32.70 -28.14 -5.72
N ASP C 325 31.40 -28.02 -5.43
CA ASP C 325 30.31 -27.78 -6.38
C ASP C 325 29.41 -26.67 -5.82
N ILE C 326 29.05 -25.69 -6.66
CA ILE C 326 28.23 -24.57 -6.18
C ILE C 326 26.82 -24.97 -5.77
N HIS C 327 26.29 -26.08 -6.27
CA HIS C 327 24.96 -26.54 -5.89
C HIS C 327 25.01 -27.74 -4.95
N GLN C 328 26.15 -27.97 -4.31
CA GLN C 328 26.30 -29.19 -3.51
C GLN C 328 25.49 -29.08 -2.23
N ARG C 329 25.02 -30.23 -1.77
CA ARG C 329 24.10 -30.28 -0.65
C ARG C 329 24.86 -30.58 0.64
N ALA C 330 24.25 -30.22 1.77
CA ALA C 330 24.86 -30.57 3.06
C ALA C 330 23.78 -30.87 4.08
N PRO C 331 24.01 -31.84 4.97
CA PRO C 331 23.11 -31.99 6.12
C PRO C 331 23.35 -30.85 7.10
N VAL C 332 22.32 -30.48 7.84
CA VAL C 332 22.44 -29.34 8.73
C VAL C 332 21.62 -29.58 9.99
N ILE C 333 22.24 -29.25 11.12
CA ILE C 333 21.58 -29.22 12.42
C ILE C 333 22.01 -27.91 13.05
N LEU C 334 21.06 -27.03 13.36
CA LEU C 334 21.42 -25.71 13.84
C LEU C 334 20.45 -25.23 14.92
N GLY C 335 20.89 -24.22 15.66
CA GLY C 335 20.03 -23.60 16.63
C GLY C 335 20.68 -23.26 17.95
N SER C 336 19.89 -23.33 19.02
CA SER C 336 20.37 -23.00 20.35
C SER C 336 21.60 -23.83 20.70
N PRO C 337 22.62 -23.24 21.31
CA PRO C 337 23.87 -23.98 21.53
C PRO C 337 23.72 -25.25 22.35
N ASP C 338 22.91 -25.21 23.42
CA ASP C 338 22.75 -26.41 24.25
C ASP C 338 22.04 -27.53 23.52
N ASP C 339 21.10 -27.20 22.63
CA ASP C 339 20.41 -28.25 21.88
C ASP C 339 21.30 -28.83 20.80
N VAL C 340 22.13 -28.00 20.17
CA VAL C 340 23.03 -28.55 19.16
C VAL C 340 24.10 -29.41 19.82
N LEU C 341 24.69 -28.94 20.92
CA LEU C 341 25.69 -29.75 21.63
C LEU C 341 25.09 -31.07 22.08
N GLU C 342 23.83 -31.07 22.53
CA GLU C 342 23.17 -32.31 22.92
C GLU C 342 23.04 -33.27 21.74
N PHE C 343 22.66 -32.75 20.57
CA PHE C 343 22.64 -33.62 19.40
C PHE C 343 24.04 -34.15 19.09
N LEU C 344 25.06 -33.29 19.13
CA LEU C 344 26.42 -33.75 18.84
C LEU C 344 26.89 -34.78 19.84
N LYS C 345 26.49 -34.65 21.11
CA LYS C 345 26.82 -35.66 22.11
C LYS C 345 26.20 -37.01 21.75
N VAL C 346 24.96 -37.00 21.27
CA VAL C 346 24.33 -38.24 20.80
C VAL C 346 25.03 -38.73 19.53
N TYR C 347 25.37 -37.80 18.63
CA TYR C 347 26.06 -38.18 17.40
C TYR C 347 27.43 -38.79 17.69
N GLU C 348 28.22 -38.14 18.57
CA GLU C 348 29.54 -38.66 18.93
C GLU C 348 29.45 -40.04 19.56
N LYS C 349 28.27 -40.41 20.06
CA LYS C 349 28.10 -41.74 20.64
C LYS C 349 28.09 -42.81 19.56
N HIS C 350 27.35 -42.58 18.48
CA HIS C 350 27.31 -43.49 17.33
C HIS C 350 28.47 -43.27 16.36
N SER C 351 29.46 -42.47 16.72
CA SER C 351 30.57 -42.11 15.83
C SER C 351 31.23 -43.32 15.17
N ASP D 25 -14.19 -13.58 -17.12
CA ASP D 25 -14.71 -12.40 -16.44
C ASP D 25 -14.21 -12.32 -14.99
N VAL D 26 -13.50 -11.24 -14.68
CA VAL D 26 -13.07 -11.01 -13.31
C VAL D 26 -14.27 -11.03 -12.36
N ASN D 27 -14.03 -11.47 -11.13
CA ASN D 27 -15.09 -11.55 -10.13
C ASN D 27 -14.47 -11.24 -8.76
N THR D 28 -15.13 -10.37 -8.00
CA THR D 28 -14.66 -9.98 -6.68
C THR D 28 -15.57 -10.55 -5.62
N LEU D 29 -15.08 -10.56 -4.38
CA LEU D 29 -15.90 -11.06 -3.28
C LEU D 29 -17.20 -10.28 -3.17
N THR D 30 -17.12 -8.96 -3.27
CA THR D 30 -18.30 -8.10 -3.19
C THR D 30 -19.32 -8.49 -4.25
N ARG D 31 -18.91 -8.57 -5.51
CA ARG D 31 -19.79 -8.99 -6.59
C ARG D 31 -20.29 -10.41 -6.39
N PHE D 32 -19.41 -11.33 -5.99
CA PHE D 32 -19.81 -12.71 -5.76
C PHE D 32 -20.90 -12.80 -4.69
N VAL D 33 -20.62 -12.24 -3.51
CA VAL D 33 -21.58 -12.32 -2.41
C VAL D 33 -22.91 -11.66 -2.81
N MET D 34 -22.84 -10.54 -3.53
CA MET D 34 -24.06 -9.83 -3.90
C MET D 34 -24.93 -10.67 -4.84
N GLU D 35 -24.32 -11.21 -5.90
CA GLU D 35 -25.08 -12.05 -6.83
C GLU D 35 -25.66 -13.29 -6.13
N GLU D 36 -24.88 -13.91 -5.24
CA GLU D 36 -25.43 -15.05 -4.49
C GLU D 36 -26.63 -14.63 -3.66
N GLY D 37 -26.56 -13.45 -3.05
CA GLY D 37 -27.72 -12.93 -2.32
C GLY D 37 -28.92 -12.72 -3.22
N ARG D 38 -28.69 -12.17 -4.43
CA ARG D 38 -29.79 -12.02 -5.38
C ARG D 38 -30.32 -13.39 -5.82
N LYS D 39 -29.44 -14.36 -6.04
CA LYS D 39 -29.86 -15.71 -6.41
C LYS D 39 -30.81 -16.28 -5.37
N ALA D 40 -30.39 -16.29 -4.10
CA ALA D 40 -31.14 -16.97 -3.06
C ALA D 40 -32.35 -16.16 -2.57
N ARG D 41 -32.66 -15.03 -3.22
CA ARG D 41 -33.82 -14.20 -2.87
C ARG D 41 -33.73 -13.65 -1.45
N GLY D 42 -32.51 -13.32 -1.00
CA GLY D 42 -32.34 -12.79 0.33
C GLY D 42 -32.84 -11.36 0.42
N THR D 43 -32.95 -10.87 1.65
CA THR D 43 -33.23 -9.46 1.89
C THR D 43 -31.97 -8.62 1.92
N GLY D 44 -30.80 -9.22 1.65
CA GLY D 44 -29.55 -8.51 1.71
C GLY D 44 -28.90 -8.47 3.07
N GLU D 45 -29.48 -9.13 4.08
CA GLU D 45 -28.92 -9.05 5.43
C GLU D 45 -27.62 -9.83 5.52
N LEU D 46 -27.64 -11.11 5.14
CA LEU D 46 -26.41 -11.88 5.05
C LEU D 46 -25.37 -11.16 4.20
N THR D 47 -25.79 -10.59 3.07
CA THR D 47 -24.85 -9.87 2.21
C THR D 47 -24.15 -8.74 2.98
N GLN D 48 -24.91 -7.96 3.76
CA GLN D 48 -24.27 -6.88 4.51
C GLN D 48 -23.33 -7.44 5.59
N LEU D 49 -23.68 -8.60 6.17
CA LEU D 49 -22.80 -9.26 7.14
C LEU D 49 -21.47 -9.62 6.50
N LEU D 50 -21.53 -10.31 5.35
CA LEU D 50 -20.32 -10.74 4.66
C LEU D 50 -19.51 -9.57 4.17
N ASN D 51 -20.16 -8.50 3.70
CA ASN D 51 -19.45 -7.29 3.34
C ASN D 51 -18.68 -6.75 4.55
N SER D 52 -19.33 -6.73 5.72
CA SER D 52 -18.66 -6.25 6.93
C SER D 52 -17.46 -7.12 7.27
N LEU D 53 -17.62 -8.43 7.20
CA LEU D 53 -16.54 -9.35 7.51
C LEU D 53 -15.36 -9.12 6.57
N CYS D 54 -15.64 -8.99 5.28
CA CYS D 54 -14.61 -8.69 4.29
C CYS D 54 -13.80 -7.45 4.66
N THR D 55 -14.48 -6.37 5.07
CA THR D 55 -13.78 -5.14 5.44
C THR D 55 -12.89 -5.35 6.67
N ALA D 56 -13.40 -6.04 7.69
CA ALA D 56 -12.58 -6.31 8.88
C ALA D 56 -11.35 -7.13 8.52
N VAL D 57 -11.52 -8.15 7.67
CA VAL D 57 -10.39 -8.97 7.26
C VAL D 57 -9.35 -8.11 6.56
N LYS D 58 -9.79 -7.14 5.77
CA LYS D 58 -8.81 -6.30 5.08
C LYS D 58 -8.01 -5.49 6.09
N ALA D 59 -8.71 -4.97 7.11
CA ALA D 59 -8.03 -4.17 8.14
C ALA D 59 -7.13 -5.03 9.00
N ILE D 60 -7.57 -6.25 9.31
CA ILE D 60 -6.69 -7.17 10.05
C ILE D 60 -5.45 -7.47 9.23
N SER D 61 -5.62 -7.85 7.95
CA SER D 61 -4.47 -8.07 7.07
C SER D 61 -3.49 -6.91 7.12
N SER D 62 -3.99 -5.67 7.02
CA SER D 62 -3.08 -4.52 6.99
C SER D 62 -2.30 -4.40 8.29
N ALA D 63 -2.96 -4.65 9.43
CA ALA D 63 -2.27 -4.62 10.72
C ALA D 63 -1.25 -5.76 10.83
N VAL D 64 -1.64 -6.97 10.43
CA VAL D 64 -0.76 -8.13 10.56
C VAL D 64 0.54 -7.91 9.78
N ARG D 65 0.44 -7.39 8.55
CA ARG D 65 1.64 -7.10 7.75
C ARG D 65 2.44 -5.91 8.30
N LYS D 66 2.00 -5.32 9.42
CA LYS D 66 2.74 -4.32 10.18
C LYS D 66 2.76 -2.96 9.48
N ALA D 67 1.64 -2.58 8.86
CA ALA D 67 1.49 -1.21 8.41
C ALA D 67 1.55 -0.27 9.60
N GLY D 68 2.34 0.79 9.49
CA GLY D 68 2.47 1.77 10.53
C GLY D 68 3.40 1.41 11.67
N ILE D 69 4.10 0.27 11.59
CA ILE D 69 5.01 -0.09 12.66
C ILE D 69 6.07 0.98 12.87
N ALA D 70 6.43 1.72 11.80
CA ALA D 70 7.45 2.76 11.95
C ALA D 70 7.03 3.83 12.96
N HIS D 71 5.74 4.12 13.08
CA HIS D 71 5.31 5.07 14.10
C HIS D 71 5.48 4.50 15.49
N LEU D 72 5.30 3.19 15.64
CA LEU D 72 5.53 2.56 16.93
C LEU D 72 6.99 2.67 17.36
N TYR D 73 7.91 2.76 16.41
CA TYR D 73 9.34 2.82 16.70
C TYR D 73 9.89 4.22 16.59
N GLY D 74 9.01 5.23 16.58
CA GLY D 74 9.42 6.60 16.82
C GLY D 74 9.72 7.44 15.60
N ILE D 75 9.27 7.04 14.41
CA ILE D 75 9.63 7.79 13.19
C ILE D 75 9.19 9.25 13.30
N ALA D 76 8.13 9.53 14.03
CA ALA D 76 7.67 10.90 14.26
C ALA D 76 7.83 11.32 15.72
N GLY D 77 8.73 10.66 16.44
CA GLY D 77 8.91 10.95 17.87
C GLY D 77 7.97 10.16 18.74
N SER D 78 7.98 10.48 20.03
CA SER D 78 7.16 9.75 21.01
C SER D 78 5.69 10.14 20.96
N THR D 79 5.37 11.38 20.62
CA THR D 79 3.99 11.87 20.74
C THR D 79 3.05 11.28 19.70
N ASN D 80 3.60 10.69 18.66
CA ASN D 80 2.77 10.33 17.54
C ASN D 80 2.42 8.91 17.33
N VAL D 81 1.89 8.29 18.37
CA VAL D 81 1.54 6.91 18.21
C VAL D 81 0.13 6.53 18.59
N THR D 82 -0.02 6.33 19.90
CA THR D 82 -1.17 5.75 20.58
C THR D 82 -2.65 5.96 20.27
N GLY D 83 -3.25 4.89 19.77
CA GLY D 83 -4.67 4.80 19.51
C GLY D 83 -4.82 3.34 19.24
N ASP D 84 -5.43 3.00 18.13
CA ASP D 84 -5.55 1.61 17.76
C ASP D 84 -4.15 1.08 17.59
N GLN D 85 -3.25 1.95 17.17
CA GLN D 85 -1.85 1.65 16.98
C GLN D 85 -1.11 0.87 18.01
N VAL D 86 -1.36 1.14 19.27
CA VAL D 86 -0.64 0.50 20.33
C VAL D 86 -1.25 -0.78 20.84
N LYS D 87 -2.32 -1.21 20.24
CA LYS D 87 -2.92 -2.46 20.70
C LYS D 87 -2.26 -3.67 20.07
N LYS D 88 -2.15 -4.74 20.86
CA LYS D 88 -1.70 -6.02 20.31
C LYS D 88 -2.67 -6.51 19.24
N LEU D 89 -2.18 -7.31 18.31
CA LEU D 89 -2.98 -7.66 17.14
C LEU D 89 -4.23 -8.44 17.52
N ASP D 90 -4.12 -9.33 18.52
CA ASP D 90 -5.29 -10.10 18.94
C ASP D 90 -6.41 -9.20 19.44
N VAL D 91 -6.06 -8.11 20.16
CA VAL D 91 -7.06 -7.16 20.66
C VAL D 91 -7.62 -6.32 19.52
N LEU D 92 -6.73 -5.74 18.70
CA LEU D 92 -7.16 -4.98 17.54
C LEU D 92 -8.10 -5.81 16.67
N SER D 93 -7.72 -7.06 16.39
CA SER D 93 -8.53 -7.94 15.55
C SER D 93 -9.92 -8.16 16.14
N ASN D 94 -10.00 -8.41 17.45
CA ASN D 94 -11.30 -8.59 18.07
C ASN D 94 -12.14 -7.34 17.92
N ASP D 95 -11.51 -6.17 18.12
CA ASP D 95 -12.25 -4.92 18.04
C ASP D 95 -12.75 -4.68 16.62
N LEU D 96 -11.92 -5.00 15.61
CA LEU D 96 -12.33 -4.80 14.22
C LEU D 96 -13.54 -5.66 13.88
N VAL D 97 -13.45 -6.97 14.15
CA VAL D 97 -14.54 -7.89 13.80
C VAL D 97 -15.79 -7.57 14.60
N MET D 98 -15.63 -7.35 15.91
CA MET D 98 -16.76 -6.96 16.75
C MET D 98 -17.46 -5.73 16.18
N ASN D 99 -16.71 -4.69 15.88
CA ASN D 99 -17.34 -3.43 15.50
C ASN D 99 -18.01 -3.53 14.14
N MET D 100 -17.36 -4.18 13.16
CA MET D 100 -17.94 -4.25 11.83
C MET D 100 -19.23 -5.07 11.84
N LEU D 101 -19.25 -6.18 12.59
CA LEU D 101 -20.45 -7.00 12.67
C LEU D 101 -21.60 -6.26 13.37
N LYS D 102 -21.32 -5.59 14.50
CA LYS D 102 -22.37 -4.80 15.14
C LYS D 102 -22.96 -3.79 14.17
N SER D 103 -22.10 -3.01 13.51
CA SER D 103 -22.60 -1.98 12.60
C SER D 103 -23.15 -2.53 11.28
N SER D 104 -23.19 -3.86 11.10
CA SER D 104 -23.77 -4.45 9.90
C SER D 104 -25.29 -4.57 9.97
N PHE D 105 -25.87 -4.36 11.16
CA PHE D 105 -27.30 -4.50 11.43
C PHE D 105 -27.82 -5.90 11.07
N ALA D 106 -26.94 -6.90 11.03
CA ALA D 106 -27.31 -8.22 10.60
C ALA D 106 -27.13 -9.31 11.66
N THR D 107 -26.58 -8.97 12.84
CA THR D 107 -26.26 -9.95 13.85
C THR D 107 -27.01 -9.64 15.16
N CYS D 108 -27.18 -10.67 15.99
CA CYS D 108 -27.81 -10.48 17.29
C CYS D 108 -26.98 -11.05 18.43
N VAL D 109 -26.21 -12.11 18.15
CA VAL D 109 -25.38 -12.76 19.14
C VAL D 109 -24.00 -13.03 18.54
N LEU D 110 -22.95 -12.61 19.23
CA LEU D 110 -21.58 -12.75 18.79
C LEU D 110 -20.81 -13.54 19.83
N VAL D 111 -19.98 -14.47 19.37
CA VAL D 111 -19.12 -15.31 20.21
C VAL D 111 -17.70 -15.21 19.67
N SER D 112 -16.77 -14.81 20.53
CA SER D 112 -15.36 -14.69 20.19
C SER D 112 -14.50 -15.45 21.20
N GLU D 113 -13.38 -15.99 20.71
CA GLU D 113 -12.41 -16.58 21.63
C GLU D 113 -11.97 -15.59 22.70
N GLU D 114 -12.12 -14.29 22.43
CA GLU D 114 -11.59 -13.28 23.32
C GLU D 114 -12.47 -12.98 24.52
N ASP D 115 -13.73 -13.38 24.50
CA ASP D 115 -14.71 -12.91 25.48
C ASP D 115 -15.45 -14.07 26.11
N LYS D 116 -15.42 -14.13 27.45
CA LYS D 116 -15.96 -15.27 28.19
C LYS D 116 -17.43 -15.49 27.86
N HIS D 117 -18.19 -14.43 27.73
CA HIS D 117 -19.62 -14.53 27.45
C HIS D 117 -19.93 -14.03 26.05
N ALA D 118 -20.99 -14.59 25.46
CA ALA D 118 -21.47 -14.11 24.18
C ALA D 118 -21.90 -12.66 24.29
N ILE D 119 -21.71 -11.92 23.21
CA ILE D 119 -22.13 -10.53 23.16
C ILE D 119 -23.52 -10.48 22.55
N ILE D 120 -24.42 -9.77 23.21
CA ILE D 120 -25.78 -9.56 22.73
C ILE D 120 -25.83 -8.18 22.11
N VAL D 121 -26.08 -8.12 20.81
CA VAL D 121 -26.08 -6.83 20.11
C VAL D 121 -27.22 -5.97 20.62
N GLU D 122 -26.95 -4.67 20.72
CA GLU D 122 -27.97 -3.69 21.10
C GLU D 122 -29.18 -3.83 20.19
N PRO D 123 -30.41 -3.66 20.71
CA PRO D 123 -31.60 -3.92 19.90
C PRO D 123 -31.69 -3.02 18.67
N GLU D 124 -31.12 -1.83 18.72
CA GLU D 124 -31.14 -0.94 17.58
C GLU D 124 -30.33 -1.48 16.41
N LYS D 125 -29.41 -2.40 16.67
CA LYS D 125 -28.50 -2.90 15.66
C LYS D 125 -28.72 -4.38 15.32
N ARG D 126 -29.74 -5.01 15.90
CA ARG D 126 -29.89 -6.46 15.79
C ARG D 126 -30.38 -6.87 14.42
N GLY D 127 -29.71 -7.88 13.84
CA GLY D 127 -30.27 -8.66 12.77
C GLY D 127 -30.52 -10.09 13.21
N LYS D 128 -30.69 -10.97 12.24
CA LYS D 128 -31.14 -12.31 12.55
C LYS D 128 -30.01 -13.34 12.70
N TYR D 129 -28.73 -12.94 12.61
CA TYR D 129 -27.65 -13.90 12.50
C TYR D 129 -26.78 -13.98 13.75
N VAL D 130 -26.17 -15.16 13.94
CA VAL D 130 -25.29 -15.48 15.06
C VAL D 130 -23.91 -15.80 14.49
N VAL D 131 -22.87 -15.13 15.00
CA VAL D 131 -21.54 -15.28 14.43
C VAL D 131 -20.58 -15.73 15.52
N CYS D 132 -19.90 -16.84 15.27
CA CYS D 132 -18.82 -17.34 16.10
C CYS D 132 -17.51 -17.18 15.35
N PHE D 133 -16.51 -16.60 16.00
CA PHE D 133 -15.30 -16.34 15.27
C PHE D 133 -14.09 -16.35 16.20
N ASP D 134 -12.95 -16.68 15.61
CA ASP D 134 -11.65 -16.50 16.22
C ASP D 134 -10.97 -15.33 15.52
N PRO D 135 -10.84 -14.15 16.14
CA PRO D 135 -10.35 -12.99 15.38
C PRO D 135 -8.92 -13.14 14.86
N LEU D 136 -8.03 -13.86 15.56
CA LEU D 136 -6.67 -14.03 15.09
C LEU D 136 -6.04 -15.30 15.62
N ASP D 137 -6.43 -16.43 15.08
CA ASP D 137 -5.88 -17.70 15.51
C ASP D 137 -4.41 -17.85 15.13
N GLY D 138 -3.65 -18.50 16.01
CA GLY D 138 -2.22 -18.65 15.86
C GLY D 138 -1.42 -17.46 16.35
N SER D 139 -2.08 -16.42 16.84
CA SER D 139 -1.38 -15.24 17.37
C SER D 139 -0.50 -15.61 18.54
N SER D 140 -0.76 -16.76 19.16
CA SER D 140 0.19 -17.52 19.97
C SER D 140 1.63 -17.12 19.68
N ASN D 141 2.08 -17.48 18.48
CA ASN D 141 3.46 -17.28 18.05
C ASN D 141 3.54 -16.25 16.92
N ILE D 142 2.72 -15.19 16.98
CA ILE D 142 2.82 -14.11 16.02
C ILE D 142 4.19 -13.45 16.08
N ASP D 143 4.94 -13.71 17.17
CA ASP D 143 6.30 -13.20 17.32
C ASP D 143 7.27 -13.76 16.29
N CYS D 144 7.07 -14.99 15.82
CA CYS D 144 8.01 -15.57 14.87
C CYS D 144 7.57 -15.43 13.41
N LEU D 145 6.54 -14.61 13.15
CA LEU D 145 6.01 -14.28 11.83
C LEU D 145 5.36 -15.45 11.12
N VAL D 146 5.03 -16.51 11.88
CA VAL D 146 4.26 -17.62 11.35
C VAL D 146 2.95 -17.09 10.77
N SER D 147 2.46 -17.75 9.71
CA SER D 147 1.12 -17.45 9.22
C SER D 147 0.11 -17.56 10.35
N VAL D 148 -0.81 -16.60 10.40
CA VAL D 148 -1.92 -16.56 11.35
C VAL D 148 -3.21 -16.41 10.55
N GLY D 149 -4.34 -16.36 11.25
CA GLY D 149 -5.59 -16.34 10.52
C GLY D 149 -6.80 -15.95 11.36
N THR D 150 -7.91 -15.75 10.65
CA THR D 150 -9.23 -15.47 11.18
C THR D 150 -10.18 -16.60 10.77
N ILE D 151 -11.05 -17.05 11.68
CA ILE D 151 -12.00 -18.14 11.44
C ILE D 151 -13.38 -17.64 11.80
N PHE D 152 -14.40 -18.03 11.03
CA PHE D 152 -15.75 -17.57 11.32
C PHE D 152 -16.81 -18.61 10.92
N GLY D 153 -17.86 -18.67 11.73
CA GLY D 153 -19.05 -19.44 11.39
C GLY D 153 -20.30 -18.61 11.63
N ILE D 154 -21.26 -18.73 10.72
CA ILE D 154 -22.47 -17.90 10.74
C ILE D 154 -23.68 -18.81 10.85
N TYR D 155 -24.47 -18.61 11.90
CA TYR D 155 -25.75 -19.27 12.07
C TYR D 155 -26.88 -18.25 12.03
N ARG D 156 -28.06 -18.71 11.62
CA ARG D 156 -29.29 -17.96 11.78
C ARG D 156 -29.89 -18.24 13.15
N LYS D 157 -30.54 -17.23 13.72
CA LYS D 157 -31.19 -17.41 15.01
C LYS D 157 -32.45 -18.27 14.87
N LYS D 158 -32.62 -19.20 15.80
CA LYS D 158 -33.74 -20.13 15.81
C LYS D 158 -34.82 -19.75 16.80
N SER D 159 -34.47 -19.08 17.88
CA SER D 159 -35.30 -19.03 19.06
C SER D 159 -36.47 -18.06 18.91
N THR D 160 -37.56 -18.39 19.60
CA THR D 160 -38.70 -17.49 19.68
C THR D 160 -38.39 -16.26 20.53
N ASP D 161 -37.47 -16.39 21.48
CA ASP D 161 -37.35 -15.46 22.60
C ASP D 161 -36.19 -14.49 22.41
N GLU D 162 -35.91 -13.70 23.45
CA GLU D 162 -34.91 -12.66 23.40
C GLU D 162 -33.53 -13.28 23.13
N PRO D 163 -32.71 -12.65 22.30
CA PRO D 163 -31.41 -13.24 21.95
C PRO D 163 -30.55 -13.46 23.18
N SER D 164 -29.99 -14.66 23.27
CA SER D 164 -29.16 -15.05 24.39
C SER D 164 -28.10 -15.99 23.86
N GLU D 165 -27.09 -16.24 24.70
CA GLU D 165 -25.97 -17.09 24.28
C GLU D 165 -26.38 -18.52 23.97
N LYS D 166 -27.59 -18.95 24.35
CA LYS D 166 -28.08 -20.25 23.93
C LYS D 166 -28.37 -20.31 22.43
N ASP D 167 -28.50 -19.16 21.77
CA ASP D 167 -28.68 -19.18 20.32
C ASP D 167 -27.44 -19.66 19.59
N ALA D 168 -26.26 -19.48 20.19
CA ALA D 168 -25.00 -19.93 19.59
C ALA D 168 -24.73 -21.41 19.83
N LEU D 169 -25.54 -22.08 20.66
CA LEU D 169 -25.35 -23.49 20.96
C LEU D 169 -26.16 -24.32 19.97
N GLN D 170 -25.71 -24.26 18.71
CA GLN D 170 -26.25 -25.01 17.59
C GLN D 170 -25.20 -25.97 17.04
N PRO D 171 -25.60 -27.12 16.50
CA PRO D 171 -24.63 -28.00 15.85
C PRO D 171 -24.11 -27.39 14.56
N GLY D 172 -22.88 -27.74 14.21
CA GLY D 172 -22.26 -27.26 12.98
C GLY D 172 -23.11 -27.48 11.74
N ARG D 173 -24.01 -28.47 11.78
CA ARG D 173 -24.94 -28.73 10.69
C ARG D 173 -25.83 -27.53 10.37
N ASN D 174 -26.02 -26.62 11.31
CA ASN D 174 -26.92 -25.50 11.07
C ASN D 174 -26.25 -24.32 10.40
N LEU D 175 -24.96 -24.45 10.07
CA LEU D 175 -24.22 -23.31 9.53
C LEU D 175 -24.82 -22.86 8.20
N VAL D 176 -24.86 -21.54 7.98
CA VAL D 176 -25.29 -21.02 6.69
C VAL D 176 -24.05 -20.60 5.90
N ALA D 177 -22.97 -20.27 6.61
CA ALA D 177 -21.71 -19.89 5.97
C ALA D 177 -20.60 -19.96 7.00
N ALA D 178 -19.40 -20.27 6.51
CA ALA D 178 -18.21 -20.41 7.34
C ALA D 178 -16.99 -20.26 6.45
N GLY D 179 -15.85 -20.05 7.09
CA GLY D 179 -14.61 -19.92 6.35
C GLY D 179 -13.52 -19.28 7.20
N TYR D 180 -12.52 -18.76 6.51
CA TYR D 180 -11.36 -18.26 7.21
C TYR D 180 -10.58 -17.35 6.29
N ALA D 181 -9.79 -16.46 6.90
CA ALA D 181 -8.79 -15.70 6.18
C ALA D 181 -7.42 -16.19 6.64
N LEU D 182 -6.55 -16.45 5.68
CA LEU D 182 -5.18 -16.82 5.97
C LEU D 182 -4.32 -15.62 5.64
N TYR D 183 -3.57 -15.14 6.64
CA TYR D 183 -2.56 -14.12 6.45
C TYR D 183 -1.21 -14.83 6.39
N GLY D 184 -0.92 -15.36 5.21
CA GLY D 184 0.35 -16.04 4.96
C GLY D 184 1.26 -15.26 4.03
N SER D 185 1.92 -15.95 3.08
CA SER D 185 2.70 -15.23 2.08
C SER D 185 1.82 -14.24 1.31
N ALA D 186 0.54 -14.57 1.13
CA ALA D 186 -0.47 -13.65 0.64
C ALA D 186 -1.72 -13.85 1.48
N THR D 187 -2.66 -12.92 1.39
CA THR D 187 -3.88 -13.02 2.18
C THR D 187 -5.00 -13.61 1.34
N MET D 188 -5.62 -14.66 1.85
CA MET D 188 -6.68 -15.35 1.13
C MET D 188 -7.88 -15.54 2.04
N LEU D 189 -9.07 -15.34 1.47
CA LEU D 189 -10.33 -15.61 2.15
C LEU D 189 -10.96 -16.83 1.50
N VAL D 190 -11.17 -17.88 2.28
CA VAL D 190 -11.87 -19.08 1.84
C VAL D 190 -13.28 -19.00 2.42
N LEU D 191 -14.29 -18.92 1.55
CA LEU D 191 -15.69 -18.82 1.93
C LEU D 191 -16.43 -20.09 1.52
N ALA D 192 -17.14 -20.69 2.48
CA ALA D 192 -17.88 -21.92 2.28
C ALA D 192 -19.35 -21.64 2.52
N MET D 193 -20.19 -21.98 1.55
CA MET D 193 -21.64 -21.85 1.69
C MET D 193 -22.29 -23.05 1.01
N ASP D 194 -23.62 -22.99 0.86
CA ASP D 194 -24.35 -24.06 0.20
C ASP D 194 -23.83 -24.31 -1.21
N CYS D 195 -23.46 -23.25 -1.94
CA CYS D 195 -22.95 -23.41 -3.30
C CYS D 195 -21.58 -24.09 -3.38
N GLY D 196 -20.91 -24.35 -2.26
CA GLY D 196 -19.58 -24.92 -2.30
C GLY D 196 -18.51 -24.00 -1.71
N VAL D 197 -17.24 -24.29 -1.98
CA VAL D 197 -16.13 -23.56 -1.39
C VAL D 197 -15.46 -22.70 -2.46
N ASN D 198 -15.27 -21.41 -2.16
CA ASN D 198 -14.65 -20.47 -3.08
C ASN D 198 -13.57 -19.67 -2.38
N CYS D 199 -12.49 -19.37 -3.12
CA CYS D 199 -11.26 -18.83 -2.57
C CYS D 199 -10.96 -17.50 -3.24
N PHE D 200 -10.71 -16.47 -2.42
CA PHE D 200 -10.51 -15.11 -2.89
C PHE D 200 -9.16 -14.59 -2.43
N MET D 201 -8.34 -14.13 -3.38
CA MET D 201 -7.01 -13.60 -3.06
C MET D 201 -7.15 -12.10 -2.87
N LEU D 202 -6.57 -11.58 -1.79
CA LEU D 202 -6.61 -10.15 -1.56
C LEU D 202 -5.53 -9.46 -2.40
N ASP D 203 -5.94 -8.55 -3.28
CA ASP D 203 -4.99 -7.73 -4.01
C ASP D 203 -4.70 -6.49 -3.20
N PRO D 204 -3.53 -6.39 -2.55
CA PRO D 204 -3.30 -5.25 -1.66
C PRO D 204 -3.15 -3.92 -2.41
N ALA D 205 -2.85 -3.93 -3.72
CA ALA D 205 -2.75 -2.68 -4.45
C ALA D 205 -4.09 -1.95 -4.56
N ILE D 206 -5.22 -2.66 -4.45
CA ILE D 206 -6.53 -2.04 -4.66
C ILE D 206 -7.54 -2.45 -3.60
N GLY D 207 -7.15 -3.33 -2.68
CA GLY D 207 -8.07 -3.69 -1.60
C GLY D 207 -9.32 -4.42 -2.04
N GLU D 208 -9.18 -5.37 -2.97
CA GLU D 208 -10.27 -6.23 -3.42
C GLU D 208 -9.85 -7.67 -3.27
N PHE D 209 -10.77 -8.49 -2.81
CA PHE D 209 -10.64 -9.94 -2.84
C PHE D 209 -11.01 -10.46 -4.24
N ILE D 210 -10.09 -11.10 -4.92
CA ILE D 210 -10.31 -11.57 -6.28
C ILE D 210 -10.61 -13.06 -6.25
N LEU D 211 -11.68 -13.47 -6.92
CA LEU D 211 -12.03 -14.88 -7.00
C LEU D 211 -10.99 -15.63 -7.83
N VAL D 212 -10.23 -16.51 -7.19
CA VAL D 212 -9.13 -17.18 -7.86
C VAL D 212 -9.32 -18.69 -7.96
N ASP D 213 -10.16 -19.31 -7.12
CA ASP D 213 -10.43 -20.74 -7.20
C ASP D 213 -11.89 -20.97 -6.87
N LYS D 214 -12.61 -21.62 -7.77
CA LYS D 214 -14.04 -21.78 -7.63
C LYS D 214 -14.42 -23.23 -7.36
N ASP D 215 -15.49 -23.39 -6.59
CA ASP D 215 -16.06 -24.69 -6.24
C ASP D 215 -14.95 -25.70 -5.98
N VAL D 216 -14.12 -25.37 -5.00
CA VAL D 216 -12.91 -26.12 -4.73
C VAL D 216 -13.26 -27.45 -4.07
N LYS D 217 -12.50 -28.50 -4.39
CA LYS D 217 -12.72 -29.83 -3.86
C LYS D 217 -11.40 -30.44 -3.42
N ILE D 218 -11.42 -31.13 -2.26
CA ILE D 218 -10.19 -31.72 -1.74
C ILE D 218 -9.90 -32.99 -2.50
N LYS D 219 -8.63 -33.36 -2.61
CA LYS D 219 -8.31 -34.61 -3.27
C LYS D 219 -8.67 -35.78 -2.35
N LYS D 220 -8.94 -36.93 -2.97
CA LYS D 220 -9.51 -38.05 -2.22
C LYS D 220 -8.54 -38.59 -1.18
N LYS D 221 -7.26 -38.60 -1.49
CA LYS D 221 -6.23 -39.11 -0.59
C LYS D 221 -4.97 -38.29 -0.79
N GLY D 222 -4.32 -37.91 0.31
CA GLY D 222 -3.14 -37.09 0.28
C GLY D 222 -1.89 -37.85 0.64
N LYS D 223 -0.79 -37.09 0.75
CA LYS D 223 0.50 -37.66 1.13
C LYS D 223 1.17 -36.89 2.26
N ILE D 224 0.41 -36.14 3.06
CA ILE D 224 0.96 -35.38 4.18
C ILE D 224 0.11 -35.64 5.41
N TYR D 225 0.76 -35.79 6.57
CA TYR D 225 0.07 -35.79 7.86
C TYR D 225 0.60 -34.67 8.73
N SER D 226 -0.28 -34.17 9.61
CA SER D 226 -0.04 -32.90 10.30
C SER D 226 -0.53 -32.99 11.74
N LEU D 227 0.41 -33.03 12.69
CA LEU D 227 0.08 -32.96 14.12
C LEU D 227 1.37 -32.67 14.89
N ASN D 228 1.22 -32.30 16.15
CA ASN D 228 2.36 -32.04 17.02
C ASN D 228 2.86 -33.36 17.60
N GLU D 229 3.92 -33.92 17.00
CA GLU D 229 4.48 -35.18 17.47
C GLU D 229 5.31 -35.03 18.75
N GLY D 230 5.60 -33.81 19.17
CA GLY D 230 6.33 -33.61 20.41
C GLY D 230 5.63 -34.16 21.63
N TYR D 231 4.30 -34.27 21.59
CA TYR D 231 3.51 -34.84 22.68
C TYR D 231 3.19 -36.32 22.46
N ALA D 232 4.10 -37.06 21.81
CA ALA D 232 3.83 -38.45 21.46
C ALA D 232 3.68 -39.34 22.69
N LYS D 233 4.36 -39.00 23.79
CA LYS D 233 4.27 -39.79 25.02
C LYS D 233 2.85 -39.79 25.59
N ASP D 234 2.05 -38.77 25.26
CA ASP D 234 0.68 -38.69 25.74
C ASP D 234 -0.33 -39.06 24.66
N PHE D 235 0.13 -39.59 23.52
CA PHE D 235 -0.76 -39.93 22.42
C PHE D 235 -1.74 -41.02 22.84
N ASP D 236 -2.98 -40.86 22.40
CA ASP D 236 -3.90 -41.97 22.40
C ASP D 236 -3.30 -43.13 21.60
N PRO D 237 -3.43 -44.38 22.06
CA PRO D 237 -2.83 -45.50 21.33
C PRO D 237 -3.31 -45.62 19.89
N ALA D 238 -4.54 -45.20 19.60
CA ALA D 238 -5.03 -45.20 18.22
C ALA D 238 -4.32 -44.17 17.36
N VAL D 239 -3.94 -43.03 17.93
CA VAL D 239 -3.16 -42.06 17.18
C VAL D 239 -1.73 -42.54 17.00
N THR D 240 -1.18 -43.23 18.02
CA THR D 240 0.15 -43.80 17.88
C THR D 240 0.21 -44.77 16.69
N GLU D 241 -0.79 -45.64 16.58
CA GLU D 241 -0.75 -46.63 15.50
C GLU D 241 -0.95 -45.98 14.15
N TYR D 242 -1.84 -45.00 14.05
CA TYR D 242 -2.08 -44.39 12.74
C TYR D 242 -0.87 -43.59 12.28
N ILE D 243 -0.15 -42.94 13.21
CA ILE D 243 1.05 -42.21 12.80
C ILE D 243 2.15 -43.18 12.38
N GLN D 244 2.24 -44.33 13.05
CA GLN D 244 3.27 -45.30 12.67
C GLN D 244 3.03 -45.80 11.24
N ARG D 245 1.78 -46.03 10.86
CA ARG D 245 1.48 -46.48 9.51
C ARG D 245 1.90 -45.44 8.49
N LYS D 246 1.75 -44.15 8.83
CA LYS D 246 2.18 -43.09 7.93
C LYS D 246 3.68 -43.16 7.68
N LYS D 247 4.47 -43.37 8.74
CA LYS D 247 5.92 -43.36 8.65
C LYS D 247 6.51 -44.72 8.27
N PHE D 248 5.80 -45.80 8.56
CA PHE D 248 6.25 -47.16 8.26
C PHE D 248 5.10 -47.91 7.60
N PRO D 249 4.81 -47.60 6.34
CA PRO D 249 3.66 -48.22 5.68
C PRO D 249 3.82 -49.72 5.63
N PRO D 250 2.77 -50.47 5.96
CA PRO D 250 2.89 -51.94 6.04
C PRO D 250 2.87 -52.63 4.67
N ASP D 251 2.71 -51.88 3.59
CA ASP D 251 2.69 -52.43 2.24
C ASP D 251 3.88 -51.95 1.40
N ASN D 252 4.92 -51.44 2.04
CA ASN D 252 6.08 -50.83 1.40
C ASN D 252 5.70 -49.69 0.45
N SER D 253 4.55 -49.06 0.63
CA SER D 253 4.26 -47.83 -0.09
C SER D 253 5.12 -46.69 0.45
N ALA D 254 5.10 -45.56 -0.27
CA ALA D 254 5.93 -44.42 0.13
C ALA D 254 5.40 -43.79 1.41
N PRO D 255 6.25 -43.54 2.40
CA PRO D 255 5.78 -42.89 3.63
C PRO D 255 5.30 -41.47 3.37
N TYR D 256 4.33 -41.02 4.18
CA TYR D 256 3.82 -39.67 4.08
C TYR D 256 4.86 -38.67 4.56
N GLY D 257 4.86 -37.49 3.94
CA GLY D 257 5.61 -36.38 4.48
C GLY D 257 4.87 -35.73 5.65
N ALA D 258 5.61 -34.99 6.46
CA ALA D 258 5.06 -34.36 7.66
C ALA D 258 5.17 -32.85 7.57
N ARG D 259 4.10 -32.16 7.97
CA ARG D 259 4.10 -30.70 8.07
C ARG D 259 3.28 -30.31 9.29
N TYR D 260 3.78 -29.39 10.12
CA TYR D 260 2.98 -28.88 11.23
C TYR D 260 3.39 -27.43 11.50
N VAL D 261 2.60 -26.50 10.99
CA VAL D 261 2.95 -25.09 11.16
C VAL D 261 2.69 -24.64 12.59
N GLY D 262 1.72 -25.28 13.27
CA GLY D 262 1.31 -24.86 14.59
C GLY D 262 0.26 -23.79 14.57
N SER D 263 -0.14 -23.32 13.39
CA SER D 263 -1.24 -22.38 13.23
C SER D 263 -2.33 -23.12 12.47
N MET D 264 -3.48 -23.30 13.12
CA MET D 264 -4.51 -24.17 12.55
C MET D 264 -4.94 -23.71 11.17
N VAL D 265 -5.11 -22.40 10.99
CA VAL D 265 -5.58 -21.93 9.69
C VAL D 265 -4.59 -22.34 8.59
N ALA D 266 -3.28 -22.15 8.84
CA ALA D 266 -2.29 -22.51 7.83
C ALA D 266 -2.27 -24.02 7.57
N ASP D 267 -2.37 -24.83 8.62
CA ASP D 267 -2.34 -26.28 8.43
C ASP D 267 -3.60 -26.78 7.74
N VAL D 268 -4.75 -26.20 8.06
CA VAL D 268 -5.98 -26.65 7.41
C VAL D 268 -6.02 -26.18 5.96
N HIS D 269 -5.47 -24.99 5.67
CA HIS D 269 -5.47 -24.54 4.28
C HIS D 269 -4.55 -25.39 3.42
N ARG D 270 -3.40 -25.81 3.96
CA ARG D 270 -2.55 -26.73 3.22
C ARG D 270 -3.27 -28.04 2.97
N THR D 271 -3.98 -28.55 3.99
CA THR D 271 -4.73 -29.79 3.83
C THR D 271 -5.79 -29.67 2.74
N LEU D 272 -6.50 -28.53 2.70
CA LEU D 272 -7.47 -28.31 1.64
C LEU D 272 -6.79 -28.25 0.27
N VAL D 273 -5.61 -27.64 0.22
CA VAL D 273 -4.97 -27.37 -1.06
C VAL D 273 -4.20 -28.57 -1.56
N TYR D 274 -3.48 -29.26 -0.67
CA TYR D 274 -2.62 -30.37 -1.08
C TYR D 274 -3.17 -31.74 -0.73
N GLY D 275 -4.29 -31.80 -0.01
CA GLY D 275 -4.80 -33.05 0.49
C GLY D 275 -4.04 -33.50 1.72
N GLY D 276 -4.54 -34.58 2.32
CA GLY D 276 -3.91 -35.18 3.48
C GLY D 276 -4.80 -35.11 4.71
N ILE D 277 -4.16 -35.08 5.87
CA ILE D 277 -4.89 -35.18 7.13
C ILE D 277 -4.25 -34.27 8.17
N PHE D 278 -5.10 -33.65 8.98
CA PHE D 278 -4.71 -32.76 10.07
C PHE D 278 -5.37 -33.29 11.34
N LEU D 279 -4.60 -33.40 12.41
CA LEU D 279 -5.06 -34.05 13.64
C LEU D 279 -4.79 -33.16 14.83
N TYR D 280 -5.83 -32.89 15.62
CA TYR D 280 -5.66 -32.41 16.99
C TYR D 280 -6.57 -33.25 17.87
N PRO D 281 -6.18 -34.49 18.12
CA PRO D 281 -7.08 -35.48 18.73
C PRO D 281 -7.11 -35.37 20.25
N ALA D 282 -7.99 -36.17 20.84
CA ALA D 282 -8.01 -36.28 22.29
C ALA D 282 -6.83 -37.11 22.77
N ASN D 283 -6.22 -36.69 23.88
CA ASN D 283 -5.30 -37.56 24.57
C ASN D 283 -5.89 -37.87 25.96
N LYS D 284 -5.06 -38.34 26.88
CA LYS D 284 -5.60 -38.68 28.19
C LYS D 284 -5.53 -37.53 29.17
N LYS D 285 -4.51 -36.67 29.07
CA LYS D 285 -4.53 -35.45 29.85
C LYS D 285 -5.49 -34.41 29.28
N SER D 286 -5.91 -34.57 28.02
CA SER D 286 -6.84 -33.66 27.35
C SER D 286 -8.02 -34.47 26.84
N PRO D 287 -9.04 -34.68 27.68
CA PRO D 287 -10.14 -35.59 27.31
C PRO D 287 -10.82 -35.25 25.99
N ASN D 288 -11.06 -33.99 25.70
CA ASN D 288 -11.75 -33.63 24.47
C ASN D 288 -10.92 -32.68 23.61
N GLY D 289 -9.62 -32.92 23.56
CA GLY D 289 -8.78 -32.13 22.68
C GLY D 289 -8.58 -30.73 23.20
N LYS D 290 -8.02 -29.89 22.33
CA LYS D 290 -7.69 -28.52 22.71
C LYS D 290 -8.43 -27.45 21.91
N LEU D 291 -8.64 -27.68 20.61
CA LEU D 291 -9.28 -26.66 19.79
C LEU D 291 -10.75 -26.49 20.18
N ARG D 292 -11.26 -25.28 19.96
CA ARG D 292 -12.61 -24.91 20.40
C ARG D 292 -13.66 -25.27 19.35
N LEU D 293 -14.77 -25.85 19.81
CA LEU D 293 -15.77 -26.39 18.89
C LEU D 293 -16.42 -25.29 18.04
N LEU D 294 -16.84 -24.19 18.67
CA LEU D 294 -17.78 -23.28 18.01
C LEU D 294 -17.11 -22.46 16.91
N TYR D 295 -15.89 -21.96 17.16
CA TYR D 295 -15.25 -21.00 16.28
C TYR D 295 -13.89 -21.47 15.78
N GLU D 296 -13.52 -22.73 16.04
CA GLU D 296 -12.35 -23.34 15.40
C GLU D 296 -12.72 -24.60 14.64
N CYS D 297 -13.19 -25.66 15.32
CA CYS D 297 -13.44 -26.94 14.67
C CYS D 297 -14.63 -26.86 13.71
N ASN D 298 -15.75 -26.28 14.15
CA ASN D 298 -16.96 -26.27 13.33
C ASN D 298 -16.76 -25.57 11.99
N PRO D 299 -16.28 -24.32 11.92
CA PRO D 299 -16.04 -23.72 10.59
C PRO D 299 -15.11 -24.56 9.73
N MET D 300 -14.01 -25.07 10.30
CA MET D 300 -13.09 -25.85 9.47
C MET D 300 -13.75 -27.13 8.96
N ALA D 301 -14.57 -27.77 9.80
CA ALA D 301 -15.29 -28.97 9.38
C ALA D 301 -16.31 -28.66 8.29
N TYR D 302 -16.94 -27.49 8.36
CA TYR D 302 -17.91 -27.11 7.35
C TYR D 302 -17.22 -26.88 6.01
N VAL D 303 -16.04 -26.24 6.03
CA VAL D 303 -15.30 -26.04 4.79
C VAL D 303 -14.89 -27.38 4.19
N MET D 304 -14.34 -28.26 5.03
CA MET D 304 -13.91 -29.58 4.57
C MET D 304 -15.08 -30.35 3.95
N GLU D 305 -16.24 -30.37 4.62
CA GLU D 305 -17.34 -31.17 4.08
C GLU D 305 -17.85 -30.61 2.77
N LYS D 306 -18.04 -29.29 2.70
CA LYS D 306 -18.45 -28.69 1.43
C LYS D 306 -17.43 -28.92 0.31
N ALA D 307 -16.20 -29.30 0.65
CA ALA D 307 -15.14 -29.56 -0.32
C ALA D 307 -14.97 -31.06 -0.60
N GLY D 308 -15.88 -31.90 -0.12
CA GLY D 308 -15.73 -33.33 -0.25
C GLY D 308 -14.72 -33.96 0.69
N GLY D 309 -14.35 -33.27 1.76
CA GLY D 309 -13.49 -33.83 2.79
C GLY D 309 -14.30 -34.31 3.98
N MET D 310 -13.59 -34.61 5.07
CA MET D 310 -14.24 -35.11 6.26
C MET D 310 -13.62 -34.49 7.50
N ALA D 311 -14.35 -34.60 8.60
CA ALA D 311 -13.91 -34.04 9.87
C ALA D 311 -14.63 -34.78 10.98
N THR D 312 -13.88 -35.47 11.82
CA THR D 312 -14.46 -36.29 12.88
C THR D 312 -13.82 -35.95 14.21
N THR D 313 -14.55 -36.25 15.29
CA THR D 313 -13.95 -36.25 16.61
C THR D 313 -13.28 -37.58 16.93
N GLY D 314 -13.46 -38.58 16.07
CA GLY D 314 -13.12 -39.95 16.38
C GLY D 314 -14.38 -40.79 16.56
N LYS D 315 -15.39 -40.22 17.22
CA LYS D 315 -16.65 -40.90 17.51
C LYS D 315 -17.81 -40.43 16.65
N GLU D 316 -17.79 -39.19 16.16
CA GLU D 316 -18.85 -38.68 15.30
C GLU D 316 -18.33 -37.50 14.49
N ALA D 317 -19.16 -37.07 13.54
CA ALA D 317 -18.81 -35.89 12.75
C ALA D 317 -18.81 -34.65 13.63
N VAL D 318 -17.81 -33.78 13.42
CA VAL D 318 -17.71 -32.56 14.21
C VAL D 318 -18.99 -31.75 14.13
N LEU D 319 -19.58 -31.68 12.92
CA LEU D 319 -20.77 -30.89 12.67
C LEU D 319 -22.02 -31.44 13.34
N ASP D 320 -21.95 -32.65 13.90
CA ASP D 320 -23.07 -33.27 14.61
C ASP D 320 -23.04 -33.06 16.11
N VAL D 321 -21.89 -32.67 16.67
CA VAL D 321 -21.81 -32.43 18.10
C VAL D 321 -22.77 -31.31 18.49
N ILE D 322 -23.57 -31.56 19.51
CA ILE D 322 -24.46 -30.55 20.07
C ILE D 322 -23.71 -29.87 21.22
N PRO D 323 -23.31 -28.62 21.08
CA PRO D 323 -22.55 -27.97 22.15
C PRO D 323 -23.43 -27.59 23.33
N THR D 324 -22.83 -27.65 24.51
CA THR D 324 -23.45 -27.14 25.73
C THR D 324 -22.75 -25.91 26.30
N ASP D 325 -21.52 -25.62 25.87
CA ASP D 325 -20.80 -24.45 26.34
C ASP D 325 -20.14 -23.76 25.15
N ILE D 326 -20.32 -22.44 25.04
CA ILE D 326 -19.79 -21.74 23.85
C ILE D 326 -18.27 -21.86 23.72
N HIS D 327 -17.56 -22.19 24.80
CA HIS D 327 -16.11 -22.31 24.72
C HIS D 327 -15.63 -23.75 24.89
N GLN D 328 -16.49 -24.73 24.61
CA GLN D 328 -16.12 -26.11 24.85
C GLN D 328 -15.16 -26.60 23.78
N ARG D 329 -14.28 -27.51 24.17
CA ARG D 329 -13.27 -28.03 23.27
C ARG D 329 -13.79 -29.28 22.57
N ALA D 330 -13.16 -29.61 21.45
CA ALA D 330 -13.50 -30.83 20.71
C ALA D 330 -12.25 -31.37 20.05
N PRO D 331 -12.02 -32.69 20.10
CA PRO D 331 -11.00 -33.29 19.25
C PRO D 331 -11.40 -33.15 17.79
N VAL D 332 -10.40 -33.11 16.90
CA VAL D 332 -10.66 -32.90 15.48
C VAL D 332 -9.64 -33.68 14.65
N ILE D 333 -10.14 -34.46 13.69
CA ILE D 333 -9.33 -35.12 12.68
C ILE D 333 -10.03 -34.84 11.36
N LEU D 334 -9.32 -34.20 10.43
CA LEU D 334 -9.97 -33.76 9.21
C LEU D 334 -9.01 -33.87 8.04
N GLY D 335 -9.58 -33.80 6.84
CA GLY D 335 -8.79 -33.82 5.62
C GLY D 335 -9.38 -34.69 4.54
N SER D 336 -8.50 -35.21 3.69
CA SER D 336 -8.91 -36.05 2.58
C SER D 336 -9.74 -37.23 3.09
N PRO D 337 -10.77 -37.66 2.36
CA PRO D 337 -11.67 -38.65 2.95
C PRO D 337 -11.03 -40.02 3.17
N ASP D 338 -10.25 -40.54 2.21
CA ASP D 338 -9.62 -41.84 2.43
C ASP D 338 -8.65 -41.79 3.60
N ASP D 339 -8.05 -40.64 3.88
CA ASP D 339 -7.14 -40.56 5.02
C ASP D 339 -7.90 -40.52 6.34
N VAL D 340 -9.03 -39.81 6.40
CA VAL D 340 -9.82 -39.83 7.63
C VAL D 340 -10.44 -41.21 7.85
N LEU D 341 -10.82 -41.91 6.76
CA LEU D 341 -11.39 -43.25 6.90
C LEU D 341 -10.37 -44.24 7.47
N GLU D 342 -9.14 -44.19 6.96
CA GLU D 342 -8.11 -45.08 7.49
C GLU D 342 -7.86 -44.80 8.97
N PHE D 343 -7.84 -43.53 9.36
CA PHE D 343 -7.71 -43.21 10.78
C PHE D 343 -8.86 -43.83 11.57
N LEU D 344 -10.09 -43.66 11.10
CA LEU D 344 -11.26 -44.15 11.84
C LEU D 344 -11.21 -45.66 12.02
N LYS D 345 -10.78 -46.39 10.98
CA LYS D 345 -10.70 -47.84 11.10
C LYS D 345 -9.67 -48.25 12.15
N VAL D 346 -8.49 -47.63 12.13
CA VAL D 346 -7.54 -47.82 13.22
C VAL D 346 -8.16 -47.44 14.55
N TYR D 347 -8.96 -46.37 14.57
CA TYR D 347 -9.50 -45.86 15.83
C TYR D 347 -10.55 -46.82 16.40
N GLU D 348 -11.50 -47.24 15.57
CA GLU D 348 -12.53 -48.17 16.02
C GLU D 348 -11.95 -49.53 16.37
N LYS D 349 -10.80 -49.89 15.81
CA LYS D 349 -10.13 -51.13 16.20
C LYS D 349 -9.69 -51.08 17.66
N HIS D 350 -9.23 -49.92 18.11
CA HIS D 350 -8.79 -49.72 19.49
C HIS D 350 -9.92 -49.33 20.43
N SER D 351 -11.16 -49.29 19.94
CA SER D 351 -12.31 -48.94 20.78
C SER D 351 -13.13 -50.20 21.06
#